data_1HW8
#
_entry.id   1HW8
#
_cell.length_a   73.827
_cell.length_b   173.003
_cell.length_c   75.177
_cell.angle_alpha   90.00
_cell.angle_beta   118.38
_cell.angle_gamma   90.00
#
_symmetry.space_group_name_H-M   'P 1 21 1'
#
loop_
_entity.id
_entity.type
_entity.pdbx_description
1 polymer 'HMG-COA REDUCTASE'
2 non-polymer '(3R,5R)-3,5-dihydroxy-7-[(1S,2S,8S,8aR)-2-methyl-8-{[(2S)-2-methylbutanoyl]oxy}-1,2,6,7,8,8a-hexahydronaphthalen-1-yl]h eptanoic acid'
3 non-polymer "ADENOSINE-5'-DIPHOSPHATE"
4 water water
#
_entity_poly.entity_id   1
_entity_poly.type   'polypeptide(L)'
_entity_poly.pdbx_seq_one_letter_code
;GAMASSVLVTQEPEIELPREPRPNEECLQILGNAEKGAKFLSDAEIIQLVNAKHIPAYKLETLIETHERGVSIRRQLLSK
KLSEPSSLQYLPYRDYNYSLVMGACCENVIGYMPIPVGVAGPLCLDEKEFQVPMATTEGCLVASTNRGCRAIGLGGGASS
RVLADGMTRGPVVRLPRACDSAEVKAWLETSEGFAVIKEAFDSTSRFARLQKLHTSIAGRNLYIRFQSRSGDAMGMNMIS
KGTEKALSKLHEYFPEMQILAVSGNYCTDKKPAAINWIEGRGKSVVCEAVIPAKVVREVLKTTTEAMIEVNINKNLVGSA
MAGSIGGYNAHAANIVTAIYIACGQDAAQNVGSSNCITLMEASGPTNEDLYISCTMPSIEIGTVGGGTNLLPQQACLQML
GVQGACKDNPGENARQLARIVCGTVMAGELSLMAALAAGHLVKSHMIHNRSKINLQDLQGACTKKTA
;
_entity_poly.pdbx_strand_id   A,B,C,D
#
# COMPACT_ATOMS: atom_id res chain seq x y z
N GLU A 20 47.89 26.14 -32.42
CA GLU A 20 48.49 26.99 -31.35
C GLU A 20 48.93 26.24 -30.08
N PRO A 21 48.25 25.12 -29.71
CA PRO A 21 48.62 24.36 -28.51
C PRO A 21 50.04 23.83 -28.49
N ARG A 22 50.84 24.32 -27.55
CA ARG A 22 52.22 23.88 -27.39
C ARG A 22 52.28 22.58 -26.59
N PRO A 23 53.39 21.82 -26.71
CA PRO A 23 53.60 20.54 -26.02
C PRO A 23 53.18 20.46 -24.55
N ASN A 24 52.94 19.24 -24.10
CA ASN A 24 52.52 18.95 -22.74
C ASN A 24 53.56 19.29 -21.67
N GLU A 25 54.82 18.97 -21.91
CA GLU A 25 55.86 19.26 -20.92
C GLU A 25 55.95 20.77 -20.69
N GLU A 26 55.62 21.54 -21.72
CA GLU A 26 55.65 22.99 -21.62
C GLU A 26 54.40 23.52 -20.92
N CYS A 27 53.31 22.75 -20.98
CA CYS A 27 52.03 23.12 -20.36
C CYS A 27 51.93 22.68 -18.88
N LEU A 41 47.36 28.74 -19.27
CA LEU A 41 47.09 27.89 -20.43
C LEU A 41 45.79 28.29 -21.12
N SER A 42 45.62 27.82 -22.36
CA SER A 42 44.41 28.11 -23.14
C SER A 42 43.45 26.93 -22.92
N ASP A 43 42.22 27.05 -23.44
CA ASP A 43 41.26 25.94 -23.28
C ASP A 43 41.76 24.70 -24.00
N ALA A 44 42.23 24.88 -25.23
CA ALA A 44 42.75 23.77 -26.03
C ALA A 44 43.91 23.07 -25.35
N GLU A 45 44.75 23.84 -24.65
CA GLU A 45 45.91 23.28 -23.95
C GLU A 45 45.50 22.44 -22.74
N ILE A 46 44.55 22.94 -21.95
CA ILE A 46 44.06 22.19 -20.79
C ILE A 46 43.35 20.91 -21.26
N ILE A 47 42.54 21.02 -22.31
CA ILE A 47 41.83 19.88 -22.88
C ILE A 47 42.84 18.84 -23.39
N GLN A 48 43.83 19.31 -24.14
CA GLN A 48 44.88 18.45 -24.68
C GLN A 48 45.62 17.75 -23.56
N LEU A 49 45.82 18.49 -22.46
CA LEU A 49 46.51 17.98 -21.29
C LEU A 49 45.66 16.94 -20.58
N VAL A 50 44.36 17.22 -20.46
CA VAL A 50 43.42 16.30 -19.81
C VAL A 50 43.36 14.93 -20.49
N ASN A 51 43.13 14.92 -21.81
CA ASN A 51 43.05 13.67 -22.56
C ASN A 51 44.34 12.87 -22.49
N PRO A 56 40.82 13.75 -15.53
CA PRO A 56 39.73 13.24 -14.71
C PRO A 56 38.35 13.70 -15.18
N ALA A 57 38.23 14.99 -15.46
CA ALA A 57 36.99 15.64 -15.90
C ALA A 57 36.18 16.08 -14.69
N TYR A 58 36.15 15.26 -13.65
CA TYR A 58 35.42 15.60 -12.44
C TYR A 58 36.34 16.27 -11.41
N LYS A 59 37.62 16.39 -11.75
CA LYS A 59 38.59 17.02 -10.88
C LYS A 59 39.11 18.32 -11.49
N LEU A 60 38.34 18.88 -12.40
CA LEU A 60 38.73 20.11 -13.08
C LEU A 60 38.81 21.37 -12.21
N GLU A 61 38.02 21.45 -11.15
CA GLU A 61 38.11 22.64 -10.32
C GLU A 61 39.38 22.68 -9.47
N THR A 62 39.86 21.51 -9.07
CA THR A 62 41.08 21.45 -8.25
C THR A 62 42.33 21.62 -9.12
N LEU A 63 42.12 22.04 -10.37
CA LEU A 63 43.22 22.24 -11.30
C LEU A 63 43.13 23.61 -11.98
N ILE A 64 41.91 23.98 -12.40
CA ILE A 64 41.65 25.25 -13.09
C ILE A 64 41.53 26.50 -12.20
N GLU A 65 41.70 27.65 -12.82
CA GLU A 65 41.63 28.98 -12.19
C GLU A 65 40.36 29.21 -11.37
N THR A 66 39.24 29.41 -12.04
CA THR A 66 37.97 29.67 -11.37
C THR A 66 36.95 28.53 -11.53
N HIS A 67 35.78 28.70 -10.93
CA HIS A 67 34.72 27.70 -10.99
C HIS A 67 34.06 27.64 -12.36
N GLU A 68 33.67 28.79 -12.88
CA GLU A 68 33.02 28.86 -14.18
C GLU A 68 33.90 28.28 -15.31
N ARG A 69 35.22 28.40 -15.19
CA ARG A 69 36.12 27.87 -16.21
C ARG A 69 36.17 26.36 -16.16
N GLY A 70 36.17 25.79 -14.97
CA GLY A 70 36.19 24.34 -14.83
C GLY A 70 34.96 23.75 -15.51
N VAL A 71 33.82 24.41 -15.31
CA VAL A 71 32.56 23.97 -15.91
C VAL A 71 32.64 24.11 -17.43
N SER A 72 33.18 25.23 -17.89
CA SER A 72 33.31 25.46 -19.33
C SER A 72 34.19 24.38 -19.97
N ILE A 73 35.28 24.04 -19.29
CA ILE A 73 36.18 23.02 -19.79
C ILE A 73 35.48 21.64 -19.77
N ARG A 74 34.69 21.39 -18.73
CA ARG A 74 33.97 20.12 -18.60
C ARG A 74 32.99 19.94 -19.77
N ARG A 75 32.30 21.03 -20.13
CA ARG A 75 31.36 21.02 -21.25
C ARG A 75 32.04 20.76 -22.59
N GLN A 76 33.24 21.32 -22.78
CA GLN A 76 33.96 21.10 -24.05
C GLN A 76 34.40 19.64 -24.18
N LEU A 77 34.87 19.06 -23.08
CA LEU A 77 35.28 17.66 -23.06
C LEU A 77 34.06 16.77 -23.36
N LEU A 78 32.93 17.09 -22.75
CA LEU A 78 31.69 16.33 -22.91
C LEU A 78 31.12 16.38 -24.33
N SER A 79 31.17 17.56 -24.95
CA SER A 79 30.66 17.74 -26.30
C SER A 79 31.25 16.76 -27.30
N LYS A 80 32.55 16.50 -27.18
CA LYS A 80 33.26 15.55 -28.06
C LYS A 80 32.60 14.18 -27.99
N LYS A 81 32.08 13.82 -26.81
CA LYS A 81 31.44 12.54 -26.58
C LYS A 81 29.97 12.43 -26.99
N LEU A 82 29.41 13.48 -27.59
CA LEU A 82 28.00 13.44 -27.97
C LEU A 82 27.76 13.18 -29.44
N SER A 83 26.72 12.40 -29.74
CA SER A 83 26.35 12.10 -31.13
C SER A 83 26.01 13.43 -31.82
N GLU A 84 25.55 14.38 -31.01
CA GLU A 84 25.22 15.72 -31.45
C GLU A 84 26.06 16.68 -30.59
N PRO A 85 27.24 17.08 -31.09
CA PRO A 85 28.19 17.97 -30.40
C PRO A 85 27.64 19.30 -29.86
N SER A 86 26.64 19.88 -30.52
CA SER A 86 26.09 21.14 -30.04
C SER A 86 24.85 21.03 -29.14
N SER A 87 24.65 19.86 -28.52
CA SER A 87 23.53 19.64 -27.61
C SER A 87 23.47 20.68 -26.50
N LEU A 88 24.65 21.01 -25.94
CA LEU A 88 24.79 21.95 -24.82
C LEU A 88 24.66 23.46 -25.07
N GLN A 89 24.58 23.89 -26.32
CA GLN A 89 24.47 25.32 -26.68
C GLN A 89 23.43 26.07 -25.85
N TYR A 90 22.27 25.44 -25.64
CA TYR A 90 21.20 26.06 -24.89
C TYR A 90 21.09 25.68 -23.40
N LEU A 91 22.05 24.91 -22.90
CA LEU A 91 22.08 24.56 -21.47
C LEU A 91 22.92 25.69 -20.84
N PRO A 92 22.28 26.56 -20.05
CA PRO A 92 23.02 27.67 -19.42
C PRO A 92 24.04 27.27 -18.34
N TYR A 93 25.04 28.13 -18.14
CA TYR A 93 26.10 27.88 -17.15
C TYR A 93 26.79 29.15 -16.64
N ARG A 94 26.77 30.21 -17.44
CA ARG A 94 27.43 31.46 -17.05
C ARG A 94 26.76 32.33 -15.99
N ASP A 95 27.58 33.09 -15.28
CA ASP A 95 27.12 34.02 -14.26
C ASP A 95 26.42 33.38 -13.06
N TYR A 96 26.66 32.08 -12.86
CA TYR A 96 26.06 31.37 -11.73
C TYR A 96 27.08 31.21 -10.60
N ASN A 97 26.62 31.26 -9.35
CA ASN A 97 27.50 31.11 -8.19
C ASN A 97 27.80 29.65 -7.86
N TYR A 98 28.81 29.09 -8.52
CA TYR A 98 29.17 27.70 -8.29
C TYR A 98 29.91 27.44 -6.97
N SER A 99 30.37 28.51 -6.31
CA SER A 99 31.11 28.33 -5.07
C SER A 99 30.30 27.60 -3.97
N LEU A 100 29.00 27.87 -3.89
CA LEU A 100 28.15 27.22 -2.89
C LEU A 100 27.73 25.80 -3.32
N VAL A 101 27.84 25.51 -4.61
CA VAL A 101 27.48 24.22 -5.18
C VAL A 101 28.57 23.15 -5.13
N MET A 102 29.76 23.51 -5.59
CA MET A 102 30.90 22.59 -5.63
C MET A 102 31.16 21.95 -4.30
N GLY A 103 31.25 20.61 -4.32
CA GLY A 103 31.51 19.85 -3.11
C GLY A 103 30.52 20.07 -1.98
N ALA A 104 29.23 20.17 -2.31
CA ALA A 104 28.18 20.38 -1.31
C ALA A 104 26.80 19.98 -1.80
N CYS A 105 26.49 20.32 -3.06
CA CYS A 105 25.17 20.01 -3.62
C CYS A 105 25.14 19.21 -4.91
N CYS A 106 26.25 19.20 -5.66
CA CYS A 106 26.28 18.50 -6.95
C CYS A 106 27.73 18.25 -7.39
N GLU A 107 27.94 17.21 -8.21
CA GLU A 107 29.28 16.89 -8.71
C GLU A 107 29.23 16.82 -10.24
N ASN A 108 30.40 16.91 -10.88
CA ASN A 108 30.52 16.89 -12.35
C ASN A 108 29.61 17.90 -13.00
N VAL A 109 29.58 19.10 -12.44
CA VAL A 109 28.72 20.17 -12.91
C VAL A 109 29.02 20.67 -14.33
N ILE A 110 27.98 20.72 -15.15
CA ILE A 110 28.10 21.21 -16.52
C ILE A 110 27.19 22.40 -16.75
N GLY A 111 26.50 22.84 -15.69
CA GLY A 111 25.61 23.99 -15.82
C GLY A 111 24.46 23.95 -14.82
N TYR A 112 23.37 24.63 -15.16
CA TYR A 112 22.18 24.66 -14.32
C TYR A 112 20.90 24.61 -15.16
N MET A 113 19.84 24.10 -14.56
CA MET A 113 18.55 23.98 -15.23
C MET A 113 17.57 24.99 -14.67
N PRO A 114 17.19 26.02 -15.46
CA PRO A 114 16.23 27.02 -14.97
C PRO A 114 14.81 26.44 -14.92
N ILE A 115 14.15 26.53 -13.76
CA ILE A 115 12.77 26.07 -13.63
C ILE A 115 11.95 27.34 -13.34
N PRO A 116 10.94 27.64 -14.18
CA PRO A 116 10.10 28.83 -13.98
C PRO A 116 9.49 28.84 -12.57
N VAL A 117 9.46 30.02 -11.95
CA VAL A 117 8.89 30.20 -10.62
C VAL A 117 7.72 31.18 -10.69
N GLY A 118 6.56 30.72 -10.21
CA GLY A 118 5.37 31.56 -10.19
C GLY A 118 4.98 31.74 -8.75
N VAL A 119 4.04 32.65 -8.48
CA VAL A 119 3.61 32.88 -7.11
C VAL A 119 2.11 32.76 -6.96
N ALA A 120 1.70 32.12 -5.87
CA ALA A 120 0.27 31.94 -5.56
C ALA A 120 0.02 32.59 -4.20
N GLY A 121 -1.03 33.38 -4.13
CA GLY A 121 -1.33 34.02 -2.86
C GLY A 121 -2.17 35.29 -3.05
N PRO A 122 -2.48 35.99 -1.96
CA PRO A 122 -2.04 35.60 -0.60
C PRO A 122 -2.77 34.39 -0.04
N LEU A 123 -2.03 33.55 0.69
CA LEU A 123 -2.62 32.40 1.34
C LEU A 123 -2.86 32.86 2.79
N CYS A 124 -4.12 33.04 3.15
CA CYS A 124 -4.47 33.49 4.49
C CYS A 124 -4.47 32.28 5.43
N LEU A 125 -3.40 32.17 6.21
CA LEU A 125 -3.19 31.05 7.11
C LEU A 125 -2.81 31.46 8.53
N ASP A 126 -3.60 31.00 9.50
CA ASP A 126 -3.37 31.32 10.90
C ASP A 126 -3.18 32.83 11.14
N GLU A 127 -4.08 33.62 10.53
CA GLU A 127 -4.07 35.07 10.65
C GLU A 127 -2.87 35.78 10.01
N LYS A 128 -2.13 35.07 9.16
CA LYS A 128 -1.00 35.66 8.44
C LYS A 128 -1.29 35.52 6.95
N GLU A 129 -0.56 36.26 6.12
CA GLU A 129 -0.75 36.20 4.68
C GLU A 129 0.58 35.79 4.06
N PHE A 130 0.57 34.75 3.24
CA PHE A 130 1.79 34.28 2.60
C PHE A 130 1.73 34.34 1.08
N GLN A 131 2.88 34.64 0.46
CA GLN A 131 3.01 34.69 -0.99
C GLN A 131 3.87 33.45 -1.25
N VAL A 132 3.24 32.41 -1.79
CA VAL A 132 3.94 31.16 -2.02
C VAL A 132 4.58 30.95 -3.37
N PRO A 133 5.92 30.78 -3.38
CA PRO A 133 6.65 30.56 -4.62
C PRO A 133 6.48 29.11 -5.06
N MET A 134 6.25 28.88 -6.36
CA MET A 134 6.06 27.54 -6.89
C MET A 134 6.87 27.36 -8.18
N ALA A 135 7.82 26.44 -8.17
CA ALA A 135 8.66 26.17 -9.34
C ALA A 135 8.07 24.99 -10.13
N THR A 136 7.57 25.26 -11.33
CA THR A 136 6.95 24.21 -12.12
C THR A 136 6.97 24.47 -13.62
N THR A 137 6.77 23.40 -14.40
CA THR A 137 6.67 23.52 -15.85
C THR A 137 5.29 23.02 -16.25
N GLU A 138 4.42 22.81 -15.26
CA GLU A 138 3.05 22.36 -15.53
C GLU A 138 2.05 23.52 -15.65
N GLY A 139 1.50 23.68 -16.85
CA GLY A 139 0.54 24.75 -17.09
C GLY A 139 -0.71 24.64 -16.22
N CYS A 140 -1.23 25.78 -15.79
CA CYS A 140 -2.43 25.88 -14.95
C CYS A 140 -2.24 25.62 -13.47
N LEU A 141 -1.15 24.96 -13.08
CA LEU A 141 -0.94 24.67 -11.65
C LEU A 141 -0.92 25.91 -10.76
N VAL A 142 -0.09 26.90 -11.09
CA VAL A 142 -0.04 28.10 -10.29
C VAL A 142 -1.36 28.88 -10.32
N ALA A 143 -1.95 29.02 -11.51
CA ALA A 143 -3.23 29.74 -11.65
C ALA A 143 -4.31 29.07 -10.80
N SER A 144 -4.35 27.73 -10.86
CA SER A 144 -5.35 26.98 -10.10
C SER A 144 -5.14 27.12 -8.58
N THR A 145 -3.90 27.00 -8.14
CA THR A 145 -3.58 27.14 -6.72
C THR A 145 -3.93 28.55 -6.24
N ASN A 146 -3.69 29.53 -7.11
CA ASN A 146 -4.01 30.92 -6.81
C ASN A 146 -5.52 31.09 -6.61
N ARG A 147 -6.32 30.40 -7.41
CA ARG A 147 -7.77 30.47 -7.27
C ARG A 147 -8.23 29.84 -5.94
N GLY A 148 -7.55 28.77 -5.54
CA GLY A 148 -7.88 28.11 -4.28
C GLY A 148 -7.58 29.04 -3.12
N CYS A 149 -6.46 29.76 -3.21
CA CYS A 149 -6.06 30.70 -2.17
C CYS A 149 -7.13 31.79 -2.03
N ARG A 150 -7.60 32.29 -3.17
CA ARG A 150 -8.62 33.33 -3.21
C ARG A 150 -9.90 32.85 -2.50
N ALA A 151 -10.32 31.62 -2.77
CA ALA A 151 -11.53 31.09 -2.12
C ALA A 151 -11.34 30.99 -0.61
N ILE A 152 -10.15 30.59 -0.19
CA ILE A 152 -9.86 30.47 1.25
C ILE A 152 -9.86 31.84 1.92
N GLY A 153 -9.25 32.82 1.24
CA GLY A 153 -9.18 34.18 1.75
C GLY A 153 -10.56 34.79 1.96
N LEU A 154 -11.44 34.63 0.97
CA LEU A 154 -12.80 35.14 1.06
C LEU A 154 -13.60 34.39 2.11
N GLY A 155 -13.11 33.22 2.51
CA GLY A 155 -13.79 32.41 3.51
C GLY A 155 -13.31 32.68 4.93
N GLY A 156 -12.51 33.72 5.11
CA GLY A 156 -12.01 34.03 6.43
C GLY A 156 -10.66 33.40 6.77
N GLY A 157 -10.06 32.70 5.81
CA GLY A 157 -8.76 32.10 6.05
C GLY A 157 -8.76 30.67 6.59
N ALA A 158 -7.57 30.09 6.60
CA ALA A 158 -7.36 28.73 7.06
C ALA A 158 -6.62 28.69 8.38
N SER A 159 -6.74 27.56 9.08
CA SER A 159 -6.05 27.32 10.36
C SER A 159 -5.27 26.02 10.22
N SER A 160 -4.12 25.95 10.88
CA SER A 160 -3.30 24.74 10.81
C SER A 160 -2.63 24.47 12.15
N ARG A 161 -2.20 23.23 12.33
CA ARG A 161 -1.54 22.78 13.56
C ARG A 161 -0.52 21.72 13.20
N VAL A 162 0.64 21.79 13.86
CA VAL A 162 1.67 20.78 13.67
C VAL A 162 1.36 19.79 14.79
N LEU A 163 1.12 18.54 14.41
CA LEU A 163 0.76 17.47 15.34
C LEU A 163 1.93 16.67 15.89
N ALA A 164 3.03 16.62 15.15
CA ALA A 164 4.22 15.85 15.54
C ALA A 164 5.38 16.34 14.72
N ASP A 165 6.60 16.10 15.20
CA ASP A 165 7.81 16.54 14.55
C ASP A 165 8.95 15.60 14.87
N GLY A 166 9.45 14.89 13.87
CA GLY A 166 10.56 13.98 14.09
C GLY A 166 11.00 13.19 12.88
N MET A 167 12.20 13.48 12.40
CA MET A 167 12.79 12.80 11.27
C MET A 167 13.20 11.42 11.78
N THR A 168 13.29 10.44 10.88
CA THR A 168 13.64 9.08 11.30
C THR A 168 14.71 8.44 10.44
N ARG A 169 15.26 7.36 10.97
CA ARG A 169 16.26 6.54 10.29
C ARG A 169 15.98 5.14 10.84
N GLY A 170 15.84 4.17 9.93
CA GLY A 170 15.53 2.82 10.34
C GLY A 170 16.53 1.75 9.91
N PRO A 171 17.65 1.62 10.63
CA PRO A 171 18.68 0.62 10.32
C PRO A 171 18.23 -0.80 10.58
N VAL A 172 18.96 -1.75 10.00
CA VAL A 172 18.68 -3.15 10.24
C VAL A 172 19.96 -3.77 10.80
N VAL A 173 19.83 -4.50 11.89
CA VAL A 173 20.94 -5.21 12.50
C VAL A 173 20.52 -6.67 12.61
N ARG A 174 21.48 -7.56 12.85
CA ARG A 174 21.18 -8.99 12.98
C ARG A 174 21.92 -9.64 14.16
N LEU A 175 21.24 -10.56 14.82
CA LEU A 175 21.81 -11.31 15.94
C LEU A 175 21.94 -12.74 15.44
N PRO A 176 22.70 -13.59 16.16
CA PRO A 176 22.86 -14.99 15.74
C PRO A 176 21.53 -15.74 15.66
N ARG A 177 20.62 -15.44 16.58
CA ARG A 177 19.31 -16.10 16.66
C ARG A 177 18.16 -15.13 16.95
N ALA A 178 16.93 -15.55 16.63
CA ALA A 178 15.76 -14.68 16.90
C ALA A 178 15.58 -14.50 18.40
N CYS A 179 15.97 -15.50 19.18
CA CYS A 179 15.86 -15.37 20.62
C CYS A 179 16.77 -14.24 21.11
N ASP A 180 17.91 -14.03 20.43
CA ASP A 180 18.81 -12.93 20.80
C ASP A 180 18.25 -11.58 20.36
N SER A 181 17.71 -11.51 19.14
CA SER A 181 17.15 -10.23 18.71
C SER A 181 15.93 -9.87 19.59
N ALA A 182 15.19 -10.88 20.04
CA ALA A 182 14.05 -10.62 20.93
C ALA A 182 14.58 -10.01 22.25
N GLU A 183 15.73 -10.49 22.71
CA GLU A 183 16.35 -9.96 23.94
C GLU A 183 16.76 -8.50 23.71
N VAL A 184 17.31 -8.19 22.55
CA VAL A 184 17.72 -6.82 22.26
C VAL A 184 16.52 -5.89 22.22
N LYS A 185 15.41 -6.34 21.60
CA LYS A 185 14.17 -5.55 21.53
C LYS A 185 13.67 -5.24 22.95
N ALA A 186 13.65 -6.26 23.81
CA ALA A 186 13.19 -6.10 25.20
C ALA A 186 14.10 -5.10 25.96
N TRP A 187 15.42 -5.25 25.82
CA TRP A 187 16.37 -4.34 26.48
C TRP A 187 16.12 -2.90 26.02
N LEU A 188 15.91 -2.69 24.71
CA LEU A 188 15.66 -1.35 24.19
C LEU A 188 14.33 -0.81 24.69
N GLU A 189 13.44 -1.69 25.12
CA GLU A 189 12.13 -1.27 25.64
C GLU A 189 12.18 -0.88 27.12
N THR A 190 13.29 -1.15 27.80
CA THR A 190 13.42 -0.76 29.22
C THR A 190 13.84 0.71 29.31
N SER A 191 13.43 1.38 30.38
CA SER A 191 13.75 2.80 30.56
C SER A 191 15.26 3.03 30.64
N GLU A 192 15.97 2.09 31.24
CA GLU A 192 17.41 2.17 31.37
C GLU A 192 18.10 1.88 30.03
N GLY A 193 17.55 0.94 29.26
CA GLY A 193 18.12 0.61 27.96
C GLY A 193 18.02 1.82 27.03
N PHE A 194 16.81 2.39 26.95
CA PHE A 194 16.56 3.56 26.12
C PHE A 194 17.39 4.77 26.57
N ALA A 195 17.64 4.85 27.87
CA ALA A 195 18.43 5.96 28.43
C ALA A 195 19.85 5.96 27.86
N VAL A 196 20.53 4.83 27.93
CA VAL A 196 21.89 4.80 27.41
C VAL A 196 21.91 5.08 25.92
N ILE A 197 20.93 4.57 25.18
CA ILE A 197 20.87 4.78 23.74
C ILE A 197 20.68 6.26 23.42
N LYS A 198 19.71 6.88 24.10
CA LYS A 198 19.44 8.30 23.92
C LYS A 198 20.68 9.19 24.18
N GLU A 199 21.37 8.92 25.30
CA GLU A 199 22.57 9.67 25.69
C GLU A 199 23.60 9.60 24.58
N ALA A 200 23.83 8.40 24.05
CA ALA A 200 24.79 8.22 22.98
C ALA A 200 24.28 8.96 21.73
N PHE A 201 23.00 8.78 21.42
CA PHE A 201 22.41 9.45 20.26
C PHE A 201 22.49 10.98 20.40
N ASP A 202 22.05 11.50 21.54
CA ASP A 202 22.03 12.94 21.75
C ASP A 202 23.42 13.63 21.81
N SER A 203 24.47 12.84 22.08
CA SER A 203 25.84 13.36 22.18
C SER A 203 26.44 13.88 20.88
N THR A 204 25.82 13.55 19.76
CA THR A 204 26.29 13.93 18.42
C THR A 204 25.92 15.31 17.94
N SER A 205 24.97 15.96 18.60
CA SER A 205 24.52 17.27 18.17
C SER A 205 23.65 17.90 19.24
N ARG A 206 23.60 19.23 19.23
CA ARG A 206 22.78 19.96 20.19
C ARG A 206 21.30 19.85 19.83
N PHE A 207 21.02 19.75 18.54
CA PHE A 207 19.65 19.66 18.06
C PHE A 207 19.09 18.23 18.08
N ALA A 208 20.00 17.26 18.05
CA ALA A 208 19.68 15.84 18.06
C ALA A 208 19.13 15.34 19.39
N ARG A 209 17.81 15.22 19.49
CA ARG A 209 17.14 14.73 20.70
C ARG A 209 16.23 13.53 20.42
N LEU A 210 16.66 12.32 20.79
CA LEU A 210 15.88 11.10 20.58
C LEU A 210 14.53 11.09 21.31
N GLN A 211 13.44 11.06 20.54
CA GLN A 211 12.09 11.08 21.11
C GLN A 211 11.55 9.69 21.41
N LYS A 212 11.82 8.74 20.53
CA LYS A 212 11.33 7.38 20.73
C LYS A 212 11.96 6.36 19.80
N LEU A 213 11.68 5.10 20.12
CA LEU A 213 12.21 3.96 19.38
C LEU A 213 11.06 3.01 19.04
N HIS A 214 10.92 2.67 17.77
CA HIS A 214 9.92 1.68 17.35
C HIS A 214 10.80 0.55 16.80
N THR A 215 10.71 -0.61 17.44
CA THR A 215 11.51 -1.75 17.06
C THR A 215 10.63 -2.84 16.44
N SER A 216 11.15 -3.49 15.41
CA SER A 216 10.40 -4.55 14.75
C SER A 216 11.32 -5.73 14.40
N ILE A 217 10.87 -6.92 14.73
CA ILE A 217 11.63 -8.13 14.48
C ILE A 217 11.19 -8.93 13.25
N ALA A 218 12.16 -9.53 12.57
CA ALA A 218 11.90 -10.42 11.45
C ALA A 218 12.94 -11.52 11.64
N GLY A 219 12.58 -12.53 12.42
CA GLY A 219 13.52 -13.60 12.70
C GLY A 219 14.70 -13.03 13.51
N ARG A 220 15.91 -13.26 13.02
CA ARG A 220 17.09 -12.76 13.71
C ARG A 220 17.44 -11.31 13.34
N ASN A 221 16.66 -10.70 12.44
CA ASN A 221 16.88 -9.30 12.06
C ASN A 221 16.10 -8.43 13.02
N LEU A 222 16.62 -7.24 13.30
CA LEU A 222 15.93 -6.31 14.18
C LEU A 222 15.98 -4.99 13.45
N TYR A 223 14.82 -4.39 13.23
CA TYR A 223 14.71 -3.10 12.54
C TYR A 223 14.38 -2.11 13.64
N ILE A 224 15.19 -1.07 13.76
CA ILE A 224 15.00 -0.09 14.81
C ILE A 224 14.77 1.28 14.20
N ARG A 225 13.61 1.86 14.47
CA ARG A 225 13.27 3.17 13.97
C ARG A 225 13.57 4.27 15.01
N PHE A 226 14.62 5.05 14.76
CA PHE A 226 15.01 6.15 15.63
C PHE A 226 14.26 7.39 15.17
N GLN A 227 13.60 8.10 16.08
CA GLN A 227 12.89 9.31 15.71
C GLN A 227 13.41 10.46 16.60
N SER A 228 13.77 11.57 15.97
CA SER A 228 14.31 12.71 16.69
C SER A 228 14.06 14.05 16.02
N ARG A 229 14.02 15.10 16.83
CA ARG A 229 13.86 16.48 16.36
C ARG A 229 15.22 16.84 15.78
N SER A 230 15.28 17.95 15.05
CA SER A 230 16.53 18.34 14.42
C SER A 230 16.58 19.83 14.14
N GLY A 231 16.01 20.61 15.04
CA GLY A 231 16.01 22.05 14.85
C GLY A 231 15.27 22.38 13.56
N ASP A 232 15.85 23.28 12.76
CA ASP A 232 15.22 23.68 11.49
C ASP A 232 15.73 22.92 10.29
N ALA A 233 16.60 21.96 10.52
CA ALA A 233 17.15 21.13 9.44
C ALA A 233 16.19 19.99 9.13
N MET A 234 16.18 19.51 7.90
CA MET A 234 15.34 18.38 7.51
C MET A 234 15.78 17.22 8.42
N GLY A 235 17.09 17.14 8.66
CA GLY A 235 17.60 16.16 9.61
C GLY A 235 18.21 14.85 9.21
N MET A 236 18.12 14.48 7.94
CA MET A 236 18.68 13.20 7.53
C MET A 236 20.13 12.95 7.94
N ASN A 237 21.04 13.88 7.64
CA ASN A 237 22.45 13.72 8.01
C ASN A 237 22.64 13.65 9.52
N MET A 238 21.97 14.55 10.22
CA MET A 238 22.06 14.61 11.67
C MET A 238 21.54 13.33 12.33
N ILE A 239 20.35 12.87 11.91
CA ILE A 239 19.79 11.65 12.48
C ILE A 239 20.66 10.44 12.11
N SER A 240 21.22 10.41 10.90
CA SER A 240 22.06 9.29 10.48
C SER A 240 23.31 9.21 11.36
N LYS A 241 23.91 10.37 11.64
CA LYS A 241 25.11 10.43 12.48
C LYS A 241 24.78 9.93 13.88
N GLY A 242 23.67 10.42 14.44
CA GLY A 242 23.25 9.98 15.76
C GLY A 242 22.94 8.48 15.83
N THR A 243 22.36 7.96 14.74
CA THR A 243 22.02 6.54 14.69
C THR A 243 23.30 5.70 14.72
N GLU A 244 24.32 6.15 14.01
CA GLU A 244 25.59 5.44 13.97
C GLU A 244 26.22 5.35 15.37
N LYS A 245 26.20 6.46 16.11
CA LYS A 245 26.76 6.45 17.47
C LYS A 245 25.92 5.58 18.40
N ALA A 246 24.60 5.64 18.24
CA ALA A 246 23.69 4.85 19.07
C ALA A 246 23.88 3.35 18.84
N LEU A 247 24.07 2.95 17.58
CA LEU A 247 24.28 1.55 17.26
C LEU A 247 25.64 1.05 17.80
N SER A 248 26.66 1.92 17.75
CA SER A 248 27.99 1.57 18.27
C SER A 248 27.89 1.30 19.76
N LYS A 249 27.09 2.11 20.46
CA LYS A 249 26.89 1.93 21.89
C LYS A 249 26.14 0.61 22.12
N LEU A 250 25.08 0.38 21.34
CA LEU A 250 24.31 -0.85 21.47
C LEU A 250 25.21 -2.07 21.30
N HIS A 251 26.18 -1.97 20.40
CA HIS A 251 27.12 -3.07 20.16
C HIS A 251 28.00 -3.36 21.39
N GLU A 252 28.19 -2.37 22.26
CA GLU A 252 28.97 -2.58 23.48
C GLU A 252 28.22 -3.54 24.40
N TYR A 253 26.89 -3.46 24.42
CA TYR A 253 26.11 -4.38 25.26
C TYR A 253 25.82 -5.71 24.60
N PHE A 254 25.77 -5.73 23.27
CA PHE A 254 25.47 -6.94 22.53
C PHE A 254 26.51 -7.13 21.42
N PRO A 255 27.74 -7.53 21.80
CA PRO A 255 28.86 -7.74 20.87
C PRO A 255 28.62 -8.67 19.68
N GLU A 256 27.65 -9.57 19.79
CA GLU A 256 27.36 -10.50 18.71
C GLU A 256 26.44 -9.88 17.65
N MET A 257 26.02 -8.64 17.89
CA MET A 257 25.16 -7.92 16.95
C MET A 257 25.92 -7.43 15.73
N GLN A 258 25.42 -7.74 14.55
CA GLN A 258 26.04 -7.29 13.32
C GLN A 258 25.19 -6.17 12.76
N ILE A 259 25.81 -5.01 12.48
CA ILE A 259 25.08 -3.88 11.90
C ILE A 259 25.09 -4.12 10.38
N LEU A 260 23.94 -4.43 9.80
CA LEU A 260 23.86 -4.71 8.37
C LEU A 260 23.83 -3.47 7.48
N ALA A 261 23.02 -2.49 7.85
CA ALA A 261 22.91 -1.27 7.06
C ALA A 261 22.33 -0.16 7.91
N VAL A 262 22.88 1.05 7.83
CA VAL A 262 22.38 2.17 8.63
C VAL A 262 20.96 2.52 8.23
N SER A 263 20.58 2.11 7.01
CA SER A 263 19.21 2.26 6.56
C SER A 263 18.75 0.89 6.06
N GLY A 264 17.80 0.30 6.77
CA GLY A 264 17.26 -1.00 6.37
C GLY A 264 15.86 -0.82 5.79
N ASN A 265 15.61 0.37 5.23
CA ASN A 265 14.32 0.73 4.62
C ASN A 265 13.16 0.83 5.61
N TYR A 266 13.47 0.88 6.90
CA TYR A 266 12.42 0.98 7.90
C TYR A 266 12.19 2.43 8.34
N CYS A 267 12.87 3.38 7.67
CA CYS A 267 12.72 4.79 8.02
C CYS A 267 11.32 5.42 7.86
N THR A 268 10.72 5.43 6.65
CA THR A 268 11.25 4.92 5.40
C THR A 268 11.56 6.16 4.55
N ASP A 269 12.72 6.19 3.91
CA ASP A 269 13.12 7.36 3.13
C ASP A 269 13.00 7.19 1.60
N LYS A 270 12.20 8.05 0.98
CA LYS A 270 12.02 8.08 -0.47
C LYS A 270 11.39 6.86 -1.17
N LYS A 271 10.63 6.07 -0.43
CA LYS A 271 9.89 4.93 -0.95
C LYS A 271 8.54 4.98 -0.25
N PRO A 272 7.46 4.60 -0.95
CA PRO A 272 6.13 4.62 -0.33
C PRO A 272 6.13 3.57 0.79
N ALA A 273 5.56 3.91 1.94
CA ALA A 273 5.56 2.93 3.03
C ALA A 273 4.46 3.24 4.02
N ALA A 274 3.72 2.21 4.40
CA ALA A 274 2.65 2.35 5.34
C ALA A 274 3.14 2.92 6.68
N ILE A 275 4.39 2.61 7.04
CA ILE A 275 4.90 3.10 8.33
C ILE A 275 4.94 4.62 8.43
N ASN A 276 5.24 5.30 7.34
CA ASN A 276 5.27 6.76 7.34
C ASN A 276 3.85 7.33 7.50
N TRP A 277 2.91 6.68 6.83
CA TRP A 277 1.51 7.08 6.86
C TRP A 277 0.88 6.93 8.25
N ILE A 278 1.19 5.81 8.91
CA ILE A 278 0.62 5.53 10.23
C ILE A 278 1.35 6.17 11.41
N GLU A 279 2.69 6.20 11.37
CA GLU A 279 3.44 6.77 12.48
C GLU A 279 3.99 8.17 12.25
N GLY A 280 3.92 8.62 10.99
CA GLY A 280 4.42 9.93 10.64
C GLY A 280 5.93 9.94 10.41
N ARG A 281 6.43 10.95 9.71
CA ARG A 281 7.86 11.13 9.49
C ARG A 281 8.06 12.59 9.20
N GLY A 282 9.04 13.22 9.86
CA GLY A 282 9.23 14.65 9.67
C GLY A 282 8.09 15.34 10.41
N LYS A 283 7.37 16.24 9.74
CA LYS A 283 6.26 16.94 10.35
C LYS A 283 4.89 16.41 9.94
N SER A 284 4.00 16.24 10.92
CA SER A 284 2.63 15.78 10.67
C SER A 284 1.83 17.04 10.87
N VAL A 285 1.01 17.39 9.88
CA VAL A 285 0.27 18.64 9.89
C VAL A 285 -1.19 18.48 9.45
N VAL A 286 -2.07 19.29 10.01
CA VAL A 286 -3.48 19.29 9.63
C VAL A 286 -3.83 20.74 9.35
N CYS A 287 -4.68 20.94 8.33
CA CYS A 287 -5.12 22.27 7.93
C CYS A 287 -6.62 22.22 7.64
N GLU A 288 -7.31 23.34 7.79
CA GLU A 288 -8.76 23.37 7.55
C GLU A 288 -9.26 24.77 7.22
N ALA A 289 -10.42 24.85 6.61
CA ALA A 289 -11.08 26.11 6.24
C ALA A 289 -12.54 25.83 5.94
N VAL A 290 -13.34 26.89 5.98
CA VAL A 290 -14.76 26.81 5.64
C VAL A 290 -14.98 27.81 4.50
N ILE A 291 -15.47 27.32 3.37
CA ILE A 291 -15.71 28.20 2.22
C ILE A 291 -17.21 28.46 2.12
N PRO A 292 -17.63 29.73 2.25
CA PRO A 292 -19.04 30.10 2.16
C PRO A 292 -19.64 29.70 0.81
N ALA A 293 -20.92 29.32 0.84
CA ALA A 293 -21.65 28.91 -0.35
C ALA A 293 -21.49 29.86 -1.52
N LYS A 294 -21.55 31.16 -1.22
CA LYS A 294 -21.43 32.21 -2.22
C LYS A 294 -20.04 32.16 -2.89
N VAL A 295 -19.02 31.89 -2.09
CA VAL A 295 -17.65 31.82 -2.62
C VAL A 295 -17.49 30.54 -3.48
N VAL A 296 -18.14 29.47 -3.07
CA VAL A 296 -18.08 28.22 -3.81
C VAL A 296 -18.70 28.40 -5.20
N ARG A 297 -19.82 29.12 -5.25
CA ARG A 297 -20.52 29.35 -6.51
C ARG A 297 -19.79 30.35 -7.41
N GLU A 298 -19.49 31.52 -6.85
CA GLU A 298 -18.84 32.59 -7.61
C GLU A 298 -17.35 32.43 -7.93
N VAL A 299 -16.56 31.89 -7.00
CA VAL A 299 -15.13 31.71 -7.23
C VAL A 299 -14.79 30.32 -7.83
N LEU A 300 -15.31 29.27 -7.22
CA LEU A 300 -15.04 27.90 -7.66
C LEU A 300 -15.95 27.41 -8.78
N LYS A 301 -16.96 28.20 -9.09
CA LYS A 301 -17.91 27.90 -10.15
C LYS A 301 -18.61 26.55 -10.01
N THR A 302 -18.98 26.18 -8.79
CA THR A 302 -19.65 24.90 -8.55
C THR A 302 -20.50 24.99 -7.28
N THR A 303 -20.92 23.85 -6.74
CA THR A 303 -21.72 23.84 -5.51
C THR A 303 -21.05 22.96 -4.48
N THR A 304 -21.39 23.20 -3.21
CA THR A 304 -20.86 22.42 -2.11
C THR A 304 -21.21 20.93 -2.26
N GLU A 305 -22.46 20.65 -2.62
CA GLU A 305 -22.91 19.27 -2.81
C GLU A 305 -22.08 18.53 -3.88
N ALA A 306 -21.86 19.17 -5.03
CA ALA A 306 -21.07 18.53 -6.10
C ALA A 306 -19.62 18.28 -5.64
N MET A 307 -19.04 19.25 -4.92
CA MET A 307 -17.68 19.14 -4.42
C MET A 307 -17.54 17.92 -3.48
N ILE A 308 -18.51 17.75 -2.58
CA ILE A 308 -18.49 16.64 -1.63
C ILE A 308 -18.63 15.28 -2.33
N GLU A 309 -19.52 15.22 -3.33
CA GLU A 309 -19.72 13.97 -4.06
C GLU A 309 -18.46 13.56 -4.81
N VAL A 310 -17.75 14.52 -5.39
CA VAL A 310 -16.50 14.20 -6.10
C VAL A 310 -15.43 13.78 -5.09
N ASN A 311 -15.32 14.50 -3.98
CA ASN A 311 -14.31 14.16 -2.98
C ASN A 311 -14.46 12.75 -2.43
N ILE A 312 -15.67 12.37 -2.06
CA ILE A 312 -15.88 11.03 -1.52
C ILE A 312 -15.62 9.94 -2.56
N ASN A 313 -16.17 10.13 -3.76
CA ASN A 313 -16.04 9.12 -4.80
C ASN A 313 -14.69 9.04 -5.52
N LYS A 314 -13.93 10.11 -5.45
CA LYS A 314 -12.60 10.17 -6.06
C LYS A 314 -11.52 9.90 -5.01
N ASN A 315 -11.42 10.80 -4.04
CA ASN A 315 -10.40 10.73 -2.98
C ASN A 315 -10.50 9.63 -1.95
N LEU A 316 -11.71 9.13 -1.70
CA LEU A 316 -11.88 8.04 -0.75
C LEU A 316 -12.11 6.73 -1.50
N VAL A 317 -13.26 6.60 -2.15
CA VAL A 317 -13.62 5.37 -2.88
C VAL A 317 -12.67 5.04 -4.02
N GLY A 318 -12.36 6.03 -4.87
CA GLY A 318 -11.44 5.80 -5.98
C GLY A 318 -10.06 5.33 -5.54
N SER A 319 -9.48 6.05 -4.58
CA SER A 319 -8.17 5.69 -4.04
C SER A 319 -8.21 4.29 -3.39
N ALA A 320 -9.32 3.94 -2.74
CA ALA A 320 -9.46 2.60 -2.12
C ALA A 320 -9.48 1.53 -3.22
N MET A 321 -10.22 1.79 -4.29
CA MET A 321 -10.30 0.83 -5.43
C MET A 321 -8.93 0.63 -6.09
N ALA A 322 -8.12 1.69 -6.12
CA ALA A 322 -6.79 1.61 -6.72
C ALA A 322 -5.74 0.98 -5.80
N GLY A 323 -6.11 0.69 -4.54
CA GLY A 323 -5.17 0.09 -3.62
C GLY A 323 -4.12 1.09 -3.15
N SER A 324 -4.55 2.29 -2.84
CA SER A 324 -3.63 3.33 -2.36
C SER A 324 -3.40 3.30 -0.83
N ILE A 325 -2.17 3.60 -0.41
CA ILE A 325 -1.86 3.71 1.02
C ILE A 325 -1.34 5.15 1.07
N GLY A 326 -2.10 6.06 1.68
CA GLY A 326 -1.64 7.45 1.76
C GLY A 326 -2.01 8.40 0.62
N GLY A 327 -2.60 7.87 -0.46
CA GLY A 327 -2.94 8.72 -1.60
C GLY A 327 -4.40 9.07 -1.68
N TYR A 328 -4.98 9.55 -0.58
CA TYR A 328 -6.40 9.93 -0.52
C TYR A 328 -6.59 11.42 -0.77
N ASN A 329 -6.09 11.87 -1.92
CA ASN A 329 -6.13 13.27 -2.26
C ASN A 329 -6.13 13.41 -3.79
N ALA A 330 -6.36 14.61 -4.27
CA ALA A 330 -6.40 14.84 -5.73
C ALA A 330 -5.02 15.05 -6.35
N HIS A 331 -4.24 16.01 -5.86
CA HIS A 331 -2.91 16.26 -6.42
C HIS A 331 -1.93 16.95 -5.46
N ALA A 332 -1.93 16.53 -4.20
CA ALA A 332 -1.02 17.10 -3.22
C ALA A 332 0.42 17.08 -3.76
N ALA A 333 0.80 16.01 -4.46
CA ALA A 333 2.16 15.92 -5.02
C ALA A 333 2.55 17.07 -5.95
N ASN A 334 1.59 17.66 -6.66
CA ASN A 334 1.91 18.78 -7.54
C ASN A 334 2.38 19.98 -6.73
N ILE A 335 1.65 20.30 -5.67
CA ILE A 335 1.98 21.43 -4.83
C ILE A 335 3.27 21.21 -4.05
N VAL A 336 3.40 20.03 -3.46
CA VAL A 336 4.58 19.70 -2.70
C VAL A 336 5.84 19.82 -3.55
N THR A 337 5.78 19.25 -4.75
CA THR A 337 6.94 19.28 -5.63
C THR A 337 7.33 20.69 -6.06
N ALA A 338 6.33 21.51 -6.39
CA ALA A 338 6.58 22.87 -6.84
C ALA A 338 7.22 23.71 -5.72
N ILE A 339 6.70 23.59 -4.51
CA ILE A 339 7.25 24.34 -3.37
C ILE A 339 8.62 23.82 -3.02
N TYR A 340 8.79 22.51 -3.06
CA TYR A 340 10.10 21.90 -2.74
C TYR A 340 11.21 22.38 -3.65
N ILE A 341 10.96 22.38 -4.95
CA ILE A 341 11.96 22.81 -5.91
C ILE A 341 12.31 24.29 -5.74
N ALA A 342 11.28 25.12 -5.50
CA ALA A 342 11.46 26.55 -5.29
C ALA A 342 12.26 26.86 -4.02
N CYS A 343 12.00 26.12 -2.94
CA CYS A 343 12.62 26.34 -1.65
C CYS A 343 13.84 25.52 -1.27
N GLY A 344 14.45 24.85 -2.26
CA GLY A 344 15.64 24.07 -2.00
C GLY A 344 15.50 22.82 -1.14
N GLN A 345 14.33 22.19 -1.18
CA GLN A 345 14.09 20.96 -0.42
C GLN A 345 14.55 19.79 -1.29
N ASP A 346 14.47 18.59 -0.75
CA ASP A 346 14.87 17.41 -1.51
C ASP A 346 13.61 16.97 -2.27
N ALA A 347 13.54 17.27 -3.58
CA ALA A 347 12.35 16.93 -4.38
C ALA A 347 12.00 15.43 -4.40
N ALA A 348 13.01 14.58 -4.23
CA ALA A 348 12.79 13.13 -4.23
C ALA A 348 11.95 12.72 -3.02
N GLN A 349 11.92 13.59 -2.00
CA GLN A 349 11.12 13.30 -0.81
C GLN A 349 9.62 13.55 -1.00
N ASN A 350 9.25 13.96 -2.22
CA ASN A 350 7.85 14.15 -2.55
C ASN A 350 7.13 12.80 -2.44
N VAL A 351 7.88 11.70 -2.60
CA VAL A 351 7.30 10.37 -2.52
C VAL A 351 6.48 10.20 -1.21
N GLY A 352 7.09 10.47 -0.06
CA GLY A 352 6.35 10.37 1.19
C GLY A 352 5.76 11.68 1.68
N SER A 353 6.39 12.80 1.35
CA SER A 353 5.88 14.09 1.79
C SER A 353 4.51 14.43 1.26
N SER A 354 4.15 13.83 0.13
CA SER A 354 2.86 14.03 -0.52
C SER A 354 1.70 13.25 0.10
N ASN A 355 1.98 12.35 1.03
CA ASN A 355 0.90 11.59 1.70
C ASN A 355 -0.12 12.61 2.19
N CYS A 356 -1.38 12.35 1.91
CA CYS A 356 -2.41 13.29 2.28
C CYS A 356 -3.82 12.71 2.17
N ILE A 357 -4.68 13.06 3.13
CA ILE A 357 -6.08 12.69 3.05
C ILE A 357 -6.88 13.99 3.09
N THR A 358 -7.66 14.20 2.05
CA THR A 358 -8.49 15.38 1.91
C THR A 358 -9.94 15.04 2.19
N LEU A 359 -10.54 15.78 3.12
CA LEU A 359 -11.92 15.55 3.48
C LEU A 359 -12.74 16.80 3.28
N MET A 360 -14.00 16.64 2.87
CA MET A 360 -14.91 17.76 2.66
C MET A 360 -16.29 17.42 3.17
N GLU A 361 -16.96 18.39 3.79
CA GLU A 361 -18.32 18.15 4.26
C GLU A 361 -19.12 19.45 4.31
N ALA A 362 -20.45 19.31 4.35
CA ALA A 362 -21.36 20.48 4.41
C ALA A 362 -21.27 21.11 5.78
N SER A 363 -21.34 22.44 5.83
CA SER A 363 -21.23 23.19 7.08
C SER A 363 -22.14 24.42 7.07
N GLY A 364 -22.23 25.10 8.20
CA GLY A 364 -23.06 26.29 8.33
C GLY A 364 -24.54 26.03 8.66
N PRO A 365 -25.28 27.08 9.06
CA PRO A 365 -26.70 27.03 9.43
C PRO A 365 -27.55 26.30 8.40
N THR A 366 -27.48 26.75 7.15
CA THR A 366 -28.23 26.15 6.03
C THR A 366 -27.58 24.86 5.55
N ASN A 367 -26.39 24.57 6.07
CA ASN A 367 -25.64 23.38 5.69
C ASN A 367 -25.20 23.46 4.23
N GLU A 368 -24.95 24.67 3.76
CA GLU A 368 -24.57 24.84 2.37
C GLU A 368 -23.16 25.40 2.16
N ASP A 369 -22.45 25.62 3.26
CA ASP A 369 -21.09 26.10 3.17
C ASP A 369 -20.17 24.86 3.07
N LEU A 370 -18.94 25.05 2.61
CA LEU A 370 -18.04 23.90 2.46
C LEU A 370 -16.88 23.81 3.45
N TYR A 371 -16.88 22.75 4.25
CA TYR A 371 -15.80 22.53 5.20
C TYR A 371 -14.77 21.64 4.51
N ILE A 372 -13.50 22.03 4.55
CA ILE A 372 -12.44 21.23 3.96
C ILE A 372 -11.26 21.10 4.91
N SER A 373 -10.61 19.94 4.89
CA SER A 373 -9.42 19.72 5.70
C SER A 373 -8.44 18.83 4.92
N CYS A 374 -7.14 19.03 5.16
CA CYS A 374 -6.09 18.25 4.56
C CYS A 374 -5.21 17.82 5.71
N THR A 375 -4.91 16.53 5.79
CA THR A 375 -4.04 16.00 6.83
C THR A 375 -2.87 15.30 6.17
N MET A 376 -1.65 15.79 6.47
CA MET A 376 -0.38 15.28 5.88
C MET A 376 0.53 14.86 7.03
N PRO A 377 0.63 13.56 7.29
CA PRO A 377 1.45 13.03 8.37
C PRO A 377 2.93 12.93 8.18
N SER A 378 3.42 13.17 6.97
CA SER A 378 4.85 12.98 6.77
C SER A 378 5.57 13.95 5.86
N ILE A 379 5.48 15.24 6.19
CA ILE A 379 6.16 16.30 5.44
C ILE A 379 7.62 16.37 5.87
N GLU A 380 8.53 16.02 4.95
CA GLU A 380 9.96 16.01 5.23
C GLU A 380 10.49 17.34 4.68
N ILE A 381 10.84 18.24 5.60
CA ILE A 381 11.22 19.59 5.20
C ILE A 381 12.22 20.28 6.16
N GLY A 382 12.90 21.30 5.65
CA GLY A 382 13.87 22.03 6.46
C GLY A 382 14.17 23.38 5.84
N THR A 383 14.71 24.29 6.65
CA THR A 383 15.04 25.63 6.19
C THR A 383 16.53 25.94 6.32
N VAL A 384 17.31 24.94 6.74
CA VAL A 384 18.76 25.08 6.86
C VAL A 384 19.39 23.83 6.27
N GLY A 385 20.54 23.99 5.61
CA GLY A 385 21.22 22.84 5.02
C GLY A 385 20.76 22.43 3.63
N GLY A 386 21.60 21.65 2.97
CA GLY A 386 21.27 21.17 1.63
C GLY A 386 21.05 22.27 0.62
N GLY A 387 19.99 22.13 -0.18
CA GLY A 387 19.67 23.12 -1.19
C GLY A 387 19.27 24.48 -0.64
N THR A 388 18.88 24.54 0.64
CA THR A 388 18.49 25.81 1.23
C THR A 388 19.74 26.70 1.47
N ASN A 389 20.92 26.18 1.18
CA ASN A 389 22.15 26.96 1.33
C ASN A 389 22.40 27.81 0.08
N LEU A 390 21.71 27.51 -1.02
CA LEU A 390 21.90 28.27 -2.24
C LEU A 390 21.11 29.59 -2.19
N LEU A 391 21.67 30.64 -2.78
CA LEU A 391 21.01 31.95 -2.74
C LEU A 391 19.62 32.06 -3.38
N PRO A 392 19.44 31.56 -4.62
CA PRO A 392 18.10 31.68 -5.20
C PRO A 392 17.05 30.96 -4.35
N GLN A 393 17.40 29.78 -3.84
CA GLN A 393 16.47 29.05 -3.00
C GLN A 393 16.19 29.79 -1.67
N GLN A 394 17.20 30.47 -1.12
CA GLN A 394 17.02 31.24 0.11
C GLN A 394 16.08 32.43 -0.16
N ALA A 395 16.12 32.95 -1.38
CA ALA A 395 15.25 34.06 -1.74
C ALA A 395 13.80 33.63 -1.57
N CYS A 396 13.46 32.44 -2.09
CA CYS A 396 12.10 31.92 -1.96
C CYS A 396 11.74 31.65 -0.49
N LEU A 397 12.69 31.15 0.28
CA LEU A 397 12.46 30.92 1.70
C LEU A 397 12.21 32.26 2.42
N GLN A 398 12.96 33.31 2.03
CA GLN A 398 12.80 34.64 2.61
C GLN A 398 11.45 35.26 2.25
N MET A 399 10.96 34.95 1.06
CA MET A 399 9.67 35.45 0.59
C MET A 399 8.62 35.00 1.60
N LEU A 400 8.81 33.79 2.15
CA LEU A 400 7.88 33.21 3.12
C LEU A 400 8.22 33.56 4.57
N GLY A 401 9.38 34.17 4.77
CA GLY A 401 9.79 34.56 6.12
C GLY A 401 10.29 33.41 6.98
N VAL A 402 10.79 32.35 6.34
CA VAL A 402 11.26 31.18 7.11
C VAL A 402 12.69 30.76 6.79
N GLN A 403 13.47 31.63 6.16
CA GLN A 403 14.84 31.27 5.78
C GLN A 403 15.79 31.09 6.97
N GLY A 404 16.55 30.01 6.92
CA GLY A 404 17.52 29.73 7.97
C GLY A 404 16.99 29.26 9.31
N ALA A 405 17.89 29.27 10.29
CA ALA A 405 17.58 28.83 11.64
C ALA A 405 16.79 29.86 12.42
N CYS A 406 15.94 29.40 13.33
CA CYS A 406 15.21 30.31 14.18
C CYS A 406 15.97 30.24 15.52
N LYS A 407 16.81 31.23 15.76
CA LYS A 407 17.64 31.27 16.97
C LYS A 407 16.88 31.24 18.30
N ASP A 408 15.81 32.03 18.38
CA ASP A 408 14.97 32.12 19.57
C ASP A 408 14.13 30.87 19.85
N ASN A 409 13.70 30.17 18.80
CA ASN A 409 12.86 28.99 18.93
C ASN A 409 13.21 27.98 17.82
N PRO A 410 14.29 27.21 18.04
CA PRO A 410 14.79 26.20 17.09
C PRO A 410 13.70 25.27 16.55
N GLY A 411 13.58 25.25 15.22
CA GLY A 411 12.57 24.39 14.61
C GLY A 411 11.33 25.14 14.16
N GLU A 412 11.13 26.35 14.67
CA GLU A 412 9.95 27.13 14.30
C GLU A 412 9.85 27.53 12.81
N ASN A 413 10.99 27.75 12.16
CA ASN A 413 10.95 28.12 10.75
C ASN A 413 10.51 26.88 9.93
N ALA A 414 11.08 25.71 10.25
CA ALA A 414 10.73 24.47 9.55
C ALA A 414 9.26 24.10 9.79
N ARG A 415 8.76 24.33 11.00
CA ARG A 415 7.36 24.03 11.31
C ARG A 415 6.44 24.97 10.55
N GLN A 416 6.83 26.23 10.45
CA GLN A 416 6.05 27.22 9.72
C GLN A 416 5.99 26.85 8.23
N LEU A 417 7.12 26.43 7.67
CA LEU A 417 7.16 26.04 6.27
C LEU A 417 6.24 24.81 6.04
N ALA A 418 6.21 23.87 6.99
CA ALA A 418 5.36 22.69 6.86
C ALA A 418 3.88 23.10 6.86
N ARG A 419 3.54 24.08 7.70
CA ARG A 419 2.16 24.55 7.76
C ARG A 419 1.78 25.23 6.44
N ILE A 420 2.72 25.99 5.86
CA ILE A 420 2.48 26.67 4.58
C ILE A 420 2.26 25.63 3.48
N VAL A 421 3.08 24.58 3.46
CA VAL A 421 2.92 23.53 2.47
C VAL A 421 1.54 22.88 2.57
N CYS A 422 1.13 22.53 3.79
CA CYS A 422 -0.19 21.91 3.99
C CYS A 422 -1.32 22.83 3.56
N GLY A 423 -1.19 24.11 3.88
CA GLY A 423 -2.23 25.08 3.48
C GLY A 423 -2.32 25.30 1.97
N THR A 424 -1.18 25.29 1.30
CA THR A 424 -1.15 25.47 -0.15
C THR A 424 -1.70 24.22 -0.84
N VAL A 425 -1.41 23.05 -0.26
CA VAL A 425 -1.95 21.80 -0.78
C VAL A 425 -3.49 21.91 -0.71
N MET A 426 -4.02 22.37 0.43
CA MET A 426 -5.47 22.50 0.56
C MET A 426 -6.06 23.45 -0.50
N ALA A 427 -5.35 24.53 -0.79
CA ALA A 427 -5.80 25.49 -1.80
C ALA A 427 -5.83 24.79 -3.16
N GLY A 428 -4.79 24.02 -3.46
CA GLY A 428 -4.71 23.29 -4.72
C GLY A 428 -5.82 22.24 -4.82
N GLU A 429 -6.10 21.54 -3.73
CA GLU A 429 -7.14 20.51 -3.71
C GLU A 429 -8.48 21.13 -3.99
N LEU A 430 -8.78 22.24 -3.32
CA LEU A 430 -10.06 22.95 -3.52
C LEU A 430 -10.28 23.28 -4.99
N SER A 431 -9.28 23.89 -5.60
CA SER A 431 -9.39 24.30 -6.99
C SER A 431 -9.51 23.17 -8.00
N LEU A 432 -8.72 22.10 -7.84
CA LEU A 432 -8.80 20.98 -8.78
C LEU A 432 -10.14 20.25 -8.62
N MET A 433 -10.58 20.06 -7.37
CA MET A 433 -11.86 19.38 -7.13
C MET A 433 -13.01 20.16 -7.75
N ALA A 434 -12.94 21.48 -7.67
CA ALA A 434 -13.97 22.35 -8.24
C ALA A 434 -13.96 22.21 -9.77
N ALA A 435 -12.77 22.19 -10.37
CA ALA A 435 -12.66 22.04 -11.82
C ALA A 435 -13.24 20.69 -12.26
N LEU A 436 -12.94 19.62 -11.52
CA LEU A 436 -13.45 18.29 -11.83
C LEU A 436 -14.98 18.23 -11.71
N ALA A 437 -15.51 18.88 -10.68
CA ALA A 437 -16.94 18.92 -10.41
C ALA A 437 -17.70 19.68 -11.49
N ALA A 438 -17.16 20.82 -11.92
CA ALA A 438 -17.81 21.67 -12.92
C ALA A 438 -17.48 21.35 -14.37
N GLY A 439 -16.52 20.45 -14.57
CA GLY A 439 -16.10 20.06 -15.90
C GLY A 439 -15.22 21.09 -16.62
N HIS A 440 -14.28 21.71 -15.90
CA HIS A 440 -13.38 22.71 -16.48
C HIS A 440 -11.95 22.18 -16.73
N ARG B 22 1.73 60.82 -13.20
CA ARG B 22 0.38 61.21 -13.69
C ARG B 22 -0.72 60.52 -12.87
N PRO B 23 -1.87 61.20 -12.71
CA PRO B 23 -3.02 60.67 -11.95
C PRO B 23 -3.58 59.40 -12.60
N ASN B 24 -4.33 58.61 -11.83
CA ASN B 24 -4.92 57.38 -12.36
C ASN B 24 -5.75 57.66 -13.62
N GLU B 25 -6.51 58.75 -13.57
CA GLU B 25 -7.36 59.14 -14.68
C GLU B 25 -6.59 59.39 -15.97
N GLU B 26 -5.62 60.30 -15.93
CA GLU B 26 -4.83 60.61 -17.11
C GLU B 26 -4.10 59.38 -17.65
N CYS B 27 -3.86 58.42 -16.75
CA CYS B 27 -3.19 57.17 -17.14
C CYS B 27 -4.13 56.28 -17.96
N LEU B 28 -5.00 56.91 -18.74
CA LEU B 28 -5.93 56.19 -19.60
C LEU B 28 -5.33 56.02 -21.00
N GLN B 29 -4.02 55.78 -21.00
CA GLN B 29 -3.28 55.53 -22.23
C GLN B 29 -3.29 54.03 -22.44
N ILE B 30 -3.96 53.34 -21.50
CA ILE B 30 -4.14 51.89 -21.51
C ILE B 30 -5.27 51.56 -22.48
N LYS B 39 3.83 50.24 -23.40
CA LYS B 39 5.19 50.79 -23.36
C LYS B 39 5.22 52.31 -23.18
N PHE B 40 4.05 52.91 -22.97
CA PHE B 40 3.95 54.36 -22.79
C PHE B 40 3.74 54.76 -21.34
N LEU B 41 3.76 53.78 -20.45
CA LEU B 41 3.61 54.07 -19.04
C LEU B 41 4.86 53.56 -18.33
N SER B 42 5.21 54.19 -17.22
CA SER B 42 6.37 53.76 -16.45
C SER B 42 5.90 52.64 -15.52
N ASP B 43 6.84 51.83 -15.04
CA ASP B 43 6.49 50.75 -14.12
C ASP B 43 5.72 51.34 -12.93
N ALA B 44 6.14 52.52 -12.48
CA ALA B 44 5.50 53.18 -11.34
C ALA B 44 4.02 53.51 -11.59
N GLU B 45 3.69 53.87 -12.82
CA GLU B 45 2.31 54.20 -13.17
C GLU B 45 1.42 52.95 -13.20
N ILE B 46 1.94 51.87 -13.79
CA ILE B 46 1.21 50.61 -13.87
C ILE B 46 0.96 50.07 -12.45
N ILE B 47 1.97 50.19 -11.59
CA ILE B 47 1.85 49.72 -10.21
C ILE B 47 0.75 50.52 -9.47
N GLN B 48 0.59 51.78 -9.85
CA GLN B 48 -0.42 52.66 -9.25
C GLN B 48 -1.84 52.19 -9.63
N LEU B 49 -1.97 51.78 -10.89
CA LEU B 49 -3.25 51.28 -11.40
C LEU B 49 -3.64 49.98 -10.70
N VAL B 50 -2.67 49.10 -10.50
CA VAL B 50 -2.90 47.83 -9.83
C VAL B 50 -3.30 48.07 -8.36
N ASN B 51 -2.58 48.96 -7.68
CA ASN B 51 -2.88 49.24 -6.28
C ASN B 51 -4.25 49.91 -6.09
N ALA B 52 -4.71 50.63 -7.10
CA ALA B 52 -6.00 51.31 -7.05
C ALA B 52 -7.13 50.39 -7.54
N LYS B 53 -6.82 49.10 -7.71
CA LYS B 53 -7.79 48.08 -8.12
C LYS B 53 -8.31 48.15 -9.57
N HIS B 54 -7.58 48.82 -10.46
CA HIS B 54 -8.02 48.91 -11.85
C HIS B 54 -7.52 47.74 -12.71
N ILE B 55 -6.48 47.04 -12.26
CA ILE B 55 -5.92 45.92 -12.99
C ILE B 55 -5.53 44.78 -12.05
N PRO B 56 -5.89 43.53 -12.41
CA PRO B 56 -5.56 42.35 -11.59
C PRO B 56 -4.11 41.98 -11.91
N ALA B 57 -3.29 41.77 -10.88
CA ALA B 57 -1.87 41.44 -11.07
C ALA B 57 -1.56 40.27 -12.00
N TYR B 58 -2.40 39.23 -11.99
CA TYR B 58 -2.16 38.07 -12.86
C TYR B 58 -2.36 38.38 -14.36
N LYS B 59 -3.18 39.37 -14.67
CA LYS B 59 -3.41 39.76 -16.06
C LYS B 59 -2.36 40.75 -16.58
N LEU B 60 -1.21 40.82 -15.91
CA LEU B 60 -0.14 41.73 -16.31
C LEU B 60 0.46 41.40 -17.67
N GLU B 61 0.54 40.11 -17.98
CA GLU B 61 1.09 39.68 -19.25
C GLU B 61 0.23 40.07 -20.45
N THR B 62 -1.08 40.15 -20.26
CA THR B 62 -1.97 40.51 -21.37
C THR B 62 -1.90 42.00 -21.74
N LEU B 63 -1.51 42.83 -20.78
CA LEU B 63 -1.39 44.26 -21.01
C LEU B 63 0.00 44.76 -21.42
N ILE B 64 1.04 44.18 -20.83
CA ILE B 64 2.42 44.55 -21.12
C ILE B 64 2.94 43.85 -22.37
N GLU B 65 3.42 44.64 -23.32
CA GLU B 65 3.89 44.11 -24.60
C GLU B 65 5.30 43.50 -24.60
N THR B 66 5.70 42.93 -23.47
CA THR B 66 7.01 42.29 -23.32
C THR B 66 7.01 41.44 -22.05
N HIS B 67 7.21 40.13 -22.23
CA HIS B 67 7.21 39.18 -21.12
C HIS B 67 8.07 39.51 -19.90
N GLU B 68 9.36 39.79 -20.13
CA GLU B 68 10.25 40.12 -19.03
C GLU B 68 9.85 41.36 -18.25
N ARG B 69 9.17 42.31 -18.92
CA ARG B 69 8.74 43.51 -18.21
C ARG B 69 7.59 43.18 -17.29
N GLY B 70 6.72 42.27 -17.72
CA GLY B 70 5.59 41.85 -16.90
C GLY B 70 6.14 41.13 -15.68
N VAL B 71 7.18 40.32 -15.87
CA VAL B 71 7.79 39.59 -14.75
C VAL B 71 8.40 40.61 -13.77
N SER B 72 9.04 41.64 -14.33
CA SER B 72 9.67 42.70 -13.56
C SER B 72 8.66 43.45 -12.72
N ILE B 73 7.55 43.83 -13.34
CA ILE B 73 6.51 44.57 -12.60
C ILE B 73 5.90 43.68 -11.50
N ARG B 74 5.58 42.43 -11.81
CA ARG B 74 5.02 41.57 -10.76
C ARG B 74 5.98 41.46 -9.57
N ARG B 75 7.29 41.40 -9.84
CA ARG B 75 8.29 41.32 -8.77
C ARG B 75 8.24 42.55 -7.87
N GLN B 76 8.09 43.73 -8.47
CA GLN B 76 8.02 44.99 -7.73
C GLN B 76 6.76 45.04 -6.86
N LEU B 77 5.61 44.67 -7.43
CA LEU B 77 4.35 44.63 -6.69
C LEU B 77 4.48 43.67 -5.49
N LEU B 78 5.05 42.49 -5.75
CA LEU B 78 5.24 41.46 -4.71
C LEU B 78 6.14 41.94 -3.59
N SER B 79 7.22 42.64 -3.95
CA SER B 79 8.19 43.16 -2.98
C SER B 79 7.52 43.96 -1.87
N LYS B 80 6.67 44.92 -2.25
CA LYS B 80 5.97 45.75 -1.27
C LYS B 80 5.02 44.98 -0.34
N LYS B 81 4.75 43.71 -0.68
CA LYS B 81 3.86 42.87 0.13
C LYS B 81 4.63 41.97 1.10
N LEU B 82 5.96 41.93 0.96
CA LEU B 82 6.78 41.08 1.81
C LEU B 82 7.31 41.73 3.09
N SER B 83 7.35 40.95 4.17
CA SER B 83 7.87 41.43 5.43
C SER B 83 9.34 41.83 5.23
N GLU B 84 9.96 41.25 4.21
CA GLU B 84 11.34 41.54 3.83
C GLU B 84 11.32 41.86 2.31
N PRO B 85 11.12 43.14 1.94
CA PRO B 85 11.06 43.64 0.56
C PRO B 85 12.18 43.29 -0.40
N SER B 86 13.38 43.10 0.11
CA SER B 86 14.51 42.77 -0.76
C SER B 86 14.75 41.26 -0.91
N SER B 87 13.82 40.45 -0.43
CA SER B 87 13.99 39.00 -0.50
C SER B 87 14.07 38.45 -1.93
N LEU B 88 13.65 39.21 -2.94
CA LEU B 88 13.71 38.73 -4.32
C LEU B 88 15.03 39.03 -5.03
N GLN B 89 15.88 39.82 -4.38
CA GLN B 89 17.16 40.23 -4.93
C GLN B 89 17.93 39.10 -5.62
N TYR B 90 18.06 37.96 -4.95
CA TYR B 90 18.79 36.82 -5.50
C TYR B 90 17.98 35.80 -6.31
N LEU B 91 16.71 36.10 -6.60
CA LEU B 91 15.91 35.20 -7.45
C LEU B 91 16.08 35.77 -8.88
N PRO B 92 16.79 35.03 -9.75
CA PRO B 92 17.03 35.47 -11.13
C PRO B 92 15.75 35.53 -11.97
N TYR B 93 15.77 36.40 -12.99
CA TYR B 93 14.62 36.52 -13.90
C TYR B 93 14.99 37.05 -15.28
N ARG B 94 16.10 37.78 -15.37
CA ARG B 94 16.52 38.35 -16.66
C ARG B 94 17.13 37.36 -17.64
N ASP B 95 17.02 37.70 -18.92
CA ASP B 95 17.56 36.91 -20.04
C ASP B 95 17.08 35.46 -20.11
N TYR B 96 15.79 35.27 -19.94
CA TYR B 96 15.22 33.95 -20.00
C TYR B 96 14.09 34.02 -21.01
N ASN B 97 13.97 33.00 -21.85
CA ASN B 97 12.92 32.95 -22.85
C ASN B 97 11.55 32.63 -22.27
N TYR B 98 10.83 33.67 -21.84
CA TYR B 98 9.49 33.48 -21.26
C TYR B 98 8.39 33.25 -22.31
N SER B 99 8.72 33.40 -23.59
CA SER B 99 7.70 33.21 -24.64
C SER B 99 7.18 31.77 -24.70
N LEU B 100 8.07 30.81 -24.42
CA LEU B 100 7.71 29.38 -24.40
C LEU B 100 7.05 28.97 -23.07
N VAL B 101 7.29 29.74 -22.02
CA VAL B 101 6.74 29.49 -20.69
C VAL B 101 5.33 30.06 -20.54
N MET B 102 5.18 31.34 -20.87
CA MET B 102 3.91 32.06 -20.78
C MET B 102 2.78 31.37 -21.53
N GLY B 103 1.68 31.15 -20.84
CA GLY B 103 0.52 30.50 -21.43
C GLY B 103 0.75 29.05 -21.82
N ALA B 104 1.66 28.38 -21.10
CA ALA B 104 1.95 26.99 -21.41
C ALA B 104 2.54 26.19 -20.25
N CYS B 105 3.57 26.73 -19.59
CA CYS B 105 4.23 26.03 -18.51
C CYS B 105 4.10 26.57 -17.09
N CYS B 106 3.79 27.85 -16.95
CA CYS B 106 3.68 28.47 -15.61
C CYS B 106 2.92 29.79 -15.71
N GLU B 107 2.30 30.21 -14.60
CA GLU B 107 1.55 31.47 -14.53
C GLU B 107 2.10 32.33 -13.41
N ASN B 108 1.80 33.63 -13.43
CA ASN B 108 2.27 34.57 -12.39
C ASN B 108 3.78 34.47 -12.22
N VAL B 109 4.51 34.43 -13.32
CA VAL B 109 5.95 34.29 -13.30
C VAL B 109 6.72 35.47 -12.70
N ILE B 110 7.60 35.16 -11.76
CA ILE B 110 8.43 36.15 -11.09
C ILE B 110 9.92 35.87 -11.29
N GLY B 111 10.22 34.84 -12.07
CA GLY B 111 11.61 34.48 -12.32
C GLY B 111 11.81 33.00 -12.57
N TYR B 112 13.02 32.51 -12.28
CA TYR B 112 13.33 31.11 -12.45
C TYR B 112 14.27 30.62 -11.37
N MET B 113 14.19 29.33 -11.08
CA MET B 113 15.03 28.71 -10.07
C MET B 113 16.10 27.84 -10.69
N PRO B 114 17.37 28.25 -10.59
CA PRO B 114 18.44 27.45 -11.18
C PRO B 114 18.73 26.20 -10.35
N ILE B 115 18.70 25.02 -10.97
CA ILE B 115 19.03 23.78 -10.29
C ILE B 115 20.33 23.27 -10.93
N PRO B 116 21.38 23.04 -10.11
CA PRO B 116 22.65 22.54 -10.68
C PRO B 116 22.46 21.23 -11.45
N VAL B 117 23.16 21.12 -12.59
CA VAL B 117 23.11 19.94 -13.42
C VAL B 117 24.48 19.29 -13.51
N GLY B 118 24.55 18.02 -13.13
CA GLY B 118 25.79 17.28 -13.20
C GLY B 118 25.61 16.15 -14.21
N VAL B 119 26.70 15.49 -14.58
CA VAL B 119 26.60 14.40 -15.53
C VAL B 119 27.22 13.11 -15.01
N ALA B 120 26.53 12.00 -15.24
CA ALA B 120 27.02 10.68 -14.84
C ALA B 120 27.13 9.83 -16.08
N GLY B 121 28.25 9.14 -16.22
CA GLY B 121 28.43 8.31 -17.38
C GLY B 121 29.90 8.05 -17.68
N PRO B 122 30.20 7.33 -18.77
CA PRO B 122 29.17 6.79 -19.66
C PRO B 122 28.40 5.60 -19.07
N LEU B 123 27.11 5.55 -19.39
CA LEU B 123 26.26 4.44 -18.95
C LEU B 123 26.22 3.50 -20.16
N CYS B 124 26.88 2.35 -20.05
CA CYS B 124 26.90 1.39 -21.14
C CYS B 124 25.62 0.56 -21.10
N LEU B 125 24.70 0.91 -21.99
CA LEU B 125 23.39 0.29 -22.05
C LEU B 125 22.99 -0.19 -23.46
N ASP B 126 22.69 -1.47 -23.58
CA ASP B 126 22.30 -2.06 -24.85
C ASP B 126 23.27 -1.69 -25.99
N GLU B 127 24.56 -1.84 -25.69
CA GLU B 127 25.64 -1.58 -26.62
C GLU B 127 25.81 -0.11 -27.04
N LYS B 128 25.21 0.80 -26.29
CA LYS B 128 25.34 2.23 -26.54
C LYS B 128 25.94 2.87 -25.29
N GLU B 129 26.45 4.10 -25.40
CA GLU B 129 27.03 4.81 -24.26
C GLU B 129 26.26 6.10 -24.08
N PHE B 130 25.77 6.35 -22.88
CA PHE B 130 25.00 7.55 -22.59
C PHE B 130 25.65 8.41 -21.52
N GLN B 131 25.54 9.73 -21.69
CA GLN B 131 26.04 10.71 -20.73
C GLN B 131 24.73 11.24 -20.15
N VAL B 132 24.45 10.86 -18.91
CA VAL B 132 23.19 11.22 -18.27
C VAL B 132 23.20 12.47 -17.42
N PRO B 133 22.39 13.47 -17.81
CA PRO B 133 22.32 14.72 -17.06
C PRO B 133 21.42 14.50 -15.83
N MET B 134 21.84 15.05 -14.69
CA MET B 134 21.10 14.93 -13.45
C MET B 134 21.03 16.27 -12.72
N ALA B 135 19.82 16.78 -12.53
CA ALA B 135 19.62 18.06 -11.85
C ALA B 135 19.31 17.82 -10.38
N THR B 136 20.23 18.22 -9.51
CA THR B 136 20.00 17.98 -8.09
C THR B 136 20.76 18.93 -7.16
N THR B 137 20.31 19.00 -5.91
CA THR B 137 20.98 19.79 -4.89
C THR B 137 21.46 18.85 -3.80
N GLU B 138 21.40 17.55 -4.06
CA GLU B 138 21.85 16.56 -3.08
C GLU B 138 23.29 16.12 -3.31
N GLY B 139 24.16 16.46 -2.36
CA GLY B 139 25.56 16.09 -2.46
C GLY B 139 25.79 14.59 -2.54
N CYS B 140 26.79 14.18 -3.33
CA CYS B 140 27.17 12.77 -3.53
C CYS B 140 26.33 11.98 -4.51
N LEU B 141 25.11 12.45 -4.81
CA LEU B 141 24.24 11.72 -5.73
C LEU B 141 24.89 11.46 -7.11
N VAL B 142 25.33 12.53 -7.78
CA VAL B 142 25.95 12.38 -9.08
C VAL B 142 27.24 11.56 -9.01
N ALA B 143 28.08 11.83 -8.02
CA ALA B 143 29.34 11.09 -7.87
C ALA B 143 29.07 9.60 -7.68
N SER B 144 28.08 9.30 -6.83
CA SER B 144 27.71 7.91 -6.55
C SER B 144 27.16 7.20 -7.79
N THR B 145 26.27 7.86 -8.51
CA THR B 145 25.68 7.30 -9.72
C THR B 145 26.77 7.06 -10.76
N ASN B 146 27.73 7.98 -10.83
CA ASN B 146 28.87 7.90 -11.75
C ASN B 146 29.70 6.63 -11.42
N ARG B 147 29.87 6.33 -10.14
CA ARG B 147 30.62 5.15 -9.72
C ARG B 147 29.88 3.87 -10.13
N GLY B 148 28.55 3.90 -10.04
CA GLY B 148 27.75 2.75 -10.43
C GLY B 148 27.89 2.50 -11.92
N CYS B 149 27.88 3.57 -12.71
CA CYS B 149 28.02 3.47 -14.16
C CYS B 149 29.37 2.82 -14.49
N ARG B 150 30.41 3.26 -13.79
CA ARG B 150 31.76 2.73 -14.00
C ARG B 150 31.79 1.22 -13.74
N ALA B 151 31.15 0.77 -12.66
CA ALA B 151 31.10 -0.67 -12.35
C ALA B 151 30.37 -1.45 -13.46
N ILE B 152 29.29 -0.87 -13.97
CA ILE B 152 28.51 -1.51 -15.04
C ILE B 152 29.34 -1.59 -16.33
N GLY B 153 30.04 -0.50 -16.65
CA GLY B 153 30.87 -0.43 -17.84
C GLY B 153 31.97 -1.49 -17.83
N LEU B 154 32.66 -1.61 -16.71
CA LEU B 154 33.73 -2.60 -16.56
C LEU B 154 33.17 -4.02 -16.54
N GLY B 155 31.86 -4.14 -16.33
CA GLY B 155 31.23 -5.46 -16.31
C GLY B 155 30.66 -5.87 -17.66
N GLY B 156 30.99 -5.11 -18.71
CA GLY B 156 30.49 -5.44 -20.02
C GLY B 156 29.18 -4.76 -20.39
N GLY B 157 28.68 -3.87 -19.53
CA GLY B 157 27.46 -3.15 -19.83
C GLY B 157 26.16 -3.80 -19.36
N ALA B 158 25.08 -3.02 -19.48
CA ALA B 158 23.76 -3.45 -19.07
C ALA B 158 22.84 -3.66 -20.28
N SER B 159 21.79 -4.46 -20.07
CA SER B 159 20.78 -4.73 -21.09
C SER B 159 19.42 -4.33 -20.53
N SER B 160 18.52 -3.83 -21.38
CA SER B 160 17.20 -3.44 -20.93
C SER B 160 16.14 -3.78 -21.97
N ARG B 161 14.89 -3.86 -21.53
CA ARG B 161 13.76 -4.16 -22.40
C ARG B 161 12.53 -3.40 -21.91
N VAL B 162 11.75 -2.87 -22.84
CA VAL B 162 10.51 -2.20 -22.51
C VAL B 162 9.48 -3.33 -22.62
N LEU B 163 8.79 -3.58 -21.51
CA LEU B 163 7.81 -4.65 -21.42
C LEU B 163 6.37 -4.27 -21.77
N ALA B 164 6.05 -2.99 -21.62
CA ALA B 164 4.69 -2.49 -21.88
C ALA B 164 4.78 -0.99 -22.00
N ASP B 165 3.79 -0.39 -22.65
CA ASP B 165 3.75 1.04 -22.88
C ASP B 165 2.31 1.50 -23.01
N GLY B 166 1.88 2.33 -22.06
CA GLY B 166 0.53 2.85 -22.12
C GLY B 166 0.14 3.72 -20.95
N MET B 167 -0.08 4.99 -21.22
CA MET B 167 -0.49 5.97 -20.23
C MET B 167 -1.96 5.66 -19.93
N THR B 168 -2.43 6.04 -18.75
CA THR B 168 -3.81 5.77 -18.36
C THR B 168 -4.53 6.95 -17.76
N ARG B 169 -5.85 6.82 -17.73
CA ARG B 169 -6.75 7.80 -17.14
C ARG B 169 -7.87 6.94 -16.60
N GLY B 170 -8.24 7.18 -15.33
CA GLY B 170 -9.27 6.37 -14.71
C GLY B 170 -10.45 7.13 -14.14
N PRO B 171 -11.39 7.55 -15.00
CA PRO B 171 -12.58 8.29 -14.55
C PRO B 171 -13.56 7.45 -13.74
N VAL B 172 -14.47 8.14 -13.06
CA VAL B 172 -15.50 7.45 -12.31
C VAL B 172 -16.83 8.01 -12.80
N VAL B 173 -17.73 7.09 -13.11
CA VAL B 173 -19.08 7.42 -13.56
C VAL B 173 -20.03 6.69 -12.61
N ARG B 174 -21.30 7.09 -12.62
CA ARG B 174 -22.30 6.45 -11.75
C ARG B 174 -23.61 6.17 -12.49
N LEU B 175 -24.22 5.04 -12.18
CA LEU B 175 -25.50 4.69 -12.77
C LEU B 175 -26.52 4.74 -11.61
N PRO B 176 -27.83 4.71 -11.92
CA PRO B 176 -28.84 4.75 -10.84
C PRO B 176 -28.73 3.58 -9.85
N ARG B 177 -28.37 2.40 -10.35
CA ARG B 177 -28.24 1.20 -9.52
C ARG B 177 -27.02 0.37 -9.87
N ALA B 178 -26.60 -0.49 -8.94
CA ALA B 178 -25.44 -1.36 -9.17
C ALA B 178 -25.77 -2.34 -10.31
N CYS B 179 -27.04 -2.71 -10.44
CA CYS B 179 -27.44 -3.61 -11.54
C CYS B 179 -27.15 -2.96 -12.89
N ASP B 180 -27.33 -1.63 -12.97
CA ASP B 180 -27.05 -0.90 -14.20
C ASP B 180 -25.55 -0.78 -14.44
N SER B 181 -24.77 -0.46 -13.40
CA SER B 181 -23.32 -0.36 -13.59
C SER B 181 -22.77 -1.70 -14.01
N ALA B 182 -23.31 -2.80 -13.48
CA ALA B 182 -22.88 -4.14 -13.86
C ALA B 182 -23.16 -4.33 -15.39
N GLU B 183 -24.30 -3.82 -15.86
CA GLU B 183 -24.66 -3.92 -17.29
C GLU B 183 -23.70 -3.12 -18.17
N VAL B 184 -23.39 -1.88 -17.78
CA VAL B 184 -22.43 -1.08 -18.54
C VAL B 184 -21.08 -1.82 -18.60
N LYS B 185 -20.65 -2.42 -17.48
CA LYS B 185 -19.40 -3.16 -17.45
C LYS B 185 -19.45 -4.34 -18.44
N ALA B 186 -20.55 -5.09 -18.43
CA ALA B 186 -20.68 -6.21 -19.35
C ALA B 186 -20.63 -5.69 -20.80
N TRP B 187 -21.34 -4.60 -21.08
CA TRP B 187 -21.37 -4.02 -22.42
C TRP B 187 -19.95 -3.62 -22.90
N LEU B 188 -19.18 -2.97 -22.03
CA LEU B 188 -17.82 -2.54 -22.37
C LEU B 188 -16.92 -3.72 -22.65
N GLU B 189 -17.26 -4.88 -22.09
CA GLU B 189 -16.45 -6.07 -22.29
C GLU B 189 -16.79 -6.86 -23.56
N THR B 190 -17.89 -6.50 -24.23
CA THR B 190 -18.23 -7.20 -25.48
C THR B 190 -17.30 -6.59 -26.54
N SER B 191 -16.89 -7.39 -27.52
CA SER B 191 -16.00 -6.88 -28.57
C SER B 191 -16.62 -5.66 -29.28
N GLU B 192 -17.93 -5.74 -29.52
CA GLU B 192 -18.65 -4.66 -30.19
C GLU B 192 -18.80 -3.39 -29.35
N GLY B 193 -18.98 -3.56 -28.03
CA GLY B 193 -19.10 -2.41 -27.14
C GLY B 193 -17.74 -1.73 -27.03
N PHE B 194 -16.69 -2.54 -26.96
CA PHE B 194 -15.32 -2.00 -26.89
C PHE B 194 -14.92 -1.29 -28.20
N ALA B 195 -15.34 -1.84 -29.34
CA ALA B 195 -15.02 -1.25 -30.65
C ALA B 195 -15.58 0.15 -30.78
N VAL B 196 -16.82 0.35 -30.35
CA VAL B 196 -17.42 1.67 -30.39
C VAL B 196 -16.60 2.65 -29.56
N ILE B 197 -16.32 2.29 -28.30
CA ILE B 197 -15.54 3.15 -27.40
C ILE B 197 -14.15 3.41 -27.98
N LYS B 198 -13.51 2.36 -28.49
CA LYS B 198 -12.19 2.50 -29.09
C LYS B 198 -12.23 3.51 -30.27
N GLU B 199 -13.28 3.43 -31.10
CA GLU B 199 -13.40 4.34 -32.24
C GLU B 199 -13.45 5.79 -31.77
N ALA B 200 -14.28 6.08 -30.78
CA ALA B 200 -14.40 7.44 -30.27
C ALA B 200 -13.09 7.92 -29.58
N PHE B 201 -12.50 7.04 -28.77
CA PHE B 201 -11.26 7.38 -28.06
C PHE B 201 -10.14 7.67 -29.05
N ASP B 202 -9.91 6.77 -29.99
CA ASP B 202 -8.83 6.94 -30.98
C ASP B 202 -8.99 8.15 -31.93
N SER B 203 -10.21 8.63 -32.13
CA SER B 203 -10.42 9.77 -33.05
C SER B 203 -9.80 11.08 -32.58
N THR B 204 -9.31 11.14 -31.34
CA THR B 204 -8.74 12.40 -30.85
C THR B 204 -7.30 12.64 -31.29
N SER B 205 -6.63 11.59 -31.74
CA SER B 205 -5.23 11.73 -32.16
C SER B 205 -4.67 10.58 -32.98
N ARG B 206 -3.76 10.90 -33.91
CA ARG B 206 -3.12 9.89 -34.74
C ARG B 206 -2.21 8.96 -33.91
N PHE B 207 -1.90 9.41 -32.69
CA PHE B 207 -1.04 8.64 -31.79
C PHE B 207 -1.81 7.82 -30.76
N ALA B 208 -3.10 8.10 -30.62
CA ALA B 208 -3.95 7.37 -29.67
C ALA B 208 -4.36 5.99 -30.19
N ARG B 209 -4.17 4.98 -29.35
CA ARG B 209 -4.55 3.64 -29.70
C ARG B 209 -5.02 2.98 -28.39
N LEU B 210 -6.33 2.98 -28.17
CA LEU B 210 -6.90 2.40 -26.96
C LEU B 210 -6.57 0.92 -26.94
N GLN B 211 -5.60 0.56 -26.08
CA GLN B 211 -5.13 -0.81 -25.98
C GLN B 211 -6.02 -1.72 -25.18
N LYS B 212 -6.57 -1.19 -24.08
CA LYS B 212 -7.43 -2.01 -23.25
C LYS B 212 -8.21 -1.20 -22.22
N LEU B 213 -9.16 -1.90 -21.61
CA LEU B 213 -10.03 -1.30 -20.61
C LEU B 213 -10.08 -2.19 -19.37
N HIS B 214 -9.81 -1.62 -18.22
CA HIS B 214 -9.90 -2.36 -16.98
C HIS B 214 -11.02 -1.64 -16.22
N THR B 215 -12.11 -2.36 -15.97
CA THR B 215 -13.23 -1.74 -15.29
C THR B 215 -13.42 -2.31 -13.90
N SER B 216 -13.76 -1.44 -12.96
CA SER B 216 -13.96 -1.86 -11.58
C SER B 216 -15.24 -1.23 -11.00
N ILE B 217 -16.05 -2.06 -10.36
CA ILE B 217 -17.30 -1.58 -9.77
C ILE B 217 -17.25 -1.39 -8.25
N ALA B 218 -17.96 -0.38 -7.78
CA ALA B 218 -18.08 -0.10 -6.34
C ALA B 218 -19.54 0.31 -6.23
N GLY B 219 -20.43 -0.68 -6.06
CA GLY B 219 -21.85 -0.36 -5.99
C GLY B 219 -22.31 0.22 -7.32
N ARG B 220 -22.93 1.40 -7.27
CA ARG B 220 -23.39 2.00 -8.51
C ARG B 220 -22.34 2.84 -9.25
N ASN B 221 -21.13 2.90 -8.69
CA ASN B 221 -20.01 3.61 -9.30
C ASN B 221 -19.29 2.64 -10.21
N LEU B 222 -18.73 3.15 -11.31
CA LEU B 222 -17.98 2.31 -12.23
C LEU B 222 -16.71 3.10 -12.49
N TYR B 223 -15.55 2.47 -12.23
CA TYR B 223 -14.26 3.11 -12.47
C TYR B 223 -13.75 2.41 -13.71
N ILE B 224 -13.40 3.19 -14.74
CA ILE B 224 -12.93 2.66 -16.01
C ILE B 224 -11.52 3.17 -16.29
N ARG B 225 -10.59 2.25 -16.36
CA ARG B 225 -9.20 2.60 -16.63
C ARG B 225 -8.88 2.45 -18.13
N PHE B 226 -8.77 3.57 -18.82
CA PHE B 226 -8.43 3.61 -20.25
C PHE B 226 -6.91 3.60 -20.38
N GLN B 227 -6.37 2.76 -21.25
CA GLN B 227 -4.94 2.68 -21.45
C GLN B 227 -4.57 2.74 -22.93
N SER B 228 -3.71 3.68 -23.27
CA SER B 228 -3.35 3.86 -24.66
C SER B 228 -1.93 4.35 -24.85
N ARG B 229 -1.39 4.12 -26.05
CA ARG B 229 -0.05 4.60 -26.40
C ARG B 229 -0.23 6.08 -26.65
N SER B 230 0.88 6.78 -26.81
CA SER B 230 0.82 8.22 -27.01
C SER B 230 2.04 8.76 -27.77
N GLY B 231 2.58 7.99 -28.70
CA GLY B 231 3.75 8.46 -29.45
C GLY B 231 4.88 8.75 -28.48
N ASP B 232 5.53 9.88 -28.63
CA ASP B 232 6.63 10.21 -27.73
C ASP B 232 6.22 11.12 -26.57
N ALA B 233 4.93 11.44 -26.47
CA ALA B 233 4.47 12.29 -25.35
C ALA B 233 4.17 11.42 -24.12
N MET B 234 4.27 12.04 -22.93
CA MET B 234 3.95 11.36 -21.68
C MET B 234 2.47 10.93 -21.80
N GLY B 235 1.69 11.77 -22.50
CA GLY B 235 0.32 11.47 -22.83
C GLY B 235 -0.86 11.80 -21.94
N MET B 236 -0.63 12.42 -20.79
CA MET B 236 -1.78 12.73 -19.92
C MET B 236 -2.85 13.56 -20.64
N ASN B 237 -2.43 14.64 -21.31
CA ASN B 237 -3.34 15.51 -22.06
C ASN B 237 -4.13 14.75 -23.15
N MET B 238 -3.41 13.98 -23.97
CA MET B 238 -4.01 13.20 -25.05
C MET B 238 -4.97 12.12 -24.52
N ILE B 239 -4.54 11.38 -23.51
CA ILE B 239 -5.37 10.34 -22.93
C ILE B 239 -6.61 10.93 -22.25
N SER B 240 -6.50 12.10 -21.62
CA SER B 240 -7.67 12.72 -20.98
C SER B 240 -8.69 13.15 -22.03
N LYS B 241 -8.21 13.68 -23.16
CA LYS B 241 -9.08 14.11 -24.28
C LYS B 241 -9.80 12.89 -24.91
N GLY B 242 -9.05 11.81 -25.13
CA GLY B 242 -9.65 10.61 -25.66
C GLY B 242 -10.72 10.10 -24.68
N THR B 243 -10.41 10.14 -23.38
CA THR B 243 -11.35 9.65 -22.37
C THR B 243 -12.64 10.47 -22.39
N GLU B 244 -12.51 11.79 -22.42
CA GLU B 244 -13.69 12.65 -22.44
C GLU B 244 -14.58 12.29 -23.66
N LYS B 245 -13.95 11.96 -24.77
CA LYS B 245 -14.67 11.62 -26.00
C LYS B 245 -15.34 10.26 -25.88
N ALA B 246 -14.62 9.30 -25.30
CA ALA B 246 -15.11 7.95 -25.12
C ALA B 246 -16.32 7.92 -24.15
N LEU B 247 -16.27 8.72 -23.09
CA LEU B 247 -17.37 8.78 -22.13
C LEU B 247 -18.60 9.46 -22.74
N SER B 248 -18.40 10.46 -23.59
CA SER B 248 -19.53 11.12 -24.27
C SER B 248 -20.24 10.10 -25.16
N LYS B 249 -19.44 9.27 -25.83
CA LYS B 249 -19.97 8.22 -26.69
C LYS B 249 -20.73 7.21 -25.85
N LEU B 250 -20.14 6.80 -24.73
CA LEU B 250 -20.74 5.84 -23.81
C LEU B 250 -22.09 6.36 -23.29
N HIS B 251 -22.20 7.67 -23.10
CA HIS B 251 -23.43 8.28 -22.63
C HIS B 251 -24.58 8.17 -23.64
N GLU B 252 -24.26 8.11 -24.93
CA GLU B 252 -25.30 7.95 -25.97
C GLU B 252 -25.97 6.60 -25.78
N TYR B 253 -25.20 5.58 -25.43
CA TYR B 253 -25.76 4.25 -25.19
C TYR B 253 -26.44 4.10 -23.82
N PHE B 254 -25.97 4.86 -22.84
CA PHE B 254 -26.54 4.83 -21.48
C PHE B 254 -26.79 6.25 -21.00
N PRO B 255 -27.89 6.87 -21.46
CA PRO B 255 -28.20 8.25 -21.06
C PRO B 255 -28.36 8.48 -19.56
N GLU B 256 -28.64 7.43 -18.82
CA GLU B 256 -28.82 7.54 -17.36
C GLU B 256 -27.48 7.69 -16.62
N MET B 257 -26.39 7.46 -17.34
CA MET B 257 -25.06 7.58 -16.79
C MET B 257 -24.64 9.00 -16.47
N GLN B 258 -24.03 9.17 -15.31
CA GLN B 258 -23.53 10.45 -14.87
C GLN B 258 -22.00 10.36 -14.80
N ILE B 259 -21.35 11.33 -15.42
CA ILE B 259 -19.88 11.38 -15.42
C ILE B 259 -19.55 12.21 -14.20
N LEU B 260 -18.99 11.56 -13.20
CA LEU B 260 -18.67 12.26 -11.96
C LEU B 260 -17.35 13.04 -12.01
N ALA B 261 -16.31 12.41 -12.55
CA ALA B 261 -15.01 13.06 -12.66
C ALA B 261 -14.18 12.36 -13.73
N VAL B 262 -13.50 13.14 -14.58
CA VAL B 262 -12.66 12.58 -15.65
C VAL B 262 -11.52 11.77 -15.04
N SER B 263 -11.19 12.08 -13.78
CA SER B 263 -10.20 11.31 -13.03
C SER B 263 -10.85 10.96 -11.71
N GLY B 264 -11.06 9.66 -11.51
CA GLY B 264 -11.65 9.17 -10.28
C GLY B 264 -10.58 8.50 -9.43
N ASN B 265 -9.32 8.89 -9.67
CA ASN B 265 -8.17 8.37 -8.95
C ASN B 265 -7.87 6.90 -9.26
N TYR B 266 -8.45 6.39 -10.34
CA TYR B 266 -8.23 5.00 -10.72
C TYR B 266 -7.13 4.88 -11.80
N CYS B 267 -6.49 6.02 -12.15
CA CYS B 267 -5.45 6.02 -13.19
C CYS B 267 -4.19 5.18 -12.90
N THR B 268 -3.44 5.43 -11.81
CA THR B 268 -3.64 6.49 -10.82
C THR B 268 -2.52 7.49 -11.05
N ASP B 269 -2.85 8.79 -11.03
CA ASP B 269 -1.87 9.83 -11.33
C ASP B 269 -1.37 10.61 -10.11
N LYS B 270 -0.05 10.54 -9.88
CA LYS B 270 0.60 11.28 -8.78
C LYS B 270 0.26 10.91 -7.31
N LYS B 271 -0.27 9.71 -7.11
CA LYS B 271 -0.57 9.19 -5.77
C LYS B 271 -0.09 7.75 -5.80
N PRO B 272 0.43 7.24 -4.66
CA PRO B 272 0.90 5.85 -4.60
C PRO B 272 -0.33 4.96 -4.80
N ALA B 273 -0.21 3.91 -5.59
CA ALA B 273 -1.37 3.05 -5.82
C ALA B 273 -0.93 1.67 -6.29
N ALA B 274 -1.49 0.64 -5.69
CA ALA B 274 -1.15 -0.73 -6.07
C ALA B 274 -1.49 -0.99 -7.54
N ILE B 275 -2.51 -0.31 -8.07
CA ILE B 275 -2.88 -0.56 -9.45
C ILE B 275 -1.75 -0.27 -10.44
N ASN B 276 -0.96 0.76 -10.18
CA ASN B 276 0.16 1.10 -11.06
C ASN B 276 1.26 0.07 -10.97
N TRP B 277 1.50 -0.43 -9.76
CA TRP B 277 2.51 -1.43 -9.49
C TRP B 277 2.20 -2.77 -10.18
N ILE B 278 0.95 -3.19 -10.08
CA ILE B 278 0.49 -4.45 -10.64
C ILE B 278 0.19 -4.44 -12.15
N GLU B 279 -0.47 -3.39 -12.64
CA GLU B 279 -0.81 -3.33 -14.05
C GLU B 279 0.09 -2.45 -14.92
N GLY B 280 0.93 -1.64 -14.26
CA GLY B 280 1.83 -0.75 -14.98
C GLY B 280 1.13 0.54 -15.38
N ARG B 281 1.91 1.58 -15.66
CA ARG B 281 1.38 2.86 -16.13
C ARG B 281 2.54 3.52 -16.87
N GLY B 282 2.30 4.02 -18.09
CA GLY B 282 3.39 4.60 -18.85
C GLY B 282 4.22 3.43 -19.35
N LYS B 283 5.54 3.50 -19.14
CA LYS B 283 6.43 2.42 -19.60
C LYS B 283 6.84 1.48 -18.47
N SER B 284 6.80 0.17 -18.74
CA SER B 284 7.24 -0.84 -17.77
C SER B 284 8.58 -1.27 -18.36
N VAL B 285 9.63 -1.28 -17.54
CA VAL B 285 10.99 -1.58 -18.03
C VAL B 285 11.76 -2.45 -17.05
N VAL B 286 12.63 -3.28 -17.61
CA VAL B 286 13.50 -4.14 -16.80
C VAL B 286 14.92 -3.93 -17.33
N CYS B 287 15.87 -3.91 -16.40
CA CYS B 287 17.28 -3.71 -16.74
C CYS B 287 18.12 -4.71 -15.92
N GLU B 288 19.28 -5.08 -16.43
CA GLU B 288 20.15 -6.05 -15.74
C GLU B 288 21.61 -5.92 -16.16
N ALA B 289 22.49 -6.46 -15.33
CA ALA B 289 23.94 -6.45 -15.58
C ALA B 289 24.59 -7.44 -14.63
N VAL B 290 25.81 -7.85 -14.98
CA VAL B 290 26.58 -8.73 -14.12
C VAL B 290 27.89 -8.01 -13.85
N ILE B 291 28.19 -7.83 -12.57
CA ILE B 291 29.40 -7.13 -12.17
C ILE B 291 30.42 -8.18 -11.71
N PRO B 292 31.58 -8.26 -12.37
CA PRO B 292 32.63 -9.22 -12.01
C PRO B 292 33.12 -8.99 -10.58
N ALA B 293 33.50 -10.08 -9.90
CA ALA B 293 33.98 -10.03 -8.52
C ALA B 293 35.08 -8.99 -8.30
N LYS B 294 35.99 -8.92 -9.28
CA LYS B 294 37.11 -7.99 -9.24
C LYS B 294 36.61 -6.54 -9.25
N VAL B 295 35.61 -6.27 -10.08
CA VAL B 295 35.03 -4.93 -10.19
C VAL B 295 34.28 -4.56 -8.91
N VAL B 296 33.56 -5.51 -8.34
CA VAL B 296 32.83 -5.25 -7.11
C VAL B 296 33.85 -4.81 -6.06
N ARG B 297 35.01 -5.46 -6.06
CA ARG B 297 36.07 -5.11 -5.11
C ARG B 297 36.77 -3.79 -5.42
N GLU B 298 37.26 -3.63 -6.64
CA GLU B 298 37.99 -2.42 -7.02
C GLU B 298 37.18 -1.15 -7.18
N VAL B 299 36.00 -1.24 -7.80
CA VAL B 299 35.17 -0.05 -7.99
C VAL B 299 34.19 0.20 -6.83
N LEU B 300 33.47 -0.83 -6.40
CA LEU B 300 32.50 -0.71 -5.33
C LEU B 300 33.02 -0.87 -3.89
N LYS B 301 34.25 -1.37 -3.73
CA LYS B 301 34.91 -1.55 -2.40
C LYS B 301 34.18 -2.47 -1.43
N THR B 302 33.62 -3.56 -1.93
CA THR B 302 32.90 -4.51 -1.09
C THR B 302 32.91 -5.90 -1.76
N THR B 303 32.08 -6.81 -1.29
CA THR B 303 32.02 -8.14 -1.88
C THR B 303 30.59 -8.44 -2.32
N THR B 304 30.46 -9.39 -3.24
CA THR B 304 29.14 -9.78 -3.72
C THR B 304 28.27 -10.32 -2.59
N GLU B 305 28.85 -11.15 -1.72
CA GLU B 305 28.12 -11.72 -0.59
C GLU B 305 27.49 -10.61 0.32
N ALA B 306 28.28 -9.59 0.66
CA ALA B 306 27.81 -8.48 1.47
C ALA B 306 26.71 -7.70 0.78
N MET B 307 26.88 -7.46 -0.51
CA MET B 307 25.85 -6.73 -1.25
C MET B 307 24.53 -7.48 -1.35
N ILE B 308 24.57 -8.80 -1.47
CA ILE B 308 23.34 -9.60 -1.53
C ILE B 308 22.63 -9.58 -0.15
N GLU B 309 23.40 -9.70 0.92
CA GLU B 309 22.83 -9.69 2.29
C GLU B 309 22.12 -8.37 2.57
N VAL B 310 22.72 -7.27 2.16
CA VAL B 310 22.10 -5.96 2.35
C VAL B 310 20.83 -5.83 1.48
N ASN B 311 20.92 -6.23 0.21
CA ASN B 311 19.76 -6.14 -0.68
C ASN B 311 18.54 -6.93 -0.22
N ILE B 312 18.74 -8.16 0.20
CA ILE B 312 17.64 -8.98 0.68
C ILE B 312 17.03 -8.40 1.96
N ASN B 313 17.90 -8.05 2.92
CA ASN B 313 17.41 -7.56 4.20
C ASN B 313 16.92 -6.14 4.27
N LYS B 314 17.33 -5.32 3.29
CA LYS B 314 16.89 -3.94 3.22
C LYS B 314 15.76 -3.78 2.21
N ASN B 315 16.06 -4.09 0.94
CA ASN B 315 15.10 -3.94 -0.16
C ASN B 315 13.91 -4.89 -0.20
N LEU B 316 14.06 -6.08 0.35
CA LEU B 316 12.96 -7.01 0.38
C LEU B 316 12.32 -7.05 1.77
N VAL B 317 13.06 -7.57 2.75
CA VAL B 317 12.57 -7.71 4.12
C VAL B 317 12.25 -6.39 4.79
N GLY B 318 13.14 -5.39 4.67
CA GLY B 318 12.90 -4.09 5.30
C GLY B 318 11.66 -3.40 4.74
N SER B 319 11.57 -3.35 3.41
CA SER B 319 10.42 -2.76 2.74
C SER B 319 9.12 -3.48 3.11
N ALA B 320 9.19 -4.81 3.27
CA ALA B 320 8.02 -5.60 3.68
C ALA B 320 7.60 -5.20 5.10
N MET B 321 8.57 -5.05 6.00
CA MET B 321 8.27 -4.68 7.39
C MET B 321 7.67 -3.28 7.48
N ALA B 322 8.09 -2.39 6.58
CA ALA B 322 7.58 -1.03 6.53
C ALA B 322 6.21 -0.90 5.88
N GLY B 323 5.71 -2.01 5.31
CA GLY B 323 4.41 -1.95 4.63
C GLY B 323 4.46 -1.20 3.31
N SER B 324 5.49 -1.45 2.53
CA SER B 324 5.64 -0.79 1.24
C SER B 324 4.94 -1.52 0.09
N ILE B 325 4.37 -0.74 -0.83
CA ILE B 325 3.78 -1.32 -2.06
C ILE B 325 4.60 -0.63 -3.15
N GLY B 326 5.50 -1.37 -3.81
CA GLY B 326 6.32 -0.78 -4.87
C GLY B 326 7.65 -0.13 -4.50
N GLY B 327 7.95 -0.03 -3.21
CA GLY B 327 9.20 0.57 -2.77
C GLY B 327 10.24 -0.46 -2.35
N TYR B 328 10.51 -1.44 -3.21
CA TYR B 328 11.50 -2.49 -2.92
C TYR B 328 12.84 -2.15 -3.56
N ASN B 329 13.36 -0.98 -3.20
CA ASN B 329 14.62 -0.51 -3.77
C ASN B 329 15.28 0.44 -2.76
N ALA B 330 16.51 0.83 -3.01
CA ALA B 330 17.24 1.73 -2.10
C ALA B 330 16.92 3.20 -2.31
N HIS B 331 17.14 3.74 -3.52
CA HIS B 331 16.82 5.14 -3.78
C HIS B 331 16.49 5.49 -5.22
N ALA B 332 15.70 4.64 -5.88
CA ALA B 332 15.30 4.92 -7.25
C ALA B 332 14.76 6.34 -7.39
N ALA B 333 13.99 6.81 -6.41
CA ALA B 333 13.42 8.16 -6.46
C ALA B 333 14.47 9.27 -6.64
N ASN B 334 15.66 9.09 -6.08
CA ASN B 334 16.71 10.11 -6.24
C ASN B 334 17.11 10.27 -7.71
N ILE B 335 17.31 9.13 -8.38
CA ILE B 335 17.72 9.16 -9.78
C ILE B 335 16.60 9.62 -10.70
N VAL B 336 15.40 9.11 -10.47
CA VAL B 336 14.24 9.50 -11.26
C VAL B 336 14.01 11.01 -11.19
N THR B 337 14.06 11.55 -9.97
CA THR B 337 13.80 12.97 -9.80
C THR B 337 14.85 13.85 -10.47
N ALA B 338 16.12 13.47 -10.34
CA ALA B 338 17.22 14.23 -10.93
C ALA B 338 17.11 14.25 -12.46
N ILE B 339 16.86 13.09 -13.06
CA ILE B 339 16.72 13.01 -14.51
C ILE B 339 15.49 13.76 -14.99
N TYR B 340 14.38 13.62 -14.25
CA TYR B 340 13.13 14.29 -14.60
C TYR B 340 13.25 15.80 -14.64
N ILE B 341 13.88 16.37 -13.63
CA ILE B 341 14.06 17.81 -13.56
C ILE B 341 14.95 18.31 -14.70
N ALA B 342 16.04 17.59 -14.96
CA ALA B 342 16.98 17.92 -16.04
C ALA B 342 16.33 17.85 -17.42
N CYS B 343 15.49 16.84 -17.65
CA CYS B 343 14.86 16.62 -18.96
C CYS B 343 13.46 17.15 -19.19
N GLY B 344 13.01 18.04 -18.31
CA GLY B 344 11.69 18.63 -18.47
C GLY B 344 10.48 17.72 -18.30
N GLN B 345 10.60 16.69 -17.47
CA GLN B 345 9.48 15.78 -17.19
C GLN B 345 8.68 16.39 -16.05
N ASP B 346 7.58 15.75 -15.69
CA ASP B 346 6.75 16.23 -14.59
C ASP B 346 7.34 15.60 -13.32
N ALA B 347 8.10 16.38 -12.54
CA ALA B 347 8.73 15.86 -11.32
C ALA B 347 7.76 15.26 -10.30
N ALA B 348 6.53 15.76 -10.27
CA ALA B 348 5.53 15.25 -9.34
C ALA B 348 5.19 13.78 -9.65
N GLN B 349 5.49 13.36 -10.88
CA GLN B 349 5.24 11.97 -11.28
C GLN B 349 6.28 11.00 -10.72
N ASN B 350 7.24 11.52 -9.94
CA ASN B 350 8.21 10.63 -9.33
C ASN B 350 7.50 9.74 -8.30
N VAL B 351 6.32 10.15 -7.84
CA VAL B 351 5.56 9.35 -6.89
C VAL B 351 5.38 7.92 -7.41
N GLY B 352 4.83 7.77 -8.62
CA GLY B 352 4.66 6.43 -9.18
C GLY B 352 5.80 5.98 -10.10
N SER B 353 6.48 6.93 -10.75
CA SER B 353 7.58 6.58 -11.65
C SER B 353 8.76 5.91 -10.95
N SER B 354 8.88 6.15 -9.64
CA SER B 354 9.94 5.59 -8.81
C SER B 354 9.70 4.14 -8.37
N ASN B 355 8.51 3.60 -8.61
CA ASN B 355 8.21 2.21 -8.24
C ASN B 355 9.35 1.35 -8.81
N CYS B 356 9.91 0.48 -7.97
CA CYS B 356 11.02 -0.33 -8.41
C CYS B 356 11.35 -1.47 -7.46
N ILE B 357 11.70 -2.62 -8.03
CA ILE B 357 12.16 -3.73 -7.22
C ILE B 357 13.56 -4.08 -7.73
N THR B 358 14.52 -4.01 -6.81
CA THR B 358 15.92 -4.29 -7.09
C THR B 358 16.28 -5.66 -6.56
N LEU B 359 16.82 -6.51 -7.42
CA LEU B 359 17.20 -7.85 -7.03
C LEU B 359 18.67 -8.08 -7.33
N MET B 360 19.33 -8.76 -6.41
CA MET B 360 20.75 -9.06 -6.56
C MET B 360 20.91 -10.53 -6.27
N GLU B 361 21.81 -11.16 -7.00
CA GLU B 361 22.04 -12.58 -6.88
C GLU B 361 23.52 -12.93 -7.12
N ALA B 362 24.02 -13.89 -6.34
CA ALA B 362 25.41 -14.37 -6.46
C ALA B 362 25.48 -15.10 -7.79
N SER B 363 26.46 -14.75 -8.60
CA SER B 363 26.59 -15.36 -9.91
C SER B 363 28.03 -15.85 -10.13
N GLY B 364 28.21 -16.75 -11.09
CA GLY B 364 29.57 -17.19 -11.37
C GLY B 364 30.05 -18.52 -10.81
N PRO B 365 31.25 -18.93 -11.21
CA PRO B 365 31.92 -20.17 -10.81
C PRO B 365 32.00 -20.38 -9.30
N THR B 366 32.28 -19.31 -8.56
CA THR B 366 32.38 -19.41 -7.11
C THR B 366 31.37 -18.53 -6.35
N ASN B 367 30.26 -18.19 -6.99
CA ASN B 367 29.23 -17.35 -6.40
C ASN B 367 29.74 -16.00 -5.97
N GLU B 368 30.78 -15.51 -6.62
CA GLU B 368 31.38 -14.22 -6.27
C GLU B 368 31.09 -13.06 -7.24
N ASP B 369 30.48 -13.32 -8.39
CA ASP B 369 30.14 -12.23 -9.31
C ASP B 369 28.74 -11.75 -8.95
N LEU B 370 28.41 -10.51 -9.27
CA LEU B 370 27.13 -9.95 -8.89
C LEU B 370 26.12 -9.73 -10.00
N TYR B 371 25.03 -10.48 -9.96
CA TYR B 371 23.98 -10.27 -10.94
C TYR B 371 23.01 -9.27 -10.30
N ILE B 372 22.64 -8.23 -11.04
CA ILE B 372 21.69 -7.25 -10.53
C ILE B 372 20.64 -6.93 -11.59
N SER B 373 19.41 -6.67 -11.13
CA SER B 373 18.32 -6.28 -12.01
C SER B 373 17.43 -5.26 -11.31
N CYS B 374 16.84 -4.36 -12.08
CA CYS B 374 15.91 -3.39 -11.57
C CYS B 374 14.71 -3.47 -12.49
N THR B 375 13.52 -3.60 -11.90
CA THR B 375 12.27 -3.67 -12.65
C THR B 375 11.39 -2.50 -12.21
N MET B 376 11.02 -1.64 -13.16
CA MET B 376 10.20 -0.44 -12.93
C MET B 376 8.99 -0.52 -13.85
N PRO B 377 7.85 -0.88 -13.28
CA PRO B 377 6.60 -1.02 -14.05
C PRO B 377 5.82 0.22 -14.41
N SER B 378 6.19 1.37 -13.87
CA SER B 378 5.39 2.55 -14.16
C SER B 378 6.10 3.88 -14.35
N ILE B 379 7.02 3.91 -15.30
CA ILE B 379 7.79 5.12 -15.64
C ILE B 379 6.95 6.00 -16.57
N GLU B 380 6.53 7.15 -16.03
CA GLU B 380 5.69 8.13 -16.74
C GLU B 380 6.65 9.16 -17.35
N ILE B 381 6.83 9.07 -18.66
CA ILE B 381 7.83 9.90 -19.32
C ILE B 381 7.51 10.26 -20.78
N GLY B 382 8.13 11.33 -21.29
CA GLY B 382 7.89 11.76 -22.66
C GLY B 382 9.00 12.67 -23.14
N THR B 383 9.13 12.81 -24.45
CA THR B 383 10.17 13.65 -25.03
C THR B 383 9.60 14.79 -25.88
N VAL B 384 8.28 14.94 -25.86
CA VAL B 384 7.59 16.00 -26.59
C VAL B 384 6.51 16.55 -25.67
N GLY B 385 6.29 17.87 -25.71
CA GLY B 385 5.26 18.47 -24.89
C GLY B 385 5.70 18.85 -23.46
N GLY B 386 4.91 19.71 -22.82
CA GLY B 386 5.19 20.15 -21.47
C GLY B 386 6.54 20.83 -21.32
N GLY B 387 7.27 20.44 -20.27
CA GLY B 387 8.58 21.02 -20.00
C GLY B 387 9.63 20.70 -21.04
N THR B 388 9.41 19.66 -21.84
CA THR B 388 10.36 19.30 -22.88
C THR B 388 10.34 20.30 -24.05
N ASN B 389 9.43 21.29 -23.98
CA ASN B 389 9.35 22.31 -25.02
C ASN B 389 10.32 23.46 -24.72
N LEU B 390 10.87 23.51 -23.50
CA LEU B 390 11.81 24.57 -23.16
C LEU B 390 13.20 24.22 -23.67
N LEU B 391 13.97 25.24 -24.07
CA LEU B 391 15.31 25.00 -24.62
C LEU B 391 16.35 24.35 -23.70
N PRO B 392 16.50 24.83 -22.45
CA PRO B 392 17.51 24.16 -21.62
C PRO B 392 17.17 22.68 -21.41
N GLN B 393 15.88 22.38 -21.22
CA GLN B 393 15.44 20.99 -21.04
C GLN B 393 15.72 20.17 -22.31
N GLN B 394 15.49 20.77 -23.48
CA GLN B 394 15.76 20.07 -24.75
C GLN B 394 17.25 19.78 -24.91
N ALA B 395 18.09 20.64 -24.34
CA ALA B 395 19.53 20.45 -24.43
C ALA B 395 19.88 19.14 -23.74
N CYS B 396 19.32 18.90 -22.55
CA CYS B 396 19.56 17.65 -21.83
C CYS B 396 18.99 16.44 -22.59
N LEU B 397 17.84 16.60 -23.20
CA LEU B 397 17.26 15.51 -23.98
C LEU B 397 18.16 15.22 -25.20
N GLN B 398 18.73 16.27 -25.81
CA GLN B 398 19.63 16.10 -26.96
C GLN B 398 20.92 15.41 -26.55
N MET B 399 21.39 15.69 -25.34
CA MET B 399 22.61 15.08 -24.82
C MET B 399 22.43 13.56 -24.88
N LEU B 400 21.20 13.10 -24.63
CA LEU B 400 20.85 11.68 -24.64
C LEU B 400 20.43 11.16 -26.00
N GLY B 401 20.20 12.08 -26.95
CA GLY B 401 19.81 11.69 -28.29
C GLY B 401 18.35 11.30 -28.41
N VAL B 402 17.49 11.81 -27.51
CA VAL B 402 16.07 11.46 -27.55
C VAL B 402 15.13 12.65 -27.60
N GLN B 403 15.64 13.84 -27.94
CA GLN B 403 14.79 15.02 -27.97
C GLN B 403 13.73 15.00 -29.08
N GLY B 404 12.51 15.38 -28.71
CA GLY B 404 11.41 15.44 -29.65
C GLY B 404 10.82 14.13 -30.14
N ALA B 405 10.01 14.24 -31.18
CA ALA B 405 9.35 13.07 -31.75
C ALA B 405 10.31 12.20 -32.56
N CYS B 406 10.12 10.89 -32.52
CA CYS B 406 10.96 10.02 -33.34
C CYS B 406 10.13 9.87 -34.63
N LYS B 407 10.55 10.60 -35.65
CA LYS B 407 9.87 10.61 -36.95
C LYS B 407 9.76 9.21 -37.56
N ASP B 408 10.88 8.50 -37.53
CA ASP B 408 10.99 7.15 -38.10
C ASP B 408 10.20 6.06 -37.37
N ASN B 409 10.13 6.13 -36.03
CA ASN B 409 9.41 5.15 -35.21
C ASN B 409 8.77 5.87 -34.01
N PRO B 410 7.55 6.44 -34.20
CA PRO B 410 6.83 7.17 -33.14
C PRO B 410 6.85 6.41 -31.80
N GLY B 411 7.30 7.09 -30.74
CA GLY B 411 7.37 6.46 -29.43
C GLY B 411 8.74 5.94 -29.05
N GLU B 412 9.61 5.77 -30.05
CA GLU B 412 10.94 5.25 -29.79
C GLU B 412 11.84 6.15 -28.93
N ASN B 413 11.68 7.46 -29.04
CA ASN B 413 12.51 8.34 -28.22
C ASN B 413 12.08 8.21 -26.76
N ALA B 414 10.77 8.21 -26.51
CA ALA B 414 10.26 8.06 -25.14
C ALA B 414 10.62 6.70 -24.53
N ARG B 415 10.62 5.65 -25.36
CA ARG B 415 10.99 4.32 -24.88
C ARG B 415 12.46 4.27 -24.53
N GLN B 416 13.28 4.90 -25.37
CA GLN B 416 14.73 4.96 -25.13
C GLN B 416 15.02 5.73 -23.82
N LEU B 417 14.31 6.84 -23.60
CA LEU B 417 14.50 7.61 -22.37
C LEU B 417 14.13 6.76 -21.13
N ALA B 418 13.07 5.96 -21.24
CA ALA B 418 12.62 5.10 -20.14
C ALA B 418 13.69 4.06 -19.84
N ARG B 419 14.31 3.52 -20.89
CA ARG B 419 15.38 2.54 -20.69
C ARG B 419 16.58 3.18 -20.01
N ILE B 420 16.88 4.43 -20.39
CA ILE B 420 18.00 5.16 -19.79
C ILE B 420 17.74 5.41 -18.30
N VAL B 421 16.49 5.79 -17.98
CA VAL B 421 16.14 6.04 -16.58
C VAL B 421 16.33 4.75 -15.76
N CYS B 422 15.80 3.64 -16.24
CA CYS B 422 15.92 2.37 -15.53
C CYS B 422 17.39 1.94 -15.35
N GLY B 423 18.20 2.14 -16.39
CA GLY B 423 19.61 1.80 -16.30
C GLY B 423 20.38 2.68 -15.31
N THR B 424 20.05 3.96 -15.26
CA THR B 424 20.73 4.88 -14.34
C THR B 424 20.28 4.58 -12.89
N VAL B 425 19.02 4.19 -12.73
CA VAL B 425 18.52 3.81 -11.41
C VAL B 425 19.35 2.61 -10.94
N MET B 426 19.57 1.65 -11.84
CA MET B 426 20.35 0.46 -11.47
C MET B 426 21.79 0.84 -11.06
N ALA B 427 22.38 1.79 -11.77
CA ALA B 427 23.73 2.27 -11.44
C ALA B 427 23.71 2.90 -10.04
N GLY B 428 22.67 3.71 -9.77
CA GLY B 428 22.53 4.35 -8.45
C GLY B 428 22.33 3.33 -7.34
N GLU B 429 21.52 2.29 -7.61
CA GLU B 429 21.26 1.25 -6.61
C GLU B 429 22.56 0.52 -6.28
N LEU B 430 23.30 0.14 -7.30
CA LEU B 430 24.59 -0.55 -7.11
C LEU B 430 25.50 0.21 -6.15
N SER B 431 25.68 1.49 -6.45
CA SER B 431 26.56 2.32 -5.67
C SER B 431 26.12 2.57 -4.23
N LEU B 432 24.82 2.85 -4.00
CA LEU B 432 24.35 3.08 -2.64
C LEU B 432 24.42 1.79 -1.82
N MET B 433 24.03 0.67 -2.43
CA MET B 433 24.07 -0.61 -1.71
C MET B 433 25.51 -0.97 -1.33
N ALA B 434 26.46 -0.65 -2.21
CA ALA B 434 27.87 -0.91 -1.93
C ALA B 434 28.32 -0.04 -0.74
N ALA B 435 27.94 1.24 -0.74
CA ALA B 435 28.28 2.15 0.35
C ALA B 435 27.68 1.67 1.70
N LEU B 436 26.43 1.19 1.67
CA LEU B 436 25.78 0.68 2.88
C LEU B 436 26.47 -0.58 3.36
N ALA B 437 26.90 -1.44 2.44
CA ALA B 437 27.57 -2.68 2.80
C ALA B 437 28.98 -2.46 3.34
N ALA B 438 29.58 -1.33 2.98
CA ALA B 438 30.94 -0.97 3.41
C ALA B 438 31.01 -0.43 4.83
N GLY B 439 29.93 0.22 5.28
CA GLY B 439 29.89 0.79 6.61
C GLY B 439 30.18 2.29 6.67
N HIS C 67 -11.86 -47.65 9.33
CA HIS C 67 -13.01 -47.90 10.24
C HIS C 67 -12.99 -46.95 11.44
N GLU C 68 -14.11 -46.88 12.16
CA GLU C 68 -14.23 -46.05 13.35
C GLU C 68 -13.33 -46.60 14.45
N ARG C 69 -13.00 -47.89 14.38
CA ARG C 69 -12.15 -48.51 15.37
C ARG C 69 -10.73 -47.97 15.20
N GLY C 70 -10.42 -47.53 13.98
CA GLY C 70 -9.12 -46.95 13.70
C GLY C 70 -8.95 -45.64 14.45
N VAL C 71 -10.02 -44.86 14.49
CA VAL C 71 -10.07 -43.59 15.18
C VAL C 71 -9.97 -43.83 16.68
N SER C 72 -10.70 -44.84 17.16
CA SER C 72 -10.69 -45.19 18.57
C SER C 72 -9.29 -45.56 19.07
N ILE C 73 -8.59 -46.37 18.30
CA ILE C 73 -7.24 -46.79 18.65
C ILE C 73 -6.26 -45.61 18.63
N ARG C 74 -6.38 -44.76 17.61
CA ARG C 74 -5.50 -43.58 17.50
C ARG C 74 -5.70 -42.68 18.72
N ARG C 75 -6.94 -42.53 19.16
CA ARG C 75 -7.24 -41.72 20.33
C ARG C 75 -6.61 -42.32 21.58
N GLN C 76 -6.70 -43.65 21.69
CA GLN C 76 -6.14 -44.41 22.82
C GLN C 76 -4.62 -44.27 22.88
N LEU C 77 -3.97 -44.44 21.73
CA LEU C 77 -2.53 -44.29 21.65
C LEU C 77 -2.15 -42.85 21.98
N LEU C 78 -2.94 -41.91 21.45
CA LEU C 78 -2.69 -40.50 21.69
C LEU C 78 -2.82 -40.09 23.18
N SER C 79 -3.86 -40.59 23.83
CA SER C 79 -4.11 -40.26 25.23
C SER C 79 -2.97 -40.54 26.21
N LYS C 80 -2.24 -41.63 26.00
CA LYS C 80 -1.11 -41.98 26.87
C LYS C 80 0.08 -41.02 26.74
N LYS C 81 0.07 -40.18 25.71
CA LYS C 81 1.15 -39.22 25.47
C LYS C 81 0.82 -37.84 26.02
N LEU C 82 -0.40 -37.63 26.46
CA LEU C 82 -0.84 -36.32 26.96
C LEU C 82 -0.60 -36.09 28.45
N SER C 83 -0.46 -34.83 28.84
CA SER C 83 -0.27 -34.47 30.25
C SER C 83 -1.54 -34.66 31.09
N GLU C 84 -2.69 -34.75 30.42
CA GLU C 84 -4.00 -35.01 31.05
C GLU C 84 -4.61 -36.07 30.13
N PRO C 85 -4.29 -37.35 30.33
CA PRO C 85 -4.82 -38.44 29.50
C PRO C 85 -6.32 -38.48 29.27
N SER C 86 -7.10 -37.79 30.12
CA SER C 86 -8.55 -37.73 29.96
C SER C 86 -9.01 -36.52 29.11
N SER C 87 -8.04 -35.84 28.49
CA SER C 87 -8.34 -34.67 27.64
C SER C 87 -9.39 -34.97 26.58
N LEU C 88 -9.27 -36.13 25.95
CA LEU C 88 -10.16 -36.54 24.89
C LEU C 88 -11.58 -36.94 25.23
N GLN C 89 -11.88 -37.00 26.52
CA GLN C 89 -13.22 -37.39 26.98
C GLN C 89 -14.36 -36.67 26.27
N TYR C 90 -14.32 -35.34 26.25
CA TYR C 90 -15.37 -34.55 25.62
C TYR C 90 -15.21 -34.24 24.13
N LEU C 91 -14.21 -34.82 23.47
CA LEU C 91 -14.04 -34.65 22.02
C LEU C 91 -14.81 -35.81 21.39
N PRO C 92 -15.94 -35.53 20.72
CA PRO C 92 -16.71 -36.62 20.10
C PRO C 92 -16.04 -37.27 18.91
N TYR C 93 -16.41 -38.52 18.64
CA TYR C 93 -15.84 -39.26 17.52
C TYR C 93 -16.73 -40.38 16.99
N ARG C 94 -17.63 -40.89 17.82
CA ARG C 94 -18.52 -41.97 17.43
C ARG C 94 -19.65 -41.54 16.51
N ASP C 95 -20.11 -42.52 15.72
CA ASP C 95 -21.23 -42.37 14.78
C ASP C 95 -21.08 -41.25 13.75
N TYR C 96 -19.90 -41.18 13.15
CA TYR C 96 -19.62 -40.20 12.13
C TYR C 96 -19.10 -40.94 10.92
N ASN C 97 -19.55 -40.52 9.74
CA ASN C 97 -19.14 -41.14 8.50
C ASN C 97 -17.71 -40.78 8.09
N TYR C 98 -16.74 -41.55 8.59
CA TYR C 98 -15.33 -41.32 8.28
C TYR C 98 -14.89 -41.80 6.91
N SER C 99 -15.76 -42.56 6.23
CA SER C 99 -15.42 -43.07 4.90
C SER C 99 -15.20 -41.96 3.86
N LEU C 100 -15.97 -40.89 3.98
CA LEU C 100 -15.86 -39.73 3.08
C LEU C 100 -14.72 -38.78 3.49
N VAL C 101 -14.31 -38.85 4.77
CA VAL C 101 -13.23 -38.02 5.30
C VAL C 101 -11.85 -38.64 5.02
N MET C 102 -11.71 -39.91 5.39
CA MET C 102 -10.48 -40.67 5.22
C MET C 102 -9.94 -40.63 3.79
N GLY C 103 -8.67 -40.25 3.66
CA GLY C 103 -8.05 -40.19 2.34
C GLY C 103 -8.64 -39.12 1.43
N ALA C 104 -9.19 -38.05 2.01
CA ALA C 104 -9.76 -36.98 1.21
C ALA C 104 -9.85 -35.63 1.91
N CYS C 105 -10.34 -35.60 3.15
CA CYS C 105 -10.50 -34.33 3.86
C CYS C 105 -9.64 -34.09 5.10
N CYS C 106 -9.12 -35.15 5.71
CA CYS C 106 -8.33 -35.00 6.93
C CYS C 106 -7.51 -36.26 7.19
N GLU C 107 -6.39 -36.11 7.91
CA GLU C 107 -5.54 -37.26 8.25
C GLU C 107 -5.34 -37.32 9.76
N ASN C 108 -4.92 -38.47 10.28
CA ASN C 108 -4.69 -38.68 11.72
C ASN C 108 -5.91 -38.27 12.52
N VAL C 109 -7.08 -38.68 12.06
CA VAL C 109 -8.35 -38.33 12.67
C VAL C 109 -8.57 -38.90 14.07
N ILE C 110 -8.94 -38.04 15.01
CA ILE C 110 -9.19 -38.43 16.39
C ILE C 110 -10.60 -38.07 16.82
N GLY C 111 -11.37 -37.53 15.87
CA GLY C 111 -12.75 -37.17 16.16
C GLY C 111 -13.27 -36.03 15.31
N TYR C 112 -14.25 -35.29 15.84
CA TYR C 112 -14.80 -34.16 15.13
C TYR C 112 -15.18 -33.03 16.10
N MET C 113 -15.15 -31.81 15.59
CA MET C 113 -15.47 -30.63 16.38
C MET C 113 -16.84 -30.07 15.99
N PRO C 114 -17.83 -30.17 16.89
CA PRO C 114 -19.15 -29.64 16.55
C PRO C 114 -19.19 -28.11 16.64
N ILE C 115 -19.62 -27.46 15.55
CA ILE C 115 -19.74 -26.01 15.54
C ILE C 115 -21.25 -25.72 15.43
N PRO C 116 -21.82 -24.97 16.40
CA PRO C 116 -23.25 -24.63 16.38
C PRO C 116 -23.64 -23.98 15.05
N VAL C 117 -24.80 -24.37 14.50
CA VAL C 117 -25.31 -23.81 13.26
C VAL C 117 -26.65 -23.12 13.53
N GLY C 118 -26.73 -21.84 13.16
CA GLY C 118 -27.94 -21.07 13.32
C GLY C 118 -28.43 -20.67 11.94
N VAL C 119 -29.63 -20.12 11.84
CA VAL C 119 -30.15 -19.73 10.54
C VAL C 119 -30.63 -18.29 10.55
N ALA C 120 -30.30 -17.58 9.47
CA ALA C 120 -30.71 -16.20 9.31
C ALA C 120 -31.54 -16.11 8.02
N GLY C 121 -32.68 -15.44 8.11
CA GLY C 121 -33.51 -15.32 6.94
C GLY C 121 -34.96 -15.05 7.29
N PRO C 122 -35.83 -14.96 6.29
CA PRO C 122 -35.45 -15.11 4.88
C PRO C 122 -34.67 -13.92 4.31
N LEU C 123 -33.72 -14.22 3.46
CA LEU C 123 -32.93 -13.19 2.79
C LEU C 123 -33.60 -13.04 1.42
N CYS C 124 -34.29 -11.92 1.20
CA CYS C 124 -34.97 -11.66 -0.06
C CYS C 124 -33.96 -11.12 -1.08
N LEU C 125 -33.51 -12.01 -1.95
CA LEU C 125 -32.49 -11.71 -2.94
C LEU C 125 -32.88 -12.11 -4.36
N ASP C 126 -32.88 -11.13 -5.27
CA ASP C 126 -33.23 -11.36 -6.67
C ASP C 126 -34.55 -12.12 -6.79
N GLU C 127 -35.57 -11.65 -6.06
CA GLU C 127 -36.90 -12.26 -6.13
C GLU C 127 -37.01 -13.69 -5.58
N LYS C 128 -36.02 -14.10 -4.79
CA LYS C 128 -36.05 -15.42 -4.17
C LYS C 128 -35.89 -15.22 -2.67
N GLU C 129 -36.20 -16.23 -1.88
CA GLU C 129 -36.03 -16.14 -0.44
C GLU C 129 -35.11 -17.26 0.03
N PHE C 130 -34.07 -16.89 0.77
CA PHE C 130 -33.11 -17.87 1.25
C PHE C 130 -33.05 -17.95 2.78
N GLN C 131 -32.83 -19.17 3.27
CA GLN C 131 -32.68 -19.42 4.70
C GLN C 131 -31.18 -19.77 4.76
N VAL C 132 -30.41 -18.84 5.31
CA VAL C 132 -28.95 -18.96 5.35
C VAL C 132 -28.39 -19.62 6.60
N PRO C 133 -27.72 -20.76 6.45
CA PRO C 133 -27.13 -21.45 7.60
C PRO C 133 -25.78 -20.78 7.94
N MET C 134 -25.54 -20.54 9.23
CA MET C 134 -24.31 -19.90 9.70
C MET C 134 -23.72 -20.66 10.88
N ALA C 135 -22.50 -21.18 10.69
CA ALA C 135 -21.81 -21.94 11.74
C ALA C 135 -20.88 -21.01 12.51
N THR C 136 -21.21 -20.74 13.77
CA THR C 136 -20.38 -19.83 14.56
C THR C 136 -20.46 -20.06 16.06
N THR C 137 -19.48 -19.52 16.78
CA THR C 137 -19.45 -19.57 18.23
C THR C 137 -19.47 -18.13 18.75
N GLU C 138 -19.72 -17.18 17.85
CA GLU C 138 -19.79 -15.78 18.23
C GLU C 138 -21.21 -15.31 18.54
N GLY C 139 -21.45 -14.95 19.79
CA GLY C 139 -22.77 -14.49 20.20
C GLY C 139 -23.24 -13.23 19.49
N CYS C 140 -24.54 -13.18 19.20
CA CYS C 140 -25.15 -12.04 18.51
C CYS C 140 -25.00 -12.01 16.97
N LEU C 141 -24.04 -12.74 16.43
CA LEU C 141 -23.84 -12.73 14.98
C LEU C 141 -25.07 -13.14 14.17
N VAL C 142 -25.62 -14.31 14.48
CA VAL C 142 -26.80 -14.78 13.77
C VAL C 142 -28.01 -13.86 14.00
N ALA C 143 -28.22 -13.44 15.24
CA ALA C 143 -29.35 -12.56 15.57
C ALA C 143 -29.24 -11.25 14.79
N SER C 144 -28.03 -10.68 14.77
CA SER C 144 -27.77 -9.43 14.06
C SER C 144 -27.98 -9.57 12.55
N THR C 145 -27.45 -10.63 11.96
CA THR C 145 -27.61 -10.87 10.53
C THR C 145 -29.10 -11.04 10.20
N ASN C 146 -29.82 -11.73 11.09
CA ASN C 146 -31.25 -11.96 10.91
C ASN C 146 -32.00 -10.60 10.89
N ARG C 147 -31.57 -9.65 11.73
CA ARG C 147 -32.19 -8.33 11.77
C ARG C 147 -31.93 -7.58 10.44
N GLY C 148 -30.73 -7.78 9.89
CA GLY C 148 -30.39 -7.13 8.64
C GLY C 148 -31.26 -7.66 7.52
N CYS C 149 -31.48 -8.98 7.51
CA CYS C 149 -32.32 -9.62 6.51
C CYS C 149 -33.73 -9.04 6.59
N ARG C 150 -34.23 -8.89 7.80
CA ARG C 150 -35.57 -8.34 8.02
C ARG C 150 -35.69 -6.94 7.41
N ALA C 151 -34.70 -6.09 7.66
CA ALA C 151 -34.71 -4.73 7.12
C ALA C 151 -34.73 -4.73 5.59
N ILE C 152 -33.96 -5.65 4.99
CA ILE C 152 -33.88 -5.76 3.55
C ILE C 152 -35.21 -6.24 2.99
N GLY C 153 -35.80 -7.25 3.63
CA GLY C 153 -37.09 -7.79 3.20
C GLY C 153 -38.19 -6.75 3.21
N LEU C 154 -38.24 -5.93 4.25
CA LEU C 154 -39.25 -4.88 4.35
C LEU C 154 -38.97 -3.76 3.36
N GLY C 155 -37.77 -3.76 2.79
CA GLY C 155 -37.41 -2.74 1.82
C GLY C 155 -37.62 -3.17 0.38
N GLY C 156 -38.26 -4.31 0.19
CA GLY C 156 -38.49 -4.79 -1.15
C GLY C 156 -37.46 -5.77 -1.67
N GLY C 157 -36.49 -6.13 -0.84
CA GLY C 157 -35.47 -7.07 -1.25
C GLY C 157 -34.21 -6.46 -1.84
N ALA C 158 -33.23 -7.34 -2.07
CA ALA C 158 -31.93 -6.97 -2.61
C ALA C 158 -31.73 -7.57 -4.00
N SER C 159 -30.83 -6.96 -4.77
CA SER C 159 -30.49 -7.39 -6.11
C SER C 159 -28.99 -7.63 -6.16
N SER C 160 -28.55 -8.62 -6.93
CA SER C 160 -27.13 -8.91 -7.05
C SER C 160 -26.77 -9.31 -8.47
N ARG C 161 -25.48 -9.19 -8.78
CA ARG C 161 -24.95 -9.57 -10.09
C ARG C 161 -23.55 -10.12 -9.92
N VAL C 162 -23.22 -11.16 -10.68
CA VAL C 162 -21.89 -11.73 -10.67
C VAL C 162 -21.22 -10.98 -11.82
N LEU C 163 -20.10 -10.32 -11.52
CA LEU C 163 -19.37 -9.49 -12.49
C LEU C 163 -18.23 -10.22 -13.19
N ALA C 164 -17.73 -11.29 -12.58
CA ALA C 164 -16.61 -12.04 -13.15
C ALA C 164 -16.53 -13.35 -12.42
N ASP C 165 -15.89 -14.34 -13.05
CA ASP C 165 -15.75 -15.68 -12.50
C ASP C 165 -14.48 -16.34 -13.03
N GLY C 166 -13.56 -16.62 -12.13
CA GLY C 166 -12.33 -17.27 -12.50
C GLY C 166 -11.32 -17.45 -11.38
N MET C 167 -11.06 -18.71 -11.04
CA MET C 167 -10.09 -19.05 -10.03
C MET C 167 -8.71 -18.88 -10.67
N THR C 168 -7.69 -18.63 -9.84
CA THR C 168 -6.35 -18.41 -10.39
C THR C 168 -5.26 -19.19 -9.71
N ARG C 169 -4.11 -19.25 -10.38
CA ARG C 169 -2.91 -19.90 -9.87
C ARG C 169 -1.81 -19.06 -10.47
N GLY C 170 -0.87 -18.61 -9.61
CA GLY C 170 0.22 -17.79 -10.09
C GLY C 170 1.62 -18.34 -9.83
N PRO C 171 2.08 -19.28 -10.66
CA PRO C 171 3.41 -19.87 -10.52
C PRO C 171 4.54 -18.88 -10.84
N VAL C 172 5.75 -19.22 -10.40
CA VAL C 172 6.91 -18.41 -10.69
C VAL C 172 7.91 -19.31 -11.44
N VAL C 173 8.42 -18.82 -12.56
CA VAL C 173 9.43 -19.53 -13.35
C VAL C 173 10.60 -18.56 -13.51
N ARG C 174 11.76 -19.08 -13.87
CA ARG C 174 12.91 -18.22 -14.10
C ARG C 174 13.72 -18.59 -15.33
N LEU C 175 14.22 -17.56 -16.02
CA LEU C 175 15.03 -17.74 -17.20
C LEU C 175 16.45 -17.32 -16.84
N PRO C 176 17.44 -17.66 -17.68
CA PRO C 176 18.81 -17.27 -17.36
C PRO C 176 19.01 -15.76 -17.21
N ARG C 177 18.30 -14.97 -18.02
CA ARG C 177 18.41 -13.52 -18.00
C ARG C 177 17.05 -12.81 -18.11
N ALA C 178 16.99 -11.53 -17.70
CA ALA C 178 15.73 -10.76 -17.79
C ALA C 178 15.33 -10.58 -19.25
N CYS C 179 16.31 -10.49 -20.13
CA CYS C 179 16.03 -10.35 -21.55
C CYS C 179 15.26 -11.58 -22.04
N ASP C 180 15.57 -12.74 -21.47
CA ASP C 180 14.90 -14.00 -21.83
C ASP C 180 13.48 -14.02 -21.25
N SER C 181 13.32 -13.62 -19.99
CA SER C 181 11.99 -13.61 -19.40
C SER C 181 11.10 -12.60 -20.13
N ALA C 182 11.67 -11.50 -20.57
CA ALA C 182 10.92 -10.50 -21.32
C ALA C 182 10.43 -11.13 -22.64
N GLU C 183 11.27 -11.97 -23.24
CA GLU C 183 10.90 -12.66 -24.49
C GLU C 183 9.73 -13.62 -24.23
N VAL C 184 9.76 -14.35 -23.10
CA VAL C 184 8.67 -15.27 -22.76
C VAL C 184 7.38 -14.49 -22.55
N LYS C 185 7.45 -13.35 -21.85
CA LYS C 185 6.27 -12.52 -21.61
C LYS C 185 5.63 -12.08 -22.94
N ALA C 186 6.46 -11.61 -23.87
CA ALA C 186 5.98 -11.14 -25.18
C ALA C 186 5.35 -12.31 -25.96
N TRP C 187 5.96 -13.49 -25.87
CA TRP C 187 5.47 -14.71 -26.56
C TRP C 187 4.09 -15.11 -26.05
N LEU C 188 3.91 -15.11 -24.72
CA LEU C 188 2.65 -15.46 -24.07
C LEU C 188 1.57 -14.40 -24.34
N GLU C 189 1.99 -13.23 -24.81
CA GLU C 189 1.05 -12.17 -25.13
C GLU C 189 0.55 -12.18 -26.57
N THR C 190 1.08 -13.09 -27.38
CA THR C 190 0.64 -13.20 -28.78
C THR C 190 -0.53 -14.19 -28.81
N SER C 191 -1.49 -13.93 -29.69
CA SER C 191 -2.67 -14.80 -29.82
C SER C 191 -2.25 -16.26 -30.07
N GLU C 192 -1.10 -16.46 -30.69
CA GLU C 192 -0.60 -17.80 -30.98
C GLU C 192 -0.07 -18.48 -29.72
N GLY C 193 0.80 -17.75 -29.00
CA GLY C 193 1.36 -18.28 -27.77
C GLY C 193 0.28 -18.64 -26.78
N PHE C 194 -0.69 -17.74 -26.61
CA PHE C 194 -1.81 -17.97 -25.70
C PHE C 194 -2.63 -19.22 -26.10
N ALA C 195 -2.79 -19.45 -27.41
CA ALA C 195 -3.54 -20.62 -27.91
C ALA C 195 -2.92 -21.94 -27.52
N VAL C 196 -1.60 -22.04 -27.68
CA VAL C 196 -0.85 -23.23 -27.33
C VAL C 196 -1.02 -23.55 -25.84
N ILE C 197 -0.84 -22.52 -25.00
CA ILE C 197 -0.98 -22.65 -23.55
C ILE C 197 -2.41 -23.04 -23.21
N LYS C 198 -3.38 -22.33 -23.77
CA LYS C 198 -4.79 -22.59 -23.55
C LYS C 198 -5.16 -24.04 -23.90
N GLU C 199 -4.58 -24.55 -24.98
CA GLU C 199 -4.82 -25.92 -25.45
C GLU C 199 -4.29 -26.92 -24.42
N ALA C 200 -3.07 -26.72 -23.94
CA ALA C 200 -2.51 -27.64 -22.97
C ALA C 200 -3.28 -27.55 -21.65
N PHE C 201 -3.68 -26.34 -21.29
CA PHE C 201 -4.39 -26.10 -20.02
C PHE C 201 -5.74 -26.80 -19.98
N ASP C 202 -6.55 -26.53 -20.99
CA ASP C 202 -7.91 -27.06 -21.11
C ASP C 202 -8.02 -28.59 -21.29
N SER C 203 -6.93 -29.23 -21.70
CA SER C 203 -6.94 -30.68 -21.90
C SER C 203 -7.05 -31.50 -20.62
N THR C 204 -6.71 -30.88 -19.49
CA THR C 204 -6.74 -31.55 -18.18
C THR C 204 -8.16 -31.75 -17.63
N SER C 205 -9.12 -30.97 -18.11
CA SER C 205 -10.49 -31.08 -17.60
C SER C 205 -11.52 -30.47 -18.56
N ARG C 206 -12.74 -30.99 -18.48
CA ARG C 206 -13.86 -30.52 -19.30
C ARG C 206 -14.24 -29.11 -18.86
N PHE C 207 -14.19 -28.89 -17.54
CA PHE C 207 -14.56 -27.61 -16.95
C PHE C 207 -13.46 -26.56 -16.91
N ALA C 208 -12.21 -27.01 -17.03
CA ALA C 208 -11.07 -26.10 -17.01
C ALA C 208 -10.92 -25.35 -18.32
N ARG C 209 -11.39 -24.10 -18.36
CA ARG C 209 -11.30 -23.28 -19.57
C ARG C 209 -10.54 -21.97 -19.31
N LEU C 210 -9.26 -21.94 -19.70
CA LEU C 210 -8.42 -20.75 -19.50
C LEU C 210 -9.04 -19.52 -20.14
N GLN C 211 -9.25 -18.47 -19.33
CA GLN C 211 -9.84 -17.22 -19.82
C GLN C 211 -8.78 -16.20 -20.21
N LYS C 212 -7.72 -16.12 -19.42
CA LYS C 212 -6.64 -15.18 -19.68
C LYS C 212 -5.43 -15.35 -18.80
N LEU C 213 -4.38 -14.63 -19.18
CA LEU C 213 -3.10 -14.61 -18.49
C LEU C 213 -2.65 -13.19 -18.20
N HIS C 214 -2.08 -13.01 -17.01
CA HIS C 214 -1.50 -11.73 -16.58
C HIS C 214 -0.12 -12.16 -16.13
N THR C 215 0.90 -11.57 -16.74
CA THR C 215 2.27 -11.92 -16.45
C THR C 215 3.04 -10.73 -15.91
N SER C 216 3.93 -11.00 -14.96
CA SER C 216 4.74 -9.94 -14.39
C SER C 216 6.17 -10.38 -14.22
N ILE C 217 7.06 -9.44 -14.46
CA ILE C 217 8.48 -9.69 -14.37
C ILE C 217 9.18 -9.01 -13.20
N ALA C 218 10.10 -9.74 -12.57
CA ALA C 218 10.92 -9.19 -11.50
C ALA C 218 12.29 -9.71 -11.93
N GLY C 219 12.97 -8.93 -12.77
CA GLY C 219 14.27 -9.37 -13.28
C GLY C 219 14.15 -10.64 -14.15
N ARG C 220 14.82 -11.70 -13.76
CA ARG C 220 14.77 -12.92 -14.55
C ARG C 220 13.62 -13.84 -14.14
N ASN C 221 12.86 -13.41 -13.14
CA ASN C 221 11.69 -14.18 -12.67
C ASN C 221 10.51 -13.74 -13.52
N LEU C 222 9.62 -14.67 -13.82
CA LEU C 222 8.41 -14.35 -14.56
C LEU C 222 7.27 -14.97 -13.74
N TYR C 223 6.30 -14.14 -13.34
CA TYR C 223 5.14 -14.59 -12.56
C TYR C 223 3.99 -14.60 -13.56
N ILE C 224 3.30 -15.73 -13.66
CA ILE C 224 2.23 -15.86 -14.64
C ILE C 224 0.96 -16.23 -13.93
N ARG C 225 -0.03 -15.36 -14.00
CA ARG C 225 -1.33 -15.61 -13.37
C ARG C 225 -2.33 -16.22 -14.38
N PHE C 226 -2.63 -17.50 -14.18
CA PHE C 226 -3.59 -18.24 -15.02
C PHE C 226 -4.97 -18.04 -14.41
N GLN C 227 -5.96 -17.60 -15.20
CA GLN C 227 -7.30 -17.45 -14.68
C GLN C 227 -8.25 -18.31 -15.52
N SER C 228 -9.04 -19.15 -14.85
CA SER C 228 -9.96 -20.05 -15.54
C SER C 228 -11.24 -20.35 -14.79
N ARG C 229 -12.29 -20.67 -15.54
CA ARG C 229 -13.57 -21.09 -14.95
C ARG C 229 -13.35 -22.52 -14.51
N SER C 230 -14.25 -23.04 -13.68
CA SER C 230 -14.09 -24.41 -13.17
C SER C 230 -15.44 -25.02 -12.82
N GLY C 231 -16.46 -24.71 -13.59
CA GLY C 231 -17.78 -25.27 -13.33
C GLY C 231 -18.25 -24.85 -11.94
N ASP C 232 -18.74 -25.80 -11.15
CA ASP C 232 -19.23 -25.49 -9.82
C ASP C 232 -18.22 -25.74 -8.70
N ALA C 233 -17.00 -26.16 -9.08
CA ALA C 233 -15.95 -26.42 -8.11
C ALA C 233 -15.22 -25.12 -7.80
N MET C 234 -14.68 -25.02 -6.58
CA MET C 234 -13.91 -23.82 -6.21
C MET C 234 -12.76 -23.71 -7.21
N GLY C 235 -12.20 -24.86 -7.61
CA GLY C 235 -11.20 -24.88 -8.66
C GLY C 235 -9.71 -24.95 -8.42
N MET C 236 -9.28 -24.85 -7.17
CA MET C 236 -7.85 -24.90 -6.90
C MET C 236 -7.11 -26.12 -7.49
N ASN C 237 -7.60 -27.34 -7.22
CA ASN C 237 -6.95 -28.54 -7.75
C ASN C 237 -6.97 -28.57 -9.28
N MET C 238 -8.13 -28.26 -9.86
CA MET C 238 -8.32 -28.24 -11.30
C MET C 238 -7.38 -27.25 -11.97
N ILE C 239 -7.37 -26.02 -11.48
CA ILE C 239 -6.52 -24.97 -12.03
C ILE C 239 -5.04 -25.29 -11.85
N SER C 240 -4.69 -25.92 -10.73
CA SER C 240 -3.31 -26.29 -10.47
C SER C 240 -2.83 -27.35 -11.45
N LYS C 241 -3.70 -28.33 -11.73
CA LYS C 241 -3.36 -29.38 -12.69
C LYS C 241 -3.21 -28.79 -14.09
N GLY C 242 -4.12 -27.90 -14.48
CA GLY C 242 -4.02 -27.26 -15.79
C GLY C 242 -2.76 -26.40 -15.92
N THR C 243 -2.39 -25.73 -14.82
CA THR C 243 -1.20 -24.88 -14.80
C THR C 243 0.05 -25.72 -15.05
N GLU C 244 0.11 -26.89 -14.41
CA GLU C 244 1.25 -27.78 -14.58
C GLU C 244 1.41 -28.26 -16.03
N LYS C 245 0.31 -28.60 -16.69
CA LYS C 245 0.40 -29.03 -18.08
C LYS C 245 0.76 -27.86 -18.99
N ALA C 246 0.23 -26.67 -18.69
CA ALA C 246 0.53 -25.47 -19.47
C ALA C 246 2.01 -25.08 -19.36
N LEU C 247 2.57 -25.20 -18.15
CA LEU C 247 3.97 -24.87 -17.91
C LEU C 247 4.90 -25.87 -18.62
N SER C 248 4.50 -27.15 -18.65
CA SER C 248 5.28 -28.19 -19.32
C SER C 248 5.31 -27.92 -20.82
N LYS C 249 4.21 -27.43 -21.37
CA LYS C 249 4.14 -27.07 -22.78
C LYS C 249 5.04 -25.86 -23.02
N LEU C 250 4.95 -24.86 -22.14
CA LEU C 250 5.75 -23.65 -22.25
C LEU C 250 7.23 -24.00 -22.29
N HIS C 251 7.60 -25.00 -21.50
CA HIS C 251 8.97 -25.49 -21.41
C HIS C 251 9.47 -26.08 -22.75
N GLU C 252 8.55 -26.56 -23.58
CA GLU C 252 8.92 -27.11 -24.89
C GLU C 252 9.42 -25.99 -25.79
N TYR C 253 8.85 -24.79 -25.64
CA TYR C 253 9.27 -23.64 -26.46
C TYR C 253 10.49 -22.92 -25.86
N PHE C 254 10.61 -22.96 -24.54
CA PHE C 254 11.70 -22.29 -23.85
C PHE C 254 12.38 -23.27 -22.90
N PRO C 255 13.18 -24.20 -23.42
CA PRO C 255 13.89 -25.22 -22.64
C PRO C 255 14.79 -24.73 -21.51
N GLU C 256 15.24 -23.47 -21.59
CA GLU C 256 16.09 -22.92 -20.53
C GLU C 256 15.27 -22.41 -19.33
N MET C 257 13.94 -22.50 -19.43
CA MET C 257 13.05 -22.06 -18.36
C MET C 257 13.01 -23.04 -17.20
N GLN C 258 13.23 -22.52 -16.00
CA GLN C 258 13.18 -23.36 -14.80
C GLN C 258 11.89 -23.03 -14.08
N ILE C 259 11.10 -24.05 -13.79
CA ILE C 259 9.85 -23.88 -13.07
C ILE C 259 10.21 -23.90 -11.59
N LEU C 260 10.16 -22.74 -10.93
CA LEU C 260 10.53 -22.70 -9.51
C LEU C 260 9.45 -23.21 -8.55
N ALA C 261 8.20 -22.81 -8.77
CA ALA C 261 7.10 -23.25 -7.90
C ALA C 261 5.77 -23.08 -8.61
N VAL C 262 4.89 -24.07 -8.49
CA VAL C 262 3.58 -23.99 -9.14
C VAL C 262 2.77 -22.82 -8.59
N SER C 263 3.11 -22.41 -7.36
CA SER C 263 2.53 -21.23 -6.75
C SER C 263 3.67 -20.34 -6.29
N GLY C 264 3.77 -19.17 -6.92
CA GLY C 264 4.81 -18.22 -6.57
C GLY C 264 4.18 -17.05 -5.84
N ASN C 265 3.04 -17.31 -5.19
CA ASN C 265 2.27 -16.29 -4.43
C ASN C 265 1.65 -15.18 -5.27
N TYR C 266 1.57 -15.39 -6.58
CA TYR C 266 0.98 -14.38 -7.47
C TYR C 266 -0.50 -14.72 -7.77
N CYS C 267 -1.05 -15.73 -7.09
CA CYS C 267 -2.43 -16.14 -7.34
C CYS C 267 -3.51 -15.10 -7.00
N THR C 268 -3.61 -14.64 -5.74
CA THR C 268 -2.80 -15.04 -4.59
C THR C 268 -3.73 -15.87 -3.69
N ASP C 269 -3.25 -17.00 -3.17
CA ASP C 269 -4.11 -17.86 -2.36
C ASP C 269 -3.85 -17.81 -0.85
N LYS C 270 -4.88 -17.43 -0.09
CA LYS C 270 -4.83 -17.39 1.38
C LYS C 270 -3.87 -16.38 2.07
N LYS C 271 -3.51 -15.33 1.34
CA LYS C 271 -2.69 -14.25 1.87
C LYS C 271 -3.33 -12.98 1.31
N PRO C 272 -3.31 -11.88 2.10
CA PRO C 272 -3.89 -10.62 1.61
C PRO C 272 -3.04 -10.15 0.44
N ALA C 273 -3.69 -9.64 -0.61
CA ALA C 273 -2.90 -9.18 -1.75
C ALA C 273 -3.71 -8.21 -2.59
N ALA C 274 -3.06 -7.13 -2.97
CA ALA C 274 -3.72 -6.13 -3.78
C ALA C 274 -4.18 -6.70 -5.12
N ILE C 275 -3.45 -7.69 -5.66
CA ILE C 275 -3.85 -8.25 -6.94
C ILE C 275 -5.27 -8.88 -6.93
N ASN C 276 -5.68 -9.50 -5.83
CA ASN C 276 -7.01 -10.11 -5.75
C ASN C 276 -8.07 -9.01 -5.67
N TRP C 277 -7.75 -7.94 -4.98
CA TRP C 277 -8.67 -6.80 -4.83
C TRP C 277 -8.90 -6.07 -6.16
N ILE C 278 -7.83 -5.89 -6.93
CA ILE C 278 -7.90 -5.16 -8.19
C ILE C 278 -8.34 -5.98 -9.41
N GLU C 279 -7.88 -7.22 -9.51
CA GLU C 279 -8.22 -8.07 -10.66
C GLU C 279 -9.28 -9.11 -10.38
N GLY C 280 -9.57 -9.33 -9.09
CA GLY C 280 -10.56 -10.31 -8.70
C GLY C 280 -9.97 -11.71 -8.64
N ARG C 281 -10.66 -12.61 -7.94
CA ARG C 281 -10.25 -14.00 -7.84
C ARG C 281 -11.51 -14.78 -7.48
N GLY C 282 -11.79 -15.87 -8.21
CA GLY C 282 -13.00 -16.62 -7.95
C GLY C 282 -14.15 -15.79 -8.51
N LYS C 283 -15.17 -15.52 -7.69
CA LYS C 283 -16.31 -14.72 -8.13
C LYS C 283 -16.27 -13.28 -7.62
N SER C 284 -16.55 -12.32 -8.52
CA SER C 284 -16.63 -10.91 -8.17
C SER C 284 -18.12 -10.65 -8.17
N VAL C 285 -18.65 -10.14 -7.07
CA VAL C 285 -20.08 -9.90 -6.93
C VAL C 285 -20.44 -8.53 -6.34
N VAL C 286 -21.58 -8.00 -6.76
CA VAL C 286 -22.06 -6.73 -6.21
C VAL C 286 -23.48 -7.01 -5.78
N CYS C 287 -23.90 -6.35 -4.71
CA CYS C 287 -25.24 -6.49 -4.17
C CYS C 287 -25.72 -5.12 -3.71
N GLU C 288 -27.03 -4.91 -3.68
CA GLU C 288 -27.58 -3.60 -3.29
C GLU C 288 -29.02 -3.72 -2.81
N ALA C 289 -29.47 -2.69 -2.09
CA ALA C 289 -30.84 -2.62 -1.59
C ALA C 289 -31.12 -1.20 -1.14
N VAL C 290 -32.40 -0.86 -1.04
CA VAL C 290 -32.81 0.46 -0.53
C VAL C 290 -33.68 0.17 0.69
N ILE C 291 -33.34 0.78 1.82
CA ILE C 291 -34.09 0.57 3.05
C ILE C 291 -34.90 1.82 3.35
N PRO C 292 -36.24 1.71 3.40
CA PRO C 292 -37.13 2.84 3.69
C PRO C 292 -36.81 3.51 5.03
N ALA C 293 -36.98 4.83 5.09
CA ALA C 293 -36.71 5.59 6.31
C ALA C 293 -37.44 5.03 7.53
N LYS C 294 -38.67 4.56 7.32
CA LYS C 294 -39.45 4.00 8.41
C LYS C 294 -38.84 2.71 8.94
N VAL C 295 -38.31 1.89 8.04
CA VAL C 295 -37.65 0.63 8.40
C VAL C 295 -36.33 0.88 9.15
N VAL C 296 -35.59 1.92 8.72
CA VAL C 296 -34.33 2.29 9.35
C VAL C 296 -34.59 2.71 10.80
N ARG C 297 -35.66 3.47 11.01
CA ARG C 297 -36.03 3.95 12.35
C ARG C 297 -36.60 2.83 13.22
N GLU C 298 -37.61 2.13 12.72
CA GLU C 298 -38.25 1.07 13.47
C GLU C 298 -37.48 -0.26 13.62
N VAL C 299 -36.85 -0.73 12.54
CA VAL C 299 -36.11 -1.99 12.64
C VAL C 299 -34.67 -1.82 13.10
N LEU C 300 -33.94 -0.93 12.44
CA LEU C 300 -32.53 -0.69 12.77
C LEU C 300 -32.31 0.26 13.94
N LYS C 301 -33.39 0.90 14.39
CA LYS C 301 -33.37 1.80 15.53
C LYS C 301 -32.41 2.97 15.36
N THR C 302 -32.33 3.53 14.16
CA THR C 302 -31.43 4.66 13.93
C THR C 302 -31.96 5.50 12.77
N THR C 303 -31.14 6.37 12.20
CA THR C 303 -31.54 7.19 11.06
C THR C 303 -30.59 7.00 9.90
N THR C 304 -31.07 7.31 8.71
CA THR C 304 -30.27 7.20 7.49
C THR C 304 -29.02 8.08 7.57
N GLU C 305 -29.19 9.33 8.04
CA GLU C 305 -28.07 10.24 8.15
C GLU C 305 -26.96 9.70 9.09
N ALA C 306 -27.33 9.19 10.26
CA ALA C 306 -26.34 8.62 11.19
C ALA C 306 -25.60 7.40 10.56
N MET C 307 -26.35 6.55 9.85
CA MET C 307 -25.82 5.36 9.20
C MET C 307 -24.74 5.76 8.18
N ILE C 308 -25.05 6.79 7.39
CA ILE C 308 -24.13 7.28 6.36
C ILE C 308 -22.86 7.89 6.98
N GLU C 309 -23.02 8.63 8.07
CA GLU C 309 -21.90 9.26 8.74
C GLU C 309 -20.93 8.20 9.29
N VAL C 310 -21.47 7.13 9.85
CA VAL C 310 -20.64 6.06 10.41
C VAL C 310 -19.94 5.31 9.27
N ASN C 311 -20.69 5.02 8.21
CA ASN C 311 -20.12 4.30 7.09
C ASN C 311 -18.94 5.02 6.48
N ILE C 312 -19.08 6.31 6.21
CA ILE C 312 -17.99 7.05 5.61
C ILE C 312 -16.76 7.17 6.53
N ASN C 313 -17.00 7.52 7.80
CA ASN C 313 -15.92 7.71 8.74
C ASN C 313 -15.28 6.46 9.32
N LYS C 314 -15.99 5.34 9.24
CA LYS C 314 -15.48 4.06 9.70
C LYS C 314 -14.94 3.26 8.52
N ASN C 315 -15.84 2.89 7.60
CA ASN C 315 -15.50 2.03 6.46
C ASN C 315 -14.63 2.62 5.37
N LEU C 316 -14.64 3.94 5.23
CA LEU C 316 -13.80 4.58 4.23
C LEU C 316 -12.60 5.25 4.90
N VAL C 317 -12.85 6.31 5.67
CA VAL C 317 -11.77 7.05 6.31
C VAL C 317 -11.00 6.23 7.34
N GLY C 318 -11.69 5.48 8.20
CA GLY C 318 -11.02 4.66 9.20
C GLY C 318 -10.12 3.60 8.58
N SER C 319 -10.68 2.85 7.63
CA SER C 319 -9.90 1.83 6.92
C SER C 319 -8.69 2.44 6.18
N ALA C 320 -8.85 3.65 5.65
CA ALA C 320 -7.73 4.34 4.95
C ALA C 320 -6.64 4.69 5.97
N MET C 321 -7.04 5.21 7.13
CA MET C 321 -6.07 5.57 8.18
C MET C 321 -5.30 4.35 8.68
N ALA C 322 -5.94 3.17 8.68
CA ALA C 322 -5.33 1.92 9.14
C ALA C 322 -4.45 1.27 8.08
N GLY C 323 -4.48 1.81 6.87
CA GLY C 323 -3.67 1.27 5.79
C GLY C 323 -4.22 -0.04 5.28
N SER C 324 -5.53 -0.09 5.08
CA SER C 324 -6.19 -1.28 4.58
C SER C 324 -6.22 -1.39 3.05
N ILE C 325 -6.08 -2.59 2.52
CA ILE C 325 -6.22 -2.82 1.07
C ILE C 325 -7.35 -3.85 1.05
N GLY C 326 -8.53 -3.47 0.58
CA GLY C 326 -9.66 -4.40 0.56
C GLY C 326 -10.55 -4.51 1.81
N GLY C 327 -10.14 -3.87 2.92
CA GLY C 327 -10.93 -3.95 4.14
C GLY C 327 -11.84 -2.76 4.40
N TYR C 328 -12.58 -2.34 3.37
CA TYR C 328 -13.49 -1.19 3.48
C TYR C 328 -14.90 -1.60 3.88
N ASN C 329 -15.01 -2.33 4.99
CA ASN C 329 -16.28 -2.85 5.45
C ASN C 329 -16.25 -3.01 6.98
N ALA C 330 -17.39 -3.31 7.57
CA ALA C 330 -17.48 -3.46 9.03
C ALA C 330 -17.08 -4.86 9.52
N HIS C 331 -17.73 -5.90 9.01
CA HIS C 331 -17.39 -7.27 9.42
C HIS C 331 -17.75 -8.35 8.41
N ALA C 332 -17.51 -8.08 7.13
CA ALA C 332 -17.77 -9.09 6.11
C ALA C 332 -17.15 -10.44 6.50
N ALA C 333 -15.95 -10.42 7.07
CA ALA C 333 -15.29 -11.68 7.46
C ALA C 333 -16.12 -12.56 8.42
N ASN C 334 -16.93 -11.95 9.29
CA ASN C 334 -17.77 -12.74 10.20
C ASN C 334 -18.78 -13.59 9.42
N ILE C 335 -19.47 -12.96 8.46
CA ILE C 335 -20.48 -13.65 7.68
C ILE C 335 -19.87 -14.67 6.74
N VAL C 336 -18.79 -14.28 6.06
CA VAL C 336 -18.13 -15.20 5.14
C VAL C 336 -17.66 -16.47 5.86
N THR C 337 -17.02 -16.28 7.02
CA THR C 337 -16.52 -17.42 7.78
C THR C 337 -17.63 -18.36 8.27
N ALA C 338 -18.73 -17.79 8.75
CA ALA C 338 -19.85 -18.57 9.27
C ALA C 338 -20.50 -19.41 8.16
N ILE C 339 -20.72 -18.79 6.99
CA ILE C 339 -21.31 -19.50 5.87
C ILE C 339 -20.34 -20.54 5.33
N TYR C 340 -19.06 -20.19 5.25
CA TYR C 340 -18.05 -21.13 4.73
C TYR C 340 -17.93 -22.42 5.57
N ILE C 341 -17.93 -22.28 6.89
CA ILE C 341 -17.83 -23.44 7.76
C ILE C 341 -19.11 -24.30 7.66
N ALA C 342 -20.27 -23.67 7.59
CA ALA C 342 -21.54 -24.39 7.46
C ALA C 342 -21.65 -25.14 6.13
N CYS C 343 -21.17 -24.52 5.05
CA CYS C 343 -21.28 -25.07 3.69
C CYS C 343 -20.09 -25.84 3.13
N GLY C 344 -19.16 -26.23 3.99
CA GLY C 344 -18.03 -27.01 3.54
C GLY C 344 -17.02 -26.33 2.62
N GLN C 345 -16.87 -25.01 2.76
CA GLN C 345 -15.90 -24.27 1.95
C GLN C 345 -14.58 -24.28 2.69
N ASP C 346 -13.54 -23.72 2.08
CA ASP C 346 -12.24 -23.67 2.73
C ASP C 346 -12.22 -22.41 3.58
N ALA C 347 -12.40 -22.56 4.89
CA ALA C 347 -12.45 -21.40 5.80
C ALA C 347 -11.21 -20.51 5.77
N ALA C 348 -10.06 -21.09 5.44
CA ALA C 348 -8.81 -20.33 5.36
C ALA C 348 -8.87 -19.31 4.22
N GLN C 349 -9.78 -19.54 3.26
CA GLN C 349 -9.95 -18.60 2.15
C GLN C 349 -10.71 -17.35 2.53
N ASN C 350 -11.10 -17.25 3.79
CA ASN C 350 -11.77 -16.05 4.29
C ASN C 350 -10.80 -14.86 4.14
N VAL C 351 -9.50 -15.14 4.16
CA VAL C 351 -8.50 -14.09 4.05
C VAL C 351 -8.79 -13.17 2.85
N GLY C 352 -8.94 -13.77 1.66
CA GLY C 352 -9.24 -12.96 0.47
C GLY C 352 -10.74 -12.87 0.12
N SER C 353 -11.51 -13.89 0.49
CA SER C 353 -12.93 -13.91 0.19
C SER C 353 -13.71 -12.82 0.89
N SER C 354 -13.15 -12.33 2.01
CA SER C 354 -13.76 -11.27 2.81
C SER C 354 -13.57 -9.86 2.25
N ASN C 355 -12.70 -9.69 1.25
CA ASN C 355 -12.49 -8.36 0.65
C ASN C 355 -13.87 -7.78 0.33
N CYS C 356 -14.08 -6.54 0.74
CA CYS C 356 -15.37 -5.92 0.55
C CYS C 356 -15.37 -4.42 0.77
N ILE C 357 -16.11 -3.71 -0.07
CA ILE C 357 -16.28 -2.27 0.14
C ILE C 357 -17.79 -2.03 0.27
N THR C 358 -18.17 -1.47 1.41
CA THR C 358 -19.56 -1.18 1.73
C THR C 358 -19.81 0.31 1.57
N LEU C 359 -20.80 0.65 0.77
CA LEU C 359 -21.15 2.03 0.52
C LEU C 359 -22.60 2.29 0.90
N MET C 360 -22.87 3.47 1.43
CA MET C 360 -24.23 3.87 1.84
C MET C 360 -24.49 5.32 1.42
N GLU C 361 -25.70 5.60 0.96
CA GLU C 361 -26.06 6.97 0.60
C GLU C 361 -27.55 7.22 0.74
N ALA C 362 -27.93 8.49 0.84
CA ALA C 362 -29.34 8.88 0.97
C ALA C 362 -30.04 8.66 -0.37
N SER C 363 -31.29 8.19 -0.32
CA SER C 363 -32.07 7.92 -1.52
C SER C 363 -33.52 8.33 -1.33
N GLY C 364 -34.27 8.41 -2.43
CA GLY C 364 -35.67 8.78 -2.35
C GLY C 364 -36.01 10.25 -2.50
N PRO C 365 -37.33 10.57 -2.57
CA PRO C 365 -37.90 11.91 -2.73
C PRO C 365 -37.30 12.94 -1.79
N THR C 366 -37.17 12.60 -0.51
CA THR C 366 -36.59 13.53 0.47
C THR C 366 -35.22 13.13 1.02
N ASN C 367 -34.52 12.23 0.31
CA ASN C 367 -33.20 11.78 0.75
C ASN C 367 -33.17 11.20 2.16
N GLU C 368 -34.24 10.52 2.56
CA GLU C 368 -34.32 9.93 3.90
C GLU C 368 -34.20 8.42 3.90
N ASP C 369 -34.28 7.82 2.72
CA ASP C 369 -34.17 6.37 2.60
C ASP C 369 -32.68 6.02 2.48
N LEU C 370 -32.34 4.79 2.83
CA LEU C 370 -30.97 4.33 2.82
C LEU C 370 -30.59 3.41 1.69
N TYR C 371 -29.74 3.87 0.80
CA TYR C 371 -29.25 3.01 -0.28
C TYR C 371 -27.95 2.37 0.23
N ILE C 372 -27.84 1.05 0.09
CA ILE C 372 -26.64 0.35 0.50
C ILE C 372 -26.17 -0.63 -0.57
N SER C 373 -24.85 -0.77 -0.71
CA SER C 373 -24.29 -1.73 -1.65
C SER C 373 -23.02 -2.34 -1.06
N CYS C 374 -22.75 -3.59 -1.41
CA CYS C 374 -21.54 -4.28 -0.98
C CYS C 374 -20.94 -4.86 -2.24
N THR C 375 -19.66 -4.62 -2.45
CA THR C 375 -18.95 -5.15 -3.62
C THR C 375 -17.81 -6.01 -3.11
N MET C 376 -17.82 -7.29 -3.52
CA MET C 376 -16.82 -8.30 -3.11
C MET C 376 -16.21 -8.88 -4.37
N PRO C 377 -14.98 -8.45 -4.72
CA PRO C 377 -14.32 -8.93 -5.92
C PRO C 377 -13.63 -10.26 -5.92
N SER C 378 -13.54 -10.92 -4.76
CA SER C 378 -12.81 -12.16 -4.72
C SER C 378 -13.34 -13.27 -3.82
N ILE C 379 -14.58 -13.66 -4.07
CA ILE C 379 -15.22 -14.74 -3.31
C ILE C 379 -14.79 -16.08 -3.89
N GLU C 380 -14.01 -16.83 -3.12
CA GLU C 380 -13.49 -18.14 -3.52
C GLU C 380 -14.47 -19.19 -2.96
N ILE C 381 -15.27 -19.78 -3.85
CA ILE C 381 -16.32 -20.68 -3.41
C ILE C 381 -16.68 -21.80 -4.42
N GLY C 382 -17.30 -22.86 -3.90
CA GLY C 382 -17.69 -23.97 -4.74
C GLY C 382 -18.77 -24.82 -4.10
N THR C 383 -19.48 -25.59 -4.92
CA THR C 383 -20.55 -26.45 -4.40
C THR C 383 -20.29 -27.93 -4.69
N VAL C 384 -19.11 -28.23 -5.23
CA VAL C 384 -18.70 -29.60 -5.54
C VAL C 384 -17.25 -29.76 -5.08
N GLY C 385 -16.90 -30.93 -4.53
CA GLY C 385 -15.53 -31.16 -4.10
C GLY C 385 -15.18 -30.67 -2.70
N GLY C 386 -14.06 -31.19 -2.16
CA GLY C 386 -13.60 -30.80 -0.83
C GLY C 386 -14.59 -31.09 0.26
N GLY C 387 -14.78 -30.12 1.15
CA GLY C 387 -15.71 -30.28 2.26
C GLY C 387 -17.17 -30.40 1.84
N THR C 388 -17.49 -29.95 0.63
CA THR C 388 -18.88 -30.06 0.16
C THR C 388 -19.25 -31.52 -0.14
N ASN C 389 -18.30 -32.44 -0.04
CA ASN C 389 -18.58 -33.86 -0.25
C ASN C 389 -19.13 -34.50 1.02
N LEU C 390 -18.99 -33.83 2.16
CA LEU C 390 -19.48 -34.39 3.42
C LEU C 390 -21.00 -34.17 3.54
N LEU C 391 -21.70 -35.13 4.15
CA LEU C 391 -23.15 -35.04 4.26
C LEU C 391 -23.71 -33.86 5.04
N PRO C 392 -23.20 -33.58 6.26
CA PRO C 392 -23.75 -32.44 7.01
C PRO C 392 -23.58 -31.13 6.20
N GLN C 393 -22.42 -30.96 5.57
CA GLN C 393 -22.14 -29.78 4.77
C GLN C 393 -23.10 -29.71 3.57
N GLN C 394 -23.38 -30.86 2.94
CA GLN C 394 -24.31 -30.89 1.81
C GLN C 394 -25.72 -30.51 2.26
N ALA C 395 -26.07 -30.85 3.49
CA ALA C 395 -27.37 -30.51 4.02
C ALA C 395 -27.55 -28.99 3.98
N CYS C 396 -26.53 -28.25 4.44
CA CYS C 396 -26.59 -26.78 4.44
C CYS C 396 -26.63 -26.23 3.01
N LEU C 397 -25.88 -26.85 2.09
CA LEU C 397 -25.91 -26.43 0.69
C LEU C 397 -27.31 -26.69 0.09
N GLN C 398 -27.94 -27.80 0.48
CA GLN C 398 -29.30 -28.14 0.02
C GLN C 398 -30.32 -27.16 0.58
N MET C 399 -30.11 -26.70 1.81
CA MET C 399 -31.02 -25.73 2.42
C MET C 399 -31.09 -24.51 1.50
N LEU C 400 -29.97 -24.18 0.86
CA LEU C 400 -29.88 -23.03 -0.04
C LEU C 400 -30.25 -23.37 -1.50
N GLY C 401 -30.37 -24.66 -1.79
CA GLY C 401 -30.72 -25.07 -3.13
C GLY C 401 -29.57 -25.03 -4.12
N VAL C 402 -28.33 -25.13 -3.63
CA VAL C 402 -27.18 -25.05 -4.50
C VAL C 402 -26.20 -26.22 -4.37
N GLN C 403 -26.64 -27.33 -3.76
CA GLN C 403 -25.73 -28.45 -3.58
C GLN C 403 -25.34 -29.16 -4.87
N GLY C 404 -24.05 -29.47 -4.99
CA GLY C 404 -23.54 -30.16 -6.14
C GLY C 404 -23.45 -29.41 -7.45
N ALA C 405 -23.22 -30.18 -8.52
CA ALA C 405 -23.08 -29.65 -9.87
C ALA C 405 -24.41 -29.24 -10.47
N CYS C 406 -24.39 -28.22 -11.31
CA CYS C 406 -25.59 -27.81 -12.02
C CYS C 406 -25.36 -28.40 -13.42
N LYS C 407 -25.97 -29.53 -13.69
CA LYS C 407 -25.83 -30.21 -14.98
C LYS C 407 -26.20 -29.40 -16.22
N ASP C 408 -27.32 -28.69 -16.18
CA ASP C 408 -27.76 -27.91 -17.35
C ASP C 408 -27.02 -26.59 -17.55
N ASN C 409 -26.49 -26.04 -16.46
CA ASN C 409 -25.76 -24.78 -16.53
C ASN C 409 -24.58 -24.81 -15.56
N PRO C 410 -23.48 -25.49 -15.94
CA PRO C 410 -22.26 -25.63 -15.14
C PRO C 410 -21.77 -24.31 -14.54
N GLY C 411 -21.66 -24.27 -13.21
CA GLY C 411 -21.19 -23.07 -12.56
C GLY C 411 -22.30 -22.25 -11.94
N GLU C 412 -23.55 -22.51 -12.32
CA GLU C 412 -24.68 -21.75 -11.79
C GLU C 412 -24.93 -21.93 -10.27
N ASN C 413 -24.63 -23.10 -9.72
CA ASN C 413 -24.83 -23.32 -8.29
C ASN C 413 -23.77 -22.50 -7.52
N ALA C 414 -22.52 -22.54 -7.98
CA ALA C 414 -21.45 -21.78 -7.33
C ALA C 414 -21.68 -20.28 -7.43
N ARG C 415 -22.21 -19.82 -8.58
CA ARG C 415 -22.49 -18.40 -8.75
C ARG C 415 -23.62 -17.96 -7.83
N GLN C 416 -24.64 -18.81 -7.69
CA GLN C 416 -25.77 -18.52 -6.82
C GLN C 416 -25.29 -18.44 -5.36
N LEU C 417 -24.42 -19.36 -4.96
CA LEU C 417 -23.89 -19.35 -3.57
C LEU C 417 -23.09 -18.04 -3.34
N ALA C 418 -22.35 -17.59 -4.33
CA ALA C 418 -21.56 -16.35 -4.22
C ALA C 418 -22.49 -15.17 -4.03
N ARG C 419 -23.61 -15.17 -4.75
CA ARG C 419 -24.59 -14.08 -4.62
C ARG C 419 -25.22 -14.10 -3.23
N ILE C 420 -25.51 -15.30 -2.72
CA ILE C 420 -26.07 -15.43 -1.37
C ILE C 420 -25.09 -14.90 -0.30
N VAL C 421 -23.81 -15.26 -0.44
CA VAL C 421 -22.79 -14.77 0.49
C VAL C 421 -22.74 -13.25 0.48
N CYS C 422 -22.69 -12.65 -0.71
CA CYS C 422 -22.64 -11.19 -0.80
C CYS C 422 -23.88 -10.53 -0.19
N GLY C 423 -25.05 -11.11 -0.43
CA GLY C 423 -26.27 -10.56 0.12
C GLY C 423 -26.36 -10.67 1.65
N THR C 424 -25.85 -11.77 2.20
CA THR C 424 -25.86 -11.97 3.65
C THR C 424 -24.84 -11.02 4.30
N VAL C 425 -23.71 -10.81 3.63
CA VAL C 425 -22.70 -9.85 4.13
C VAL C 425 -23.38 -8.50 4.21
N MET C 426 -24.12 -8.10 3.18
CA MET C 426 -24.81 -6.80 3.20
C MET C 426 -25.79 -6.70 4.37
N ALA C 427 -26.52 -7.79 4.64
CA ALA C 427 -27.46 -7.82 5.77
C ALA C 427 -26.68 -7.62 7.09
N GLY C 428 -25.57 -8.33 7.23
CA GLY C 428 -24.72 -8.19 8.41
C GLY C 428 -24.15 -6.78 8.56
N GLU C 429 -23.72 -6.16 7.46
CA GLU C 429 -23.16 -4.81 7.49
C GLU C 429 -24.23 -3.82 7.97
N LEU C 430 -25.43 -3.94 7.41
CA LEU C 430 -26.54 -3.07 7.77
C LEU C 430 -26.76 -3.09 9.27
N SER C 431 -26.89 -4.29 9.81
CA SER C 431 -27.17 -4.44 11.23
C SER C 431 -26.06 -3.97 12.17
N LEU C 432 -24.80 -4.29 11.87
CA LEU C 432 -23.71 -3.84 12.74
C LEU C 432 -23.54 -2.32 12.67
N MET C 433 -23.64 -1.74 11.47
CA MET C 433 -23.52 -0.30 11.33
C MET C 433 -24.64 0.42 12.10
N ALA C 434 -25.84 -0.17 12.09
CA ALA C 434 -26.97 0.43 12.82
C ALA C 434 -26.69 0.38 14.32
N ALA C 435 -26.11 -0.73 14.79
CA ALA C 435 -25.81 -0.89 16.21
C ALA C 435 -24.70 0.11 16.63
N LEU C 436 -23.73 0.33 15.73
CA LEU C 436 -22.67 1.28 16.01
C LEU C 436 -23.21 2.69 16.04
N ALA C 437 -24.11 2.99 15.10
CA ALA C 437 -24.69 4.33 14.99
C ALA C 437 -25.64 4.65 16.15
N ALA C 438 -26.48 3.69 16.49
CA ALA C 438 -27.47 3.81 17.57
C ALA C 438 -26.84 4.16 18.90
N GLY C 439 -25.59 3.74 19.10
CA GLY C 439 -24.90 4.04 20.34
C GLY C 439 -25.07 2.93 21.36
N HIS D 67 -33.76 -27.95 26.05
CA HIS D 67 -32.98 -27.31 24.95
C HIS D 67 -33.10 -28.08 23.66
N GLU D 68 -32.84 -29.39 23.71
CA GLU D 68 -32.91 -30.22 22.52
C GLU D 68 -34.27 -30.17 21.84
N ARG D 69 -35.33 -30.10 22.64
CA ARG D 69 -36.68 -30.04 22.08
C ARG D 69 -36.90 -28.71 21.36
N GLY D 70 -36.32 -27.64 21.91
CA GLY D 70 -36.44 -26.34 21.31
C GLY D 70 -35.76 -26.28 19.95
N VAL D 71 -34.64 -26.99 19.81
CA VAL D 71 -33.91 -27.05 18.54
C VAL D 71 -34.71 -27.87 17.53
N SER D 72 -35.34 -28.94 18.01
CA SER D 72 -36.17 -29.82 17.17
C SER D 72 -37.36 -29.03 16.60
N ILE D 73 -37.99 -28.23 17.44
CA ILE D 73 -39.13 -27.43 17.01
C ILE D 73 -38.69 -26.35 16.01
N ARG D 74 -37.58 -25.67 16.30
CA ARG D 74 -37.12 -24.64 15.39
C ARG D 74 -36.81 -25.28 14.05
N ARG D 75 -36.25 -26.48 14.07
CA ARG D 75 -35.92 -27.20 12.85
C ARG D 75 -37.20 -27.50 12.07
N GLN D 76 -38.25 -27.86 12.81
CA GLN D 76 -39.55 -28.16 12.22
C GLN D 76 -40.19 -26.93 11.59
N LEU D 77 -40.09 -25.77 12.28
CA LEU D 77 -40.64 -24.53 11.72
C LEU D 77 -39.86 -24.16 10.44
N LEU D 78 -38.54 -24.22 10.53
CA LEU D 78 -37.66 -23.90 9.39
C LEU D 78 -37.95 -24.79 8.18
N SER D 79 -38.23 -26.06 8.46
CA SER D 79 -38.51 -27.05 7.44
C SER D 79 -39.62 -26.63 6.49
N LYS D 80 -40.61 -25.92 7.02
CA LYS D 80 -41.75 -25.44 6.25
C LYS D 80 -41.38 -24.38 5.24
N LYS D 81 -40.26 -23.69 5.47
CA LYS D 81 -39.79 -22.63 4.59
C LYS D 81 -38.74 -23.04 3.56
N LEU D 82 -38.38 -24.33 3.54
CA LEU D 82 -37.36 -24.79 2.60
C LEU D 82 -37.97 -25.45 1.37
N SER D 83 -37.26 -25.39 0.25
CA SER D 83 -37.72 -26.01 -0.99
C SER D 83 -37.36 -27.49 -0.92
N GLU D 84 -36.30 -27.81 -0.16
CA GLU D 84 -35.87 -29.20 0.04
C GLU D 84 -35.87 -29.45 1.55
N PRO D 85 -37.06 -29.59 2.17
CA PRO D 85 -37.17 -29.82 3.63
C PRO D 85 -36.43 -31.06 4.12
N SER D 86 -36.26 -32.06 3.26
CA SER D 86 -35.56 -33.28 3.64
C SER D 86 -34.05 -33.03 3.83
N SER D 87 -33.57 -31.86 3.41
CA SER D 87 -32.15 -31.49 3.54
C SER D 87 -31.63 -31.51 4.98
N LEU D 88 -32.48 -31.14 5.93
CA LEU D 88 -32.14 -31.09 7.35
C LEU D 88 -31.84 -32.46 7.97
N GLN D 89 -32.31 -33.52 7.33
CA GLN D 89 -32.10 -34.86 7.85
C GLN D 89 -30.65 -35.19 8.10
N TYR D 90 -29.75 -34.71 7.24
CA TYR D 90 -28.34 -34.99 7.42
C TYR D 90 -27.58 -33.95 8.26
N LEU D 91 -28.29 -32.95 8.77
CA LEU D 91 -27.67 -31.96 9.65
C LEU D 91 -27.95 -32.43 11.09
N PRO D 92 -26.91 -32.92 11.78
CA PRO D 92 -26.95 -33.43 13.17
C PRO D 92 -27.42 -32.38 14.17
N TYR D 93 -28.06 -32.82 15.26
CA TYR D 93 -28.54 -31.91 16.30
C TYR D 93 -28.78 -32.64 17.63
N ARG D 94 -28.97 -33.95 17.54
CA ARG D 94 -29.24 -34.78 18.71
C ARG D 94 -27.99 -35.01 19.57
N ASP D 95 -28.21 -35.07 20.88
CA ASP D 95 -27.14 -35.35 21.85
C ASP D 95 -25.95 -34.39 21.85
N TYR D 96 -26.28 -33.12 22.07
CA TYR D 96 -25.28 -32.07 22.11
C TYR D 96 -25.66 -31.15 23.25
N ASN D 97 -24.64 -30.68 23.94
CA ASN D 97 -24.76 -29.79 25.09
C ASN D 97 -25.14 -28.33 24.73
N TYR D 98 -26.41 -28.08 24.40
CA TYR D 98 -26.87 -26.72 24.04
C TYR D 98 -26.92 -25.69 25.18
N SER D 99 -26.83 -26.12 26.43
CA SER D 99 -26.88 -25.19 27.57
C SER D 99 -25.76 -24.16 27.56
N LEU D 100 -24.59 -24.60 27.11
CA LEU D 100 -23.40 -23.74 27.02
C LEU D 100 -23.44 -22.81 25.80
N VAL D 101 -24.21 -23.21 24.79
CA VAL D 101 -24.35 -22.45 23.55
C VAL D 101 -25.38 -21.32 23.67
N MET D 102 -26.58 -21.64 24.15
CA MET D 102 -27.65 -20.65 24.27
C MET D 102 -27.33 -19.43 25.12
N GLY D 103 -27.75 -18.28 24.59
CA GLY D 103 -27.53 -17.01 25.26
C GLY D 103 -26.05 -16.67 25.30
N ALA D 104 -25.27 -17.28 24.41
CA ALA D 104 -23.84 -17.02 24.41
C ALA D 104 -23.03 -17.17 23.12
N CYS D 105 -23.19 -18.29 22.41
CA CYS D 105 -22.41 -18.53 21.20
C CYS D 105 -23.09 -18.51 19.85
N CYS D 106 -24.39 -18.70 19.82
CA CYS D 106 -25.14 -18.75 18.56
C CYS D 106 -26.64 -18.56 18.81
N GLU D 107 -27.37 -18.08 17.81
CA GLU D 107 -28.82 -17.88 17.93
C GLU D 107 -29.51 -18.63 16.80
N ASN D 108 -30.82 -18.88 16.95
CA ASN D 108 -31.63 -19.60 15.95
C ASN D 108 -30.98 -20.92 15.58
N VAL D 109 -30.53 -21.65 16.60
CA VAL D 109 -29.84 -22.92 16.42
C VAL D 109 -30.70 -24.04 15.85
N ILE D 110 -30.19 -24.70 14.80
CA ILE D 110 -30.89 -25.78 14.13
C ILE D 110 -30.04 -27.05 14.12
N GLY D 111 -28.89 -26.98 14.81
CA GLY D 111 -27.99 -28.13 14.87
C GLY D 111 -26.52 -27.76 15.00
N TYR D 112 -25.66 -28.65 14.52
CA TYR D 112 -24.22 -28.40 14.57
C TYR D 112 -23.55 -29.00 13.35
N MET D 113 -22.41 -28.41 13.00
CA MET D 113 -21.62 -28.85 11.85
C MET D 113 -20.35 -29.56 12.30
N PRO D 114 -20.25 -30.89 12.07
CA PRO D 114 -19.04 -31.59 12.50
C PRO D 114 -17.87 -31.31 11.54
N ILE D 115 -16.74 -30.89 12.09
CA ILE D 115 -15.54 -30.64 11.30
C ILE D 115 -14.51 -31.67 11.75
N PRO D 116 -13.98 -32.49 10.83
CA PRO D 116 -12.98 -33.51 11.18
C PRO D 116 -11.79 -32.89 11.91
N VAL D 117 -11.31 -33.58 12.95
CA VAL D 117 -10.16 -33.13 13.72
C VAL D 117 -9.02 -34.15 13.61
N GLY D 118 -7.87 -33.69 13.16
CA GLY D 118 -6.69 -34.53 13.02
C GLY D 118 -5.63 -34.00 13.98
N VAL D 119 -4.56 -34.77 14.19
CA VAL D 119 -3.50 -34.35 15.07
C VAL D 119 -2.15 -34.40 14.40
N ALA D 120 -1.36 -33.36 14.64
CA ALA D 120 -0.02 -33.24 14.09
C ALA D 120 0.94 -33.09 15.26
N GLY D 121 2.01 -33.88 15.24
CA GLY D 121 2.97 -33.81 16.31
C GLY D 121 3.80 -35.07 16.42
N PRO D 122 4.69 -35.16 17.43
CA PRO D 122 4.87 -34.09 18.40
C PRO D 122 5.61 -32.86 17.83
N LEU D 123 5.20 -31.68 18.27
CA LEU D 123 5.87 -30.45 17.86
C LEU D 123 6.82 -30.13 19.01
N CYS D 124 8.12 -30.28 18.76
CA CYS D 124 9.13 -30.01 19.77
C CYS D 124 9.38 -28.50 19.81
N LEU D 125 8.81 -27.85 20.82
CA LEU D 125 8.90 -26.41 20.97
C LEU D 125 9.31 -25.97 22.38
N ASP D 126 10.40 -25.21 22.46
CA ASP D 126 10.92 -24.71 23.72
C ASP D 126 11.07 -25.83 24.77
N GLU D 127 11.67 -26.95 24.32
CA GLU D 127 11.93 -28.09 25.19
C GLU D 127 10.69 -28.86 25.65
N LYS D 128 9.54 -28.60 25.02
CA LYS D 128 8.31 -29.31 25.34
C LYS D 128 7.82 -30.00 24.08
N GLU D 129 6.90 -30.95 24.22
CA GLU D 129 6.35 -31.64 23.07
C GLU D 129 4.85 -31.45 23.07
N PHE D 130 4.32 -31.00 21.94
CA PHE D 130 2.88 -30.76 21.81
C PHE D 130 2.23 -31.62 20.74
N GLN D 131 1.00 -32.03 21.01
CA GLN D 131 0.19 -32.80 20.06
C GLN D 131 -0.86 -31.76 19.65
N VAL D 132 -0.73 -31.25 18.43
CA VAL D 132 -1.59 -30.18 17.94
C VAL D 132 -2.85 -30.63 17.19
N PRO D 133 -4.03 -30.30 17.74
CA PRO D 133 -5.28 -30.68 17.08
C PRO D 133 -5.56 -29.67 15.94
N MET D 134 -6.01 -30.18 14.81
CA MET D 134 -6.30 -29.35 13.63
C MET D 134 -7.62 -29.75 13.00
N ALA D 135 -8.59 -28.82 12.99
CA ALA D 135 -9.91 -29.10 12.41
C ALA D 135 -9.94 -28.59 10.97
N THR D 136 -10.04 -29.52 10.02
CA THR D 136 -10.03 -29.13 8.61
C THR D 136 -10.72 -30.12 7.69
N THR D 137 -11.09 -29.65 6.49
CA THR D 137 -11.68 -30.49 5.47
C THR D 137 -10.75 -30.48 4.27
N GLU D 138 -9.54 -29.95 4.46
CA GLU D 138 -8.56 -29.89 3.37
C GLU D 138 -7.58 -31.06 3.41
N GLY D 139 -7.65 -31.92 2.40
CA GLY D 139 -6.77 -33.06 2.33
C GLY D 139 -5.31 -32.70 2.29
N CYS D 140 -4.47 -33.53 2.93
CA CYS D 140 -3.03 -33.36 2.99
C CYS D 140 -2.52 -32.35 4.01
N LEU D 141 -3.37 -31.43 4.47
CA LEU D 141 -2.92 -30.42 5.42
C LEU D 141 -2.32 -31.00 6.71
N VAL D 142 -3.04 -31.88 7.38
CA VAL D 142 -2.54 -32.49 8.62
C VAL D 142 -1.31 -33.34 8.35
N ALA D 143 -1.34 -34.16 7.29
CA ALA D 143 -0.20 -35.01 6.97
C ALA D 143 1.04 -34.16 6.70
N SER D 144 0.86 -33.08 5.95
CA SER D 144 1.97 -32.18 5.62
C SER D 144 2.54 -31.50 6.87
N THR D 145 1.67 -30.97 7.71
CA THR D 145 2.09 -30.32 8.94
C THR D 145 2.82 -31.32 9.83
N ASN D 146 2.35 -32.56 9.84
CA ASN D 146 2.97 -33.62 10.64
C ASN D 146 4.39 -33.89 10.15
N ARG D 147 4.60 -33.83 8.84
CA ARG D 147 5.94 -34.02 8.27
C ARG D 147 6.87 -32.87 8.68
N GLY D 148 6.32 -31.66 8.74
CA GLY D 148 7.12 -30.51 9.15
C GLY D 148 7.55 -30.64 10.60
N CYS D 149 6.66 -31.13 11.44
CA CYS D 149 6.94 -31.33 12.85
C CYS D 149 8.08 -32.34 13.00
N ARG D 150 8.00 -33.41 12.22
CA ARG D 150 9.02 -34.45 12.23
C ARG D 150 10.39 -33.87 11.89
N ALA D 151 10.46 -33.03 10.86
CA ALA D 151 11.73 -32.41 10.46
C ALA D 151 12.28 -31.52 11.59
N ILE D 152 11.39 -30.79 12.25
CA ILE D 152 11.80 -29.91 13.34
C ILE D 152 12.32 -30.72 14.55
N GLY D 153 11.62 -31.82 14.85
CA GLY D 153 12.00 -32.70 15.95
C GLY D 153 13.37 -33.28 15.76
N LEU D 154 13.63 -33.79 14.55
CA LEU D 154 14.94 -34.37 14.23
C LEU D 154 16.03 -33.31 14.19
N GLY D 155 15.62 -32.05 14.11
CA GLY D 155 16.57 -30.95 14.08
C GLY D 155 16.87 -30.38 15.46
N GLY D 156 16.40 -31.05 16.50
CA GLY D 156 16.64 -30.57 17.85
C GLY D 156 15.55 -29.67 18.40
N GLY D 157 14.47 -29.50 17.65
CA GLY D 157 13.38 -28.66 18.13
C GLY D 157 13.43 -27.18 17.75
N ALA D 158 12.32 -26.50 18.04
CA ALA D 158 12.18 -25.09 17.75
C ALA D 158 12.14 -24.26 19.03
N SER D 159 12.43 -22.96 18.88
CA SER D 159 12.41 -22.01 20.00
C SER D 159 11.48 -20.86 19.60
N SER D 160 10.76 -20.30 20.56
CA SER D 160 9.85 -19.18 20.29
C SER D 160 9.89 -18.17 21.41
N ARG D 161 9.44 -16.96 21.11
CA ARG D 161 9.37 -15.86 22.07
C ARG D 161 8.16 -15.00 21.77
N VAL D 162 7.48 -14.56 22.82
CA VAL D 162 6.35 -13.64 22.67
C VAL D 162 7.00 -12.28 22.80
N LEU D 163 6.87 -11.46 21.76
CA LEU D 163 7.46 -10.13 21.71
C LEU D 163 6.60 -8.99 22.23
N ALA D 164 5.28 -9.18 22.22
CA ALA D 164 4.34 -8.15 22.66
C ALA D 164 2.98 -8.82 22.86
N ASP D 165 2.13 -8.19 23.66
CA ASP D 165 0.82 -8.73 23.98
C ASP D 165 -0.14 -7.59 24.28
N GLY D 166 -1.16 -7.45 23.45
CA GLY D 166 -2.14 -6.41 23.67
C GLY D 166 -3.21 -6.31 22.61
N MET D 167 -4.44 -6.64 22.97
CA MET D 167 -5.58 -6.55 22.07
C MET D 167 -5.89 -5.07 21.94
N THR D 168 -6.55 -4.69 20.85
CA THR D 168 -6.86 -3.28 20.61
C THR D 168 -8.27 -3.03 20.17
N ARG D 169 -8.66 -1.76 20.27
CA ARG D 169 -9.97 -1.28 19.83
C ARG D 169 -9.66 0.12 19.35
N GLY D 170 -10.13 0.46 18.14
CA GLY D 170 -9.86 1.77 17.58
C GLY D 170 -11.06 2.59 17.21
N PRO D 171 -11.72 3.25 18.18
CA PRO D 171 -12.88 4.08 17.91
C PRO D 171 -12.58 5.36 17.15
N VAL D 172 -13.62 5.97 16.60
CA VAL D 172 -13.47 7.23 15.92
C VAL D 172 -14.40 8.23 16.59
N VAL D 173 -13.88 9.41 16.92
CA VAL D 173 -14.68 10.47 17.52
C VAL D 173 -14.44 11.71 16.67
N ARG D 174 -15.28 12.73 16.83
CA ARG D 174 -15.10 13.96 16.07
C ARG D 174 -15.31 15.22 16.92
N LEU D 175 -14.54 16.23 16.60
CA LEU D 175 -14.62 17.51 17.28
C LEU D 175 -15.16 18.49 16.25
N PRO D 176 -15.61 19.68 16.69
CA PRO D 176 -16.15 20.67 15.76
C PRO D 176 -15.13 21.09 14.67
N ARG D 177 -13.86 21.19 15.06
CA ARG D 177 -12.78 21.61 14.16
C ARG D 177 -11.52 20.75 14.31
N ALA D 178 -10.67 20.78 13.29
CA ALA D 178 -9.41 20.02 13.32
C ALA D 178 -8.51 20.60 14.42
N CYS D 179 -8.63 21.90 14.66
CA CYS D 179 -7.85 22.53 15.71
C CYS D 179 -8.22 21.95 17.07
N ASP D 180 -9.49 21.59 17.26
CA ASP D 180 -9.95 20.97 18.50
C ASP D 180 -9.45 19.53 18.60
N SER D 181 -9.56 18.76 17.51
CA SER D 181 -9.08 17.38 17.54
C SER D 181 -7.58 17.36 17.82
N ALA D 182 -6.84 18.32 17.27
CA ALA D 182 -5.40 18.37 17.52
C ALA D 182 -5.16 18.61 19.02
N GLU D 183 -6.00 19.45 19.63
CA GLU D 183 -5.87 19.71 21.06
C GLU D 183 -6.11 18.40 21.84
N VAL D 184 -7.11 17.63 21.44
CA VAL D 184 -7.40 16.37 22.12
C VAL D 184 -6.23 15.37 22.00
N LYS D 185 -5.66 15.27 20.80
CA LYS D 185 -4.51 14.39 20.57
C LYS D 185 -3.34 14.80 21.44
N ALA D 186 -3.02 16.10 21.49
CA ALA D 186 -1.89 16.56 22.33
C ALA D 186 -2.13 16.20 23.80
N TRP D 187 -3.36 16.35 24.27
CA TRP D 187 -3.71 16.01 25.66
C TRP D 187 -3.52 14.50 25.92
N LEU D 188 -3.99 13.66 24.99
CA LEU D 188 -3.86 12.20 25.12
C LEU D 188 -2.40 11.74 25.12
N GLU D 189 -1.50 12.59 24.63
CA GLU D 189 -0.09 12.24 24.58
C GLU D 189 0.71 12.65 25.83
N THR D 190 0.06 13.35 26.78
CA THR D 190 0.73 13.75 28.03
C THR D 190 0.59 12.57 29.01
N SER D 191 1.54 12.43 29.95
CA SER D 191 1.47 11.33 30.92
C SER D 191 0.23 11.47 31.81
N GLU D 192 -0.17 12.70 32.07
CA GLU D 192 -1.35 12.98 32.88
C GLU D 192 -2.63 12.59 32.16
N GLY D 193 -2.68 12.84 30.85
CA GLY D 193 -3.86 12.49 30.08
C GLY D 193 -4.02 10.99 29.96
N PHE D 194 -2.90 10.32 29.66
CA PHE D 194 -2.88 8.86 29.57
C PHE D 194 -3.28 8.24 30.90
N ALA D 195 -2.72 8.78 31.98
CA ALA D 195 -3.02 8.28 33.34
C ALA D 195 -4.52 8.30 33.66
N VAL D 196 -5.22 9.40 33.35
CA VAL D 196 -6.64 9.40 33.68
C VAL D 196 -7.44 8.48 32.75
N ILE D 197 -7.04 8.42 31.47
CA ILE D 197 -7.75 7.54 30.53
C ILE D 197 -7.55 6.09 30.93
N LYS D 198 -6.34 5.75 31.38
CA LYS D 198 -6.03 4.40 31.82
C LYS D 198 -6.85 4.06 33.06
N GLU D 199 -6.98 5.04 33.95
CA GLU D 199 -7.74 4.85 35.19
C GLU D 199 -9.20 4.52 34.86
N ALA D 200 -9.79 5.24 33.91
CA ALA D 200 -11.17 4.95 33.52
C ALA D 200 -11.28 3.59 32.81
N PHE D 201 -10.38 3.33 31.86
CA PHE D 201 -10.38 2.08 31.11
C PHE D 201 -10.25 0.85 32.03
N ASP D 202 -9.27 0.90 32.92
CA ASP D 202 -9.01 -0.21 33.83
C ASP D 202 -10.11 -0.47 34.87
N SER D 203 -10.95 0.53 35.17
CA SER D 203 -12.00 0.36 36.18
C SER D 203 -13.14 -0.59 35.77
N THR D 204 -13.18 -0.98 34.51
CA THR D 204 -14.25 -1.86 34.00
C THR D 204 -14.13 -3.36 34.30
N SER D 205 -12.91 -3.86 34.45
CA SER D 205 -12.73 -5.28 34.75
C SER D 205 -11.37 -5.54 35.39
N ARG D 206 -11.25 -6.69 36.10
CA ARG D 206 -10.00 -7.09 36.75
C ARG D 206 -8.85 -7.16 35.73
N PHE D 207 -9.10 -7.76 34.58
CA PHE D 207 -8.07 -7.97 33.57
C PHE D 207 -7.77 -6.84 32.56
N ALA D 208 -8.66 -5.86 32.46
CA ALA D 208 -8.48 -4.75 31.52
C ALA D 208 -7.38 -3.78 31.97
N ARG D 209 -6.19 -3.95 31.43
CA ARG D 209 -5.04 -3.11 31.77
C ARG D 209 -4.45 -2.43 30.54
N LEU D 210 -4.84 -1.18 30.32
CA LEU D 210 -4.38 -0.36 29.20
C LEU D 210 -2.86 -0.14 29.21
N GLN D 211 -2.21 -0.45 28.09
CA GLN D 211 -0.76 -0.33 27.95
C GLN D 211 -0.31 0.91 27.22
N LYS D 212 -1.03 1.27 26.15
CA LYS D 212 -0.68 2.43 25.35
C LYS D 212 -1.81 2.89 24.44
N LEU D 213 -1.65 4.08 23.91
CA LEU D 213 -2.61 4.70 23.02
C LEU D 213 -1.86 5.17 21.78
N HIS D 214 -2.49 5.05 20.63
CA HIS D 214 -1.90 5.55 19.41
C HIS D 214 -3.02 6.37 18.79
N THR D 215 -2.76 7.64 18.53
CA THR D 215 -3.77 8.51 17.94
C THR D 215 -3.41 8.90 16.50
N SER D 216 -4.43 9.28 15.75
CA SER D 216 -4.23 9.67 14.36
C SER D 216 -5.43 10.49 13.98
N ILE D 217 -5.19 11.66 13.40
CA ILE D 217 -6.34 12.45 12.99
C ILE D 217 -6.47 12.54 11.48
N ALA D 218 -7.70 12.83 11.07
CA ALA D 218 -8.07 13.04 9.69
C ALA D 218 -9.00 14.26 9.81
N GLY D 219 -8.41 15.43 9.77
CA GLY D 219 -9.21 16.63 9.88
C GLY D 219 -9.78 16.71 11.28
N ARG D 220 -11.09 16.87 11.38
CA ARG D 220 -11.71 16.97 12.69
C ARG D 220 -12.04 15.59 13.28
N ASN D 221 -11.66 14.53 12.58
CA ASN D 221 -11.87 13.17 13.05
C ASN D 221 -10.63 12.79 13.83
N LEU D 222 -10.81 11.96 14.86
CA LEU D 222 -9.69 11.50 15.66
C LEU D 222 -9.92 10.02 15.91
N TYR D 223 -8.95 9.20 15.49
CA TYR D 223 -9.01 7.76 15.68
C TYR D 223 -8.04 7.45 16.83
N ILE D 224 -8.52 6.73 17.82
CA ILE D 224 -7.72 6.41 18.99
C ILE D 224 -7.65 4.92 19.11
N ARG D 225 -6.45 4.38 18.98
CA ARG D 225 -6.25 2.96 19.10
C ARG D 225 -5.84 2.68 20.55
N PHE D 226 -6.71 1.95 21.26
CA PHE D 226 -6.46 1.54 22.66
C PHE D 226 -5.82 0.16 22.65
N GLN D 227 -4.67 -0.01 23.30
CA GLN D 227 -4.03 -1.33 23.34
C GLN D 227 -3.92 -1.77 24.79
N SER D 228 -4.52 -2.93 25.09
CA SER D 228 -4.57 -3.42 26.46
C SER D 228 -4.40 -4.93 26.65
N ARG D 229 -3.94 -5.31 27.85
CA ARG D 229 -3.81 -6.72 28.22
C ARG D 229 -5.23 -7.21 28.51
N SER D 230 -5.41 -8.51 28.60
CA SER D 230 -6.73 -9.06 28.86
C SER D 230 -6.68 -10.48 29.45
N GLY D 231 -5.68 -10.73 30.31
CA GLY D 231 -5.52 -12.04 30.91
C GLY D 231 -5.37 -13.10 29.82
N ASP D 232 -6.11 -14.19 29.95
CA ASP D 232 -6.07 -15.27 28.99
C ASP D 232 -7.15 -15.14 27.91
N ALA D 233 -7.97 -14.09 28.01
CA ALA D 233 -9.04 -13.83 27.05
C ALA D 233 -8.53 -13.18 25.78
N MET D 234 -9.18 -13.48 24.66
CA MET D 234 -8.83 -12.86 23.37
C MET D 234 -9.01 -11.37 23.64
N GLY D 235 -10.04 -11.05 24.42
CA GLY D 235 -10.23 -9.68 24.85
C GLY D 235 -11.12 -8.68 24.16
N MET D 236 -11.79 -9.03 23.06
CA MET D 236 -12.62 -8.02 22.39
C MET D 236 -13.76 -7.39 23.21
N ASN D 237 -14.54 -8.20 23.92
CA ASN D 237 -15.65 -7.65 24.71
C ASN D 237 -15.12 -6.78 25.85
N MET D 238 -14.11 -7.29 26.52
CA MET D 238 -13.47 -6.62 27.65
C MET D 238 -12.84 -5.30 27.21
N ILE D 239 -12.08 -5.34 26.12
CA ILE D 239 -11.42 -4.14 25.60
C ILE D 239 -12.49 -3.12 25.11
N SER D 240 -13.59 -3.62 24.54
CA SER D 240 -14.64 -2.76 24.04
C SER D 240 -15.34 -2.04 25.20
N LYS D 241 -15.56 -2.76 26.30
CA LYS D 241 -16.22 -2.18 27.49
C LYS D 241 -15.27 -1.13 28.08
N GLY D 242 -13.97 -1.44 28.14
CA GLY D 242 -13.03 -0.48 28.68
C GLY D 242 -12.97 0.77 27.80
N THR D 243 -13.04 0.56 26.49
CA THR D 243 -12.95 1.67 25.56
C THR D 243 -14.12 2.63 25.75
N GLU D 244 -15.30 2.06 25.92
CA GLU D 244 -16.51 2.83 26.11
C GLU D 244 -16.44 3.71 27.35
N LYS D 245 -15.94 3.19 28.47
CA LYS D 245 -15.83 4.04 29.65
C LYS D 245 -14.74 5.10 29.50
N ALA D 246 -13.63 4.77 28.83
CA ALA D 246 -12.56 5.75 28.62
C ALA D 246 -13.10 6.90 27.76
N LEU D 247 -13.86 6.55 26.71
CA LEU D 247 -14.45 7.56 25.81
C LEU D 247 -15.40 8.48 26.59
N SER D 248 -16.17 7.90 27.52
CA SER D 248 -17.10 8.66 28.36
C SER D 248 -16.30 9.65 29.20
N LYS D 249 -15.17 9.18 29.76
CA LYS D 249 -14.29 10.02 30.56
C LYS D 249 -13.68 11.13 29.69
N LEU D 250 -13.27 10.78 28.47
CA LEU D 250 -12.68 11.78 27.58
C LEU D 250 -13.70 12.85 27.25
N HIS D 251 -14.96 12.45 27.08
CA HIS D 251 -16.04 13.37 26.75
C HIS D 251 -16.24 14.41 27.90
N GLU D 252 -15.94 14.01 29.14
CA GLU D 252 -16.06 14.91 30.29
C GLU D 252 -15.02 16.01 30.13
N TYR D 253 -13.81 15.65 29.67
CA TYR D 253 -12.75 16.65 29.41
C TYR D 253 -13.04 17.50 28.15
N PHE D 254 -13.73 16.91 27.17
CA PHE D 254 -14.02 17.63 25.92
C PHE D 254 -15.47 17.39 25.57
N PRO D 255 -16.41 18.14 26.20
CA PRO D 255 -17.85 18.04 25.99
C PRO D 255 -18.36 18.21 24.57
N GLU D 256 -17.58 18.88 23.72
CA GLU D 256 -17.98 19.07 22.32
C GLU D 256 -17.61 17.88 21.42
N MET D 257 -16.96 16.88 22.02
CA MET D 257 -16.56 15.69 21.30
C MET D 257 -17.74 14.75 21.06
N GLN D 258 -17.91 14.33 19.82
CA GLN D 258 -18.98 13.40 19.49
C GLN D 258 -18.33 12.04 19.29
N ILE D 259 -18.87 11.03 19.95
CA ILE D 259 -18.36 9.66 19.80
C ILE D 259 -19.12 9.08 18.60
N LEU D 260 -18.44 8.85 17.48
CA LEU D 260 -19.09 8.35 16.28
C LEU D 260 -19.29 6.83 16.24
N ALA D 261 -18.28 6.06 16.63
CA ALA D 261 -18.39 4.60 16.65
C ALA D 261 -17.31 4.04 17.56
N VAL D 262 -17.68 3.08 18.40
CA VAL D 262 -16.74 2.43 19.31
C VAL D 262 -15.63 1.72 18.52
N SER D 263 -15.92 1.39 17.26
CA SER D 263 -14.91 0.82 16.35
C SER D 263 -14.96 1.66 15.08
N GLY D 264 -13.88 2.38 14.81
CA GLY D 264 -13.79 3.20 13.61
C GLY D 264 -12.84 2.54 12.62
N ASN D 265 -12.70 1.22 12.73
CA ASN D 265 -11.82 0.42 11.87
C ASN D 265 -10.34 0.67 12.07
N TYR D 266 -9.97 1.35 13.16
CA TYR D 266 -8.57 1.64 13.43
C TYR D 266 -7.95 0.60 14.37
N CYS D 267 -8.71 -0.44 14.71
CA CYS D 267 -8.24 -1.49 15.65
C CYS D 267 -7.00 -2.29 15.17
N THR D 268 -7.05 -3.00 14.03
CA THR D 268 -8.19 -3.14 13.14
C THR D 268 -8.68 -4.60 13.31
N ASP D 269 -9.98 -4.78 13.42
CA ASP D 269 -10.56 -6.12 13.66
C ASP D 269 -11.20 -6.78 12.45
N LYS D 270 -10.68 -7.96 12.09
CA LYS D 270 -11.20 -8.76 10.98
C LYS D 270 -11.14 -8.18 9.55
N LYS D 271 -10.26 -7.22 9.31
CA LYS D 271 -10.03 -6.66 7.98
C LYS D 271 -8.52 -6.52 7.86
N PRO D 272 -7.97 -6.73 6.65
CA PRO D 272 -6.52 -6.59 6.45
C PRO D 272 -6.14 -5.15 6.71
N ALA D 273 -5.06 -4.90 7.44
CA ALA D 273 -4.66 -3.53 7.71
C ALA D 273 -3.20 -3.43 8.07
N ALA D 274 -2.51 -2.47 7.44
CA ALA D 274 -1.09 -2.27 7.68
C ALA D 274 -0.82 -1.97 9.15
N ILE D 275 -1.77 -1.35 9.85
CA ILE D 275 -1.55 -1.02 11.24
C ILE D 275 -1.29 -2.24 12.12
N ASN D 276 -2.00 -3.35 11.86
CA ASN D 276 -1.80 -4.58 12.63
C ASN D 276 -0.43 -5.19 12.34
N TRP D 277 0.00 -5.11 11.09
CA TRP D 277 1.29 -5.63 10.65
C TRP D 277 2.47 -4.87 11.27
N ILE D 278 2.37 -3.56 11.29
CA ILE D 278 3.42 -2.71 11.82
C ILE D 278 3.44 -2.54 13.36
N GLU D 279 2.27 -2.39 13.97
CA GLU D 279 2.21 -2.19 15.42
C GLU D 279 1.85 -3.42 16.23
N GLY D 280 1.37 -4.45 15.54
CA GLY D 280 0.96 -5.67 16.21
C GLY D 280 -0.45 -5.57 16.77
N ARG D 281 -1.08 -6.71 17.03
CA ARG D 281 -2.42 -6.76 17.63
C ARG D 281 -2.51 -8.13 18.29
N GLY D 282 -2.94 -8.18 19.54
CA GLY D 282 -2.98 -9.46 20.22
C GLY D 282 -1.54 -9.81 20.56
N LYS D 283 -1.12 -11.04 20.23
CA LYS D 283 0.26 -11.49 20.51
C LYS D 283 1.16 -11.41 19.29
N SER D 284 2.37 -10.88 19.48
CA SER D 284 3.38 -10.84 18.40
C SER D 284 4.35 -11.93 18.81
N VAL D 285 4.64 -12.84 17.89
CA VAL D 285 5.49 -13.98 18.20
C VAL D 285 6.49 -14.26 17.10
N VAL D 286 7.65 -14.81 17.50
CA VAL D 286 8.68 -15.22 16.57
C VAL D 286 9.06 -16.64 16.94
N CYS D 287 9.33 -17.46 15.91
CA CYS D 287 9.72 -18.85 16.10
C CYS D 287 10.87 -19.16 15.15
N GLU D 288 11.71 -20.14 15.50
CA GLU D 288 12.86 -20.51 14.66
C GLU D 288 13.33 -21.93 14.94
N ALA D 289 14.06 -22.49 13.98
CA ALA D 289 14.63 -23.83 14.06
C ALA D 289 15.71 -23.96 13.00
N VAL D 290 16.56 -24.97 13.18
CA VAL D 290 17.61 -25.27 12.20
C VAL D 290 17.41 -26.74 11.82
N ILE D 291 17.23 -26.98 10.54
CA ILE D 291 17.01 -28.33 10.05
C ILE D 291 18.31 -28.83 9.41
N PRO D 292 18.90 -29.91 9.95
CA PRO D 292 20.13 -30.50 9.42
C PRO D 292 19.98 -30.91 7.96
N ALA D 293 21.06 -30.77 7.17
CA ALA D 293 21.05 -31.13 5.75
C ALA D 293 20.51 -32.53 5.49
N LYS D 294 20.87 -33.47 6.35
CA LYS D 294 20.43 -34.85 6.21
C LYS D 294 18.92 -34.96 6.40
N VAL D 295 18.36 -34.19 7.32
CA VAL D 295 16.92 -34.20 7.56
C VAL D 295 16.19 -33.55 6.37
N VAL D 296 16.78 -32.51 5.79
CA VAL D 296 16.20 -31.81 4.64
C VAL D 296 16.11 -32.78 3.45
N ARG D 297 17.17 -33.57 3.25
CA ARG D 297 17.20 -34.52 2.15
C ARG D 297 16.30 -35.72 2.39
N GLU D 298 16.45 -36.37 3.53
CA GLU D 298 15.68 -37.57 3.84
C GLU D 298 14.22 -37.40 4.26
N VAL D 299 13.91 -36.34 5.00
CA VAL D 299 12.53 -36.12 5.41
C VAL D 299 11.74 -35.21 4.45
N LEU D 300 12.32 -34.08 4.10
CA LEU D 300 11.68 -33.11 3.20
C LEU D 300 11.88 -33.39 1.72
N LYS D 301 12.72 -34.37 1.42
CA LYS D 301 13.00 -34.80 0.04
C LYS D 301 13.46 -33.68 -0.89
N THR D 302 14.33 -32.80 -0.39
CA THR D 302 14.84 -31.70 -1.21
C THR D 302 16.20 -31.24 -0.65
N THR D 303 16.65 -30.06 -1.04
CA THR D 303 17.92 -29.52 -0.53
C THR D 303 17.71 -28.14 0.07
N THR D 304 18.67 -27.75 0.90
CA THR D 304 18.63 -26.44 1.55
C THR D 304 18.64 -25.32 0.51
N GLU D 305 19.51 -25.45 -0.49
CA GLU D 305 19.58 -24.42 -1.53
C GLU D 305 18.25 -24.26 -2.29
N ALA D 306 17.61 -25.37 -2.68
CA ALA D 306 16.34 -25.26 -3.40
C ALA D 306 15.26 -24.60 -2.50
N MET D 307 15.24 -24.96 -1.22
CA MET D 307 14.29 -24.41 -0.27
C MET D 307 14.44 -22.87 -0.17
N ILE D 308 15.67 -22.41 -0.07
CA ILE D 308 15.97 -20.97 0.04
C ILE D 308 15.57 -20.19 -1.22
N GLU D 309 15.84 -20.78 -2.39
CA GLU D 309 15.49 -20.17 -3.66
C GLU D 309 13.97 -20.01 -3.79
N VAL D 310 13.21 -21.03 -3.40
CA VAL D 310 11.75 -20.95 -3.44
C VAL D 310 11.23 -19.92 -2.44
N ASN D 311 11.76 -19.95 -1.22
CA ASN D 311 11.31 -19.00 -0.21
C ASN D 311 11.49 -17.55 -0.63
N ILE D 312 12.68 -17.19 -1.12
CA ILE D 312 12.93 -15.83 -1.54
C ILE D 312 12.05 -15.40 -2.72
N ASN D 313 11.97 -16.25 -3.74
CA ASN D 313 11.22 -15.91 -4.93
C ASN D 313 9.71 -16.02 -4.84
N LYS D 314 9.22 -16.78 -3.86
CA LYS D 314 7.78 -16.95 -3.65
C LYS D 314 7.31 -16.04 -2.51
N ASN D 315 7.80 -16.30 -1.31
CA ASN D 315 7.43 -15.54 -0.11
C ASN D 315 7.84 -14.09 0.01
N LEU D 316 8.94 -13.72 -0.64
CA LEU D 316 9.38 -12.34 -0.61
C LEU D 316 9.06 -11.65 -1.93
N VAL D 317 9.73 -12.05 -3.03
CA VAL D 317 9.49 -11.41 -4.34
C VAL D 317 8.07 -11.59 -4.87
N GLY D 318 7.54 -12.82 -4.79
CA GLY D 318 6.20 -13.07 -5.29
C GLY D 318 5.15 -12.23 -4.57
N SER D 319 5.21 -12.25 -3.23
CA SER D 319 4.28 -11.47 -2.42
C SER D 319 4.41 -9.98 -2.70
N ALA D 320 5.64 -9.51 -2.92
CA ALA D 320 5.84 -8.09 -3.25
C ALA D 320 5.18 -7.77 -4.60
N MET D 321 5.34 -8.64 -5.59
CA MET D 321 4.75 -8.42 -6.92
C MET D 321 3.22 -8.41 -6.85
N ALA D 322 2.66 -9.23 -5.95
CA ALA D 322 1.21 -9.28 -5.75
C ALA D 322 0.65 -8.09 -4.94
N GLY D 323 1.53 -7.24 -4.38
CA GLY D 323 1.05 -6.12 -3.60
C GLY D 323 0.50 -6.56 -2.25
N SER D 324 1.21 -7.48 -1.60
CA SER D 324 0.81 -7.97 -0.29
C SER D 324 1.31 -7.14 0.88
N ILE D 325 0.49 -6.97 1.92
CA ILE D 325 0.93 -6.29 3.14
C ILE D 325 0.71 -7.40 4.19
N GLY D 326 1.79 -7.98 4.72
CA GLY D 326 1.65 -9.04 5.71
C GLY D 326 1.54 -10.49 5.23
N GLY D 327 1.45 -10.70 3.91
CA GLY D 327 1.31 -12.05 3.39
C GLY D 327 2.61 -12.59 2.79
N TYR D 328 3.70 -12.52 3.56
CA TYR D 328 5.02 -12.99 3.11
C TYR D 328 5.28 -14.41 3.60
N ASN D 329 4.36 -15.30 3.28
CA ASN D 329 4.44 -16.68 3.75
C ASN D 329 3.73 -17.58 2.73
N ALA D 330 3.86 -18.90 2.89
CA ALA D 330 3.23 -19.84 1.95
C ALA D 330 1.76 -20.13 2.27
N HIS D 331 1.47 -20.61 3.49
CA HIS D 331 0.09 -20.89 3.86
C HIS D 331 -0.21 -20.84 5.38
N ALA D 332 0.34 -19.83 6.04
CA ALA D 332 0.09 -19.66 7.48
C ALA D 332 -1.42 -19.73 7.78
N ALA D 333 -2.25 -19.14 6.91
CA ALA D 333 -3.70 -19.15 7.10
C ALA D 333 -4.32 -20.55 7.21
N ASN D 334 -3.73 -21.56 6.55
CA ASN D 334 -4.26 -22.92 6.64
C ASN D 334 -4.11 -23.44 8.09
N ILE D 335 -2.93 -23.25 8.65
CA ILE D 335 -2.64 -23.73 9.99
C ILE D 335 -3.40 -22.96 11.06
N VAL D 336 -3.41 -21.64 10.94
CA VAL D 336 -4.12 -20.79 11.88
C VAL D 336 -5.62 -21.16 11.92
N THR D 337 -6.23 -21.30 10.75
CA THR D 337 -7.64 -21.62 10.67
C THR D 337 -7.98 -22.97 11.29
N ALA D 338 -7.16 -23.97 11.00
CA ALA D 338 -7.37 -25.33 11.50
C ALA D 338 -7.28 -25.36 13.02
N ILE D 339 -6.26 -24.70 13.58
CA ILE D 339 -6.10 -24.68 15.03
C ILE D 339 -7.21 -23.85 15.69
N TYR D 340 -7.57 -22.73 15.07
CA TYR D 340 -8.61 -21.87 15.60
C TYR D 340 -9.95 -22.55 15.73
N ILE D 341 -10.35 -23.28 14.69
CA ILE D 341 -11.61 -24.00 14.69
C ILE D 341 -11.61 -25.10 15.76
N ALA D 342 -10.50 -25.84 15.84
CA ALA D 342 -10.36 -26.91 16.83
C ALA D 342 -10.39 -26.41 18.28
N CYS D 343 -9.78 -25.25 18.52
CA CYS D 343 -9.66 -24.68 19.86
C CYS D 343 -10.67 -23.62 20.30
N GLY D 344 -11.74 -23.48 19.54
CA GLY D 344 -12.79 -22.51 19.87
C GLY D 344 -12.43 -21.05 19.78
N GLN D 345 -11.52 -20.70 18.86
CA GLN D 345 -11.12 -19.30 18.68
C GLN D 345 -12.10 -18.70 17.66
N ASP D 346 -11.95 -17.41 17.38
CA ASP D 346 -12.82 -16.76 16.41
C ASP D 346 -12.15 -16.96 15.03
N ALA D 347 -12.67 -17.90 14.24
CA ALA D 347 -12.08 -18.19 12.93
C ALA D 347 -12.01 -17.01 11.96
N ALA D 348 -12.92 -16.05 12.12
CA ALA D 348 -12.94 -14.85 11.26
C ALA D 348 -11.68 -13.99 11.51
N GLN D 349 -11.03 -14.19 12.66
CA GLN D 349 -9.82 -13.45 12.98
C GLN D 349 -8.58 -14.00 12.26
N ASN D 350 -8.77 -15.02 11.45
CA ASN D 350 -7.70 -15.57 10.65
C ASN D 350 -7.23 -14.47 9.67
N VAL D 351 -8.09 -13.50 9.38
CA VAL D 351 -7.74 -12.41 8.47
C VAL D 351 -6.43 -11.73 8.90
N GLY D 352 -6.39 -11.26 10.13
CA GLY D 352 -5.17 -10.63 10.63
C GLY D 352 -4.23 -11.57 11.38
N SER D 353 -4.76 -12.61 12.03
CA SER D 353 -3.92 -13.55 12.77
C SER D 353 -2.93 -14.33 11.91
N SER D 354 -3.23 -14.44 10.61
CA SER D 354 -2.41 -15.12 9.62
C SER D 354 -1.22 -14.32 9.14
N ASN D 355 -1.14 -13.03 9.46
CA ASN D 355 -0.01 -12.20 9.04
C ASN D 355 1.26 -12.94 9.43
N CYS D 356 2.18 -13.07 8.47
CA CYS D 356 3.39 -13.81 8.73
C CYS D 356 4.48 -13.59 7.68
N ILE D 357 5.73 -13.50 8.14
CA ILE D 357 6.85 -13.44 7.22
C ILE D 357 7.75 -14.62 7.55
N THR D 358 7.96 -15.46 6.55
CA THR D 358 8.78 -16.65 6.64
C THR D 358 10.14 -16.40 5.99
N LEU D 359 11.20 -16.59 6.77
CA LEU D 359 12.55 -16.42 6.30
C LEU D 359 13.35 -17.71 6.41
N MET D 360 14.25 -17.93 5.46
CA MET D 360 15.12 -19.12 5.42
C MET D 360 16.53 -18.73 4.98
N GLU D 361 17.53 -19.35 5.62
CA GLU D 361 18.95 -19.09 5.32
C GLU D 361 19.73 -20.39 5.44
N ALA D 362 20.91 -20.40 4.84
CA ALA D 362 21.80 -21.55 4.91
C ALA D 362 22.49 -21.40 6.27
N SER D 363 22.72 -22.52 6.94
CA SER D 363 23.36 -22.51 8.25
C SER D 363 24.30 -23.69 8.40
N GLY D 364 25.03 -23.74 9.51
CA GLY D 364 25.94 -24.84 9.75
C GLY D 364 27.34 -24.72 9.17
N PRO D 365 28.20 -25.73 9.42
CA PRO D 365 29.60 -25.83 8.97
C PRO D 365 29.84 -25.56 7.49
N THR D 366 29.08 -26.23 6.63
CA THR D 366 29.26 -26.05 5.20
C THR D 366 28.03 -25.45 4.51
N ASN D 367 27.31 -24.59 5.21
CA ASN D 367 26.11 -23.97 4.67
C ASN D 367 25.13 -24.95 4.03
N GLU D 368 25.04 -26.14 4.60
CA GLU D 368 24.11 -27.13 4.09
C GLU D 368 22.86 -27.28 4.96
N ASP D 369 22.91 -26.76 6.18
CA ASP D 369 21.75 -26.84 7.08
C ASP D 369 20.78 -25.67 6.80
N LEU D 370 19.50 -25.89 7.08
CA LEU D 370 18.48 -24.88 6.82
C LEU D 370 17.99 -24.15 8.07
N TYR D 371 18.21 -22.86 8.12
CA TYR D 371 17.71 -22.06 9.23
C TYR D 371 16.37 -21.48 8.76
N ILE D 372 15.34 -21.62 9.59
CA ILE D 372 14.02 -21.09 9.26
C ILE D 372 13.44 -20.32 10.44
N SER D 373 12.70 -19.27 10.14
CA SER D 373 12.01 -18.48 11.16
C SER D 373 10.68 -17.97 10.60
N CYS D 374 9.71 -17.86 11.50
CA CYS D 374 8.38 -17.33 11.15
C CYS D 374 8.10 -16.26 12.19
N THR D 375 7.71 -15.08 11.71
CA THR D 375 7.36 -13.97 12.58
C THR D 375 5.92 -13.56 12.32
N MET D 376 5.08 -13.65 13.37
CA MET D 376 3.65 -13.35 13.29
C MET D 376 3.34 -12.26 14.31
N PRO D 377 3.17 -11.01 13.85
CA PRO D 377 2.91 -9.89 14.76
C PRO D 377 1.51 -9.67 15.27
N SER D 378 0.55 -10.45 14.80
CA SER D 378 -0.81 -10.18 15.24
C SER D 378 -1.74 -11.35 15.43
N ILE D 379 -1.32 -12.30 16.27
CA ILE D 379 -2.11 -13.49 16.62
C ILE D 379 -3.16 -13.11 17.67
N GLU D 380 -4.43 -13.15 17.26
CA GLU D 380 -5.57 -12.80 18.13
C GLU D 380 -6.09 -14.11 18.69
N ILE D 381 -5.81 -14.35 19.97
CA ILE D 381 -6.12 -15.64 20.57
C ILE D 381 -6.45 -15.58 22.08
N GLY D 382 -7.13 -16.62 22.58
CA GLY D 382 -7.50 -16.68 23.98
C GLY D 382 -7.86 -18.09 24.39
N THR D 383 -7.81 -18.35 25.69
CA THR D 383 -8.13 -19.68 26.20
C THR D 383 -9.31 -19.67 27.15
N VAL D 384 -9.94 -18.50 27.32
CA VAL D 384 -11.11 -18.37 28.16
C VAL D 384 -12.11 -17.50 27.41
N GLY D 385 -13.40 -17.78 27.58
CA GLY D 385 -14.43 -17.02 26.90
C GLY D 385 -14.75 -17.47 25.48
N GLY D 386 -15.90 -17.02 24.98
CA GLY D 386 -16.33 -17.36 23.62
C GLY D 386 -16.47 -18.85 23.37
N GLY D 387 -15.94 -19.30 22.24
CA GLY D 387 -16.00 -20.71 21.87
C GLY D 387 -15.20 -21.63 22.77
N THR D 388 -14.26 -21.07 23.53
CA THR D 388 -13.45 -21.90 24.44
C THR D 388 -14.29 -22.34 25.66
N ASN D 389 -15.52 -21.88 25.75
CA ASN D 389 -16.41 -22.29 26.84
C ASN D 389 -17.08 -23.61 26.52
N LEU D 390 -17.05 -24.04 25.26
CA LEU D 390 -17.70 -25.28 24.87
C LEU D 390 -16.81 -26.46 25.21
N LEU D 391 -17.41 -27.58 25.61
CA LEU D 391 -16.66 -28.77 25.98
C LEU D 391 -15.74 -29.39 24.93
N PRO D 392 -16.24 -29.63 23.71
CA PRO D 392 -15.35 -30.23 22.70
C PRO D 392 -14.13 -29.33 22.46
N GLN D 393 -14.36 -28.03 22.40
CA GLN D 393 -13.27 -27.07 22.18
C GLN D 393 -12.27 -27.10 23.34
N GLN D 394 -12.78 -27.23 24.57
CA GLN D 394 -11.91 -27.29 25.75
C GLN D 394 -11.08 -28.56 25.74
N ALA D 395 -11.62 -29.62 25.14
CA ALA D 395 -10.89 -30.87 25.05
C ALA D 395 -9.61 -30.65 24.24
N CYS D 396 -9.72 -29.94 23.12
CA CYS D 396 -8.56 -29.64 22.29
C CYS D 396 -7.57 -28.70 23.03
N LEU D 397 -8.10 -27.73 23.76
CA LEU D 397 -7.24 -26.83 24.53
C LEU D 397 -6.49 -27.63 25.63
N GLN D 398 -7.19 -28.60 26.24
CA GLN D 398 -6.57 -29.46 27.27
C GLN D 398 -5.49 -30.36 26.67
N MET D 399 -5.69 -30.80 25.43
CA MET D 399 -4.70 -31.63 24.75
C MET D 399 -3.38 -30.89 24.75
N LEU D 400 -3.46 -29.57 24.59
CA LEU D 400 -2.28 -28.70 24.54
C LEU D 400 -1.83 -28.20 25.91
N GLY D 401 -2.64 -28.44 26.93
CA GLY D 401 -2.30 -28.02 28.28
C GLY D 401 -2.50 -26.54 28.53
N VAL D 402 -3.37 -25.88 27.77
CA VAL D 402 -3.60 -24.44 27.93
C VAL D 402 -5.04 -24.05 28.14
N GLN D 403 -5.89 -25.03 28.44
CA GLN D 403 -7.31 -24.74 28.61
C GLN D 403 -7.60 -23.86 29.79
N GLY D 404 -8.42 -22.85 29.56
CA GLY D 404 -8.82 -21.94 30.62
C GLY D 404 -7.78 -20.97 31.09
N ALA D 405 -8.09 -20.35 32.23
CA ALA D 405 -7.24 -19.35 32.83
C ALA D 405 -5.99 -19.96 33.42
N CYS D 406 -4.87 -19.25 33.34
CA CYS D 406 -3.67 -19.75 33.99
C CYS D 406 -3.78 -19.09 35.37
N LYS D 407 -4.27 -19.84 36.34
CA LYS D 407 -4.48 -19.36 37.72
C LYS D 407 -3.25 -18.74 38.41
N ASP D 408 -2.07 -19.29 38.17
CA ASP D 408 -0.85 -18.77 38.78
C ASP D 408 -0.31 -17.48 38.15
N ASN D 409 -0.59 -17.29 36.85
CA ASN D 409 -0.07 -16.14 36.11
C ASN D 409 -1.02 -15.85 34.93
N PRO D 410 -2.08 -15.05 35.17
CA PRO D 410 -3.05 -14.72 34.12
C PRO D 410 -2.45 -14.22 32.82
N GLY D 411 -2.80 -14.90 31.73
CA GLY D 411 -2.29 -14.53 30.42
C GLY D 411 -1.31 -15.51 29.85
N GLU D 412 -0.77 -16.37 30.71
CA GLU D 412 0.23 -17.33 30.31
C GLU D 412 -0.29 -18.47 29.46
N ASN D 413 -1.54 -18.87 29.62
CA ASN D 413 -2.06 -19.95 28.79
C ASN D 413 -2.24 -19.42 27.35
N ALA D 414 -2.74 -18.19 27.23
CA ALA D 414 -2.95 -17.58 25.92
C ALA D 414 -1.60 -17.35 25.19
N ARG D 415 -0.57 -16.97 25.94
CA ARG D 415 0.74 -16.76 25.35
C ARG D 415 1.32 -18.09 24.87
N GLN D 416 1.11 -19.16 25.65
CA GLN D 416 1.60 -20.48 25.27
C GLN D 416 0.89 -20.92 23.98
N LEU D 417 -0.42 -20.72 23.91
CA LEU D 417 -1.18 -21.10 22.71
C LEU D 417 -0.66 -20.32 21.48
N ALA D 418 -0.36 -19.04 21.66
CA ALA D 418 0.18 -18.23 20.56
C ALA D 418 1.52 -18.80 20.07
N ARG D 419 2.37 -19.24 21.00
CA ARG D 419 3.66 -19.82 20.63
C ARG D 419 3.44 -21.14 19.88
N ILE D 420 2.46 -21.93 20.31
CA ILE D 420 2.14 -23.19 19.64
C ILE D 420 1.66 -22.93 18.21
N VAL D 421 0.80 -21.93 18.04
CA VAL D 421 0.32 -21.57 16.71
C VAL D 421 1.49 -21.20 15.79
N CYS D 422 2.37 -20.31 16.26
CA CYS D 422 3.50 -19.88 15.46
C CYS D 422 4.42 -21.04 15.09
N GLY D 423 4.64 -21.95 16.05
CA GLY D 423 5.50 -23.10 15.78
C GLY D 423 4.88 -24.09 14.78
N THR D 424 3.57 -24.29 14.84
CA THR D 424 2.88 -25.18 13.91
C THR D 424 2.84 -24.55 12.51
N VAL D 425 2.70 -23.22 12.45
CA VAL D 425 2.74 -22.51 11.16
C VAL D 425 4.11 -22.77 10.53
N MET D 426 5.18 -22.67 11.33
CA MET D 426 6.53 -22.91 10.81
C MET D 426 6.69 -24.35 10.28
N ALA D 427 6.08 -25.30 10.97
CA ALA D 427 6.13 -26.70 10.54
C ALA D 427 5.40 -26.82 9.18
N GLY D 428 4.24 -26.19 9.08
CA GLY D 428 3.47 -26.20 7.83
C GLY D 428 4.23 -25.52 6.70
N GLU D 429 4.89 -24.40 6.98
CA GLU D 429 5.66 -23.67 5.97
C GLU D 429 6.78 -24.56 5.44
N LEU D 430 7.51 -25.20 6.35
CA LEU D 430 8.62 -26.09 5.99
C LEU D 430 8.18 -27.14 4.99
N SER D 431 7.11 -27.84 5.35
CA SER D 431 6.59 -28.90 4.51
C SER D 431 6.04 -28.48 3.15
N LEU D 432 5.28 -27.39 3.10
CA LEU D 432 4.75 -26.94 1.80
C LEU D 432 5.88 -26.44 0.90
N MET D 433 6.83 -25.69 1.47
CA MET D 433 7.94 -25.17 0.68
C MET D 433 8.77 -26.31 0.13
N ALA D 434 8.94 -27.38 0.91
CA ALA D 434 9.69 -28.55 0.45
C ALA D 434 8.94 -29.22 -0.69
N ALA D 435 7.61 -29.29 -0.58
CA ALA D 435 6.82 -29.90 -1.64
C ALA D 435 6.85 -29.04 -2.90
N LEU D 436 6.94 -27.72 -2.73
CA LEU D 436 7.02 -26.81 -3.88
C LEU D 436 8.39 -26.91 -4.52
N ALA D 437 9.42 -27.05 -3.70
CA ALA D 437 10.78 -27.13 -4.21
C ALA D 437 11.05 -28.45 -4.94
N ALA D 438 10.52 -29.54 -4.40
CA ALA D 438 10.71 -30.86 -4.99
C ALA D 438 9.93 -31.06 -6.28
#